data_2DME
#
_entry.id   2DME
#
_entity_poly.entity_id   1
_entity_poly.type   'polypeptide(L)'
_entity_poly.pdbx_seq_one_letter_code
;GSSGSSGSADQIRQSVRHSLKDILMKRLTDSNLKVPEEKAAKVATKIEKELFSFFRDTDAKYKNKYRSLMFNLKDPKNNI
LFKKVLKGEVTPDHLIRMSPEELASKELAAWRRRSGPSSG
;
_entity_poly.pdbx_strand_id   A
#
# COMPACT_ATOMS: atom_id res chain seq x y z
N GLY A 1 -21.52 10.91 5.52
CA GLY A 1 -22.95 11.05 5.30
C GLY A 1 -23.31 11.24 3.84
N SER A 2 -24.24 10.43 3.36
CA SER A 2 -24.67 10.50 1.97
C SER A 2 -26.16 10.25 1.85
N SER A 3 -26.79 10.91 0.87
CA SER A 3 -28.22 10.76 0.64
C SER A 3 -28.50 10.12 -0.71
N GLY A 4 -27.65 9.17 -1.10
CA GLY A 4 -27.82 8.51 -2.38
C GLY A 4 -26.60 7.67 -2.76
N SER A 5 -26.52 7.30 -4.03
CA SER A 5 -25.42 6.49 -4.52
C SER A 5 -24.69 7.20 -5.66
N SER A 6 -24.52 8.50 -5.53
CA SER A 6 -23.85 9.30 -6.56
C SER A 6 -22.36 9.43 -6.25
N GLY A 7 -21.58 9.74 -7.27
CA GLY A 7 -20.15 9.90 -7.09
C GLY A 7 -19.37 9.64 -8.37
N SER A 8 -18.23 10.30 -8.51
CA SER A 8 -17.39 10.14 -9.69
C SER A 8 -16.29 9.12 -9.45
N ALA A 9 -16.26 8.08 -10.27
CA ALA A 9 -15.26 7.03 -10.15
C ALA A 9 -13.87 7.62 -9.92
N ASP A 10 -13.54 8.67 -10.67
CA ASP A 10 -12.25 9.32 -10.53
C ASP A 10 -11.98 9.71 -9.08
N GLN A 11 -12.94 10.39 -8.47
CA GLN A 11 -12.81 10.83 -7.08
C GLN A 11 -12.30 9.68 -6.21
N ILE A 12 -13.08 8.61 -6.14
CA ILE A 12 -12.70 7.45 -5.33
C ILE A 12 -11.22 7.14 -5.47
N ARG A 13 -10.76 7.00 -6.70
CA ARG A 13 -9.36 6.71 -6.97
C ARG A 13 -8.45 7.82 -6.45
N GLN A 14 -8.82 9.06 -6.76
CA GLN A 14 -8.04 10.21 -6.33
C GLN A 14 -7.79 10.17 -4.82
N SER A 15 -8.88 10.16 -4.05
CA SER A 15 -8.78 10.11 -2.60
C SER A 15 -7.81 9.02 -2.14
N VAL A 16 -8.02 7.81 -2.68
CA VAL A 16 -7.17 6.68 -2.34
C VAL A 16 -5.69 7.08 -2.31
N ARG A 17 -5.28 7.85 -3.30
CA ARG A 17 -3.89 8.30 -3.39
C ARG A 17 -3.46 9.01 -2.10
N HIS A 18 -4.10 10.16 -1.83
CA HIS A 18 -3.79 10.92 -0.63
C HIS A 18 -3.86 10.05 0.61
N SER A 19 -5.03 9.46 0.84
CA SER A 19 -5.24 8.59 2.00
C SER A 19 -4.00 7.73 2.27
N LEU A 20 -3.56 7.02 1.24
CA LEU A 20 -2.40 6.15 1.36
C LEU A 20 -1.15 6.96 1.75
N LYS A 21 -0.74 7.86 0.86
CA LYS A 21 0.43 8.69 1.11
C LYS A 21 0.44 9.20 2.55
N ASP A 22 -0.75 9.50 3.08
CA ASP A 22 -0.87 9.99 4.44
C ASP A 22 -0.26 9.01 5.43
N ILE A 23 -0.66 7.75 5.34
CA ILE A 23 -0.14 6.72 6.23
C ILE A 23 1.37 6.55 6.07
N LEU A 24 1.79 6.22 4.85
CA LEU A 24 3.21 6.04 4.57
C LEU A 24 4.00 7.30 4.90
N MET A 25 3.29 8.40 5.13
CA MET A 25 3.92 9.66 5.45
C MET A 25 4.08 9.82 6.96
N LYS A 26 3.00 9.62 7.69
CA LYS A 26 3.02 9.73 9.15
C LYS A 26 3.81 8.58 9.77
N ARG A 27 4.01 7.52 9.00
CA ARG A 27 4.75 6.36 9.47
C ARG A 27 6.25 6.50 9.20
N LEU A 28 6.59 6.72 7.93
CA LEU A 28 7.99 6.88 7.54
C LEU A 28 8.64 8.04 8.29
N THR A 29 7.90 9.14 8.43
CA THR A 29 8.40 10.32 9.12
C THR A 29 8.78 9.99 10.55
N ASP A 30 8.11 8.99 11.13
CA ASP A 30 8.39 8.57 12.50
C ASP A 30 9.38 7.41 12.52
N SER A 31 9.63 6.82 11.35
CA SER A 31 10.54 5.69 11.24
C SER A 31 11.93 6.17 10.80
N ASN A 32 12.22 7.44 11.06
CA ASN A 32 13.52 8.01 10.68
C ASN A 32 13.90 7.61 9.26
N LEU A 33 12.89 7.33 8.43
CA LEU A 33 13.12 6.94 7.05
C LEU A 33 13.62 8.13 6.23
N LYS A 34 14.83 8.02 5.71
CA LYS A 34 15.42 9.07 4.90
C LYS A 34 14.98 8.95 3.44
N VAL A 35 13.72 8.57 3.24
CA VAL A 35 13.18 8.41 1.90
C VAL A 35 12.56 9.72 1.40
N PRO A 36 12.62 9.95 0.08
CA PRO A 36 12.07 11.15 -0.55
C PRO A 36 10.55 11.17 -0.52
N GLU A 37 9.98 12.32 -0.21
CA GLU A 37 8.53 12.47 -0.16
C GLU A 37 7.87 11.78 -1.36
N GLU A 38 8.57 11.79 -2.49
CA GLU A 38 8.06 11.16 -3.71
C GLU A 38 7.89 9.66 -3.53
N LYS A 39 8.86 9.05 -2.85
CA LYS A 39 8.83 7.61 -2.61
C LYS A 39 7.42 7.15 -2.24
N ALA A 40 6.94 7.59 -1.09
CA ALA A 40 5.60 7.22 -0.62
C ALA A 40 4.56 7.51 -1.69
N ALA A 41 4.56 8.74 -2.19
CA ALA A 41 3.61 9.15 -3.22
C ALA A 41 3.56 8.14 -4.36
N LYS A 42 4.65 8.04 -5.11
CA LYS A 42 4.74 7.11 -6.22
C LYS A 42 4.04 5.78 -5.89
N VAL A 43 4.49 5.15 -4.81
CA VAL A 43 3.92 3.87 -4.38
C VAL A 43 2.40 3.96 -4.33
N ALA A 44 1.89 4.96 -3.63
CA ALA A 44 0.45 5.15 -3.49
C ALA A 44 -0.22 5.27 -4.86
N THR A 45 0.10 6.34 -5.58
CA THR A 45 -0.47 6.56 -6.91
C THR A 45 -0.48 5.28 -7.72
N LYS A 46 0.52 4.43 -7.51
CA LYS A 46 0.61 3.17 -8.22
C LYS A 46 -0.45 2.18 -7.74
N ILE A 47 -0.58 2.04 -6.43
CA ILE A 47 -1.56 1.13 -5.85
C ILE A 47 -2.85 1.15 -6.65
N GLU A 48 -3.35 2.34 -6.96
CA GLU A 48 -4.58 2.48 -7.73
C GLU A 48 -4.38 1.99 -9.16
N LYS A 49 -3.28 2.39 -9.78
CA LYS A 49 -2.97 1.98 -11.14
C LYS A 49 -3.00 0.47 -11.29
N GLU A 50 -2.72 -0.23 -10.19
CA GLU A 50 -2.72 -1.69 -10.20
C GLU A 50 -4.08 -2.23 -9.77
N LEU A 51 -4.67 -1.61 -8.75
CA LEU A 51 -5.96 -2.04 -8.24
C LEU A 51 -7.06 -1.82 -9.28
N PHE A 52 -7.33 -0.56 -9.59
CA PHE A 52 -8.36 -0.21 -10.57
C PHE A 52 -8.23 -1.07 -11.81
N SER A 53 -7.00 -1.54 -12.09
CA SER A 53 -6.75 -2.37 -13.25
C SER A 53 -7.17 -3.81 -12.99
N PHE A 54 -6.47 -4.48 -12.08
CA PHE A 54 -6.77 -5.86 -11.73
C PHE A 54 -8.27 -6.07 -11.56
N PHE A 55 -8.94 -5.07 -11.00
CA PHE A 55 -10.38 -5.13 -10.78
C PHE A 55 -11.14 -4.59 -11.99
N ARG A 56 -10.60 -3.55 -12.61
CA ARG A 56 -11.23 -2.94 -13.77
C ARG A 56 -12.62 -2.41 -13.43
N ASP A 57 -12.82 -2.09 -12.16
CA ASP A 57 -14.11 -1.57 -11.70
C ASP A 57 -13.98 -0.97 -10.31
N THR A 58 -14.86 -0.01 -9.99
CA THR A 58 -14.85 0.64 -8.69
C THR A 58 -16.05 0.24 -7.86
N ASP A 59 -16.23 -1.06 -7.68
CA ASP A 59 -17.36 -1.58 -6.89
C ASP A 59 -16.92 -1.94 -5.47
N ALA A 60 -17.87 -2.33 -4.65
CA ALA A 60 -17.59 -2.69 -3.27
C ALA A 60 -16.27 -3.46 -3.16
N LYS A 61 -16.16 -4.56 -3.90
CA LYS A 61 -14.95 -5.37 -3.89
C LYS A 61 -13.71 -4.49 -3.99
N TYR A 62 -13.62 -3.70 -5.05
CA TYR A 62 -12.49 -2.82 -5.26
C TYR A 62 -12.07 -2.15 -3.95
N LYS A 63 -13.05 -1.60 -3.25
CA LYS A 63 -12.80 -0.93 -1.98
C LYS A 63 -12.37 -1.92 -0.90
N ASN A 64 -13.03 -3.08 -0.88
CA ASN A 64 -12.73 -4.12 0.09
C ASN A 64 -11.23 -4.43 0.10
N LYS A 65 -10.66 -4.57 -1.10
CA LYS A 65 -9.24 -4.87 -1.23
C LYS A 65 -8.39 -3.68 -0.78
N TYR A 66 -8.78 -2.49 -1.20
CA TYR A 66 -8.06 -1.27 -0.84
C TYR A 66 -7.99 -1.11 0.67
N ARG A 67 -9.15 -1.08 1.31
CA ARG A 67 -9.22 -0.92 2.76
C ARG A 67 -8.50 -2.07 3.47
N SER A 68 -8.27 -3.15 2.73
CA SER A 68 -7.59 -4.32 3.28
C SER A 68 -6.08 -4.20 3.14
N LEU A 69 -5.65 -3.33 2.23
CA LEU A 69 -4.22 -3.12 1.99
C LEU A 69 -3.67 -2.08 2.96
N MET A 70 -4.36 -0.95 3.07
CA MET A 70 -3.93 0.12 3.96
C MET A 70 -4.23 -0.21 5.41
N PHE A 71 -5.14 -1.16 5.62
CA PHE A 71 -5.53 -1.58 6.96
C PHE A 71 -4.36 -2.24 7.68
N ASN A 72 -3.59 -3.03 6.93
CA ASN A 72 -2.44 -3.72 7.50
C ASN A 72 -1.26 -2.76 7.67
N LEU A 73 -1.41 -1.54 7.17
CA LEU A 73 -0.36 -0.53 7.27
C LEU A 73 -0.53 0.30 8.54
N LYS A 74 -1.76 0.71 8.80
CA LYS A 74 -2.06 1.52 9.99
C LYS A 74 -1.96 0.67 11.25
N ASP A 75 -2.37 -0.59 11.16
CA ASP A 75 -2.32 -1.49 12.31
C ASP A 75 -1.01 -1.34 13.06
N PRO A 76 -1.08 -1.39 14.40
CA PRO A 76 0.10 -1.26 15.27
C PRO A 76 1.01 -2.48 15.18
N LYS A 77 0.41 -3.65 15.00
CA LYS A 77 1.17 -4.89 14.90
C LYS A 77 2.11 -4.86 13.70
N ASN A 78 1.57 -4.47 12.54
CA ASN A 78 2.36 -4.40 11.31
C ASN A 78 3.20 -3.12 11.28
N ASN A 79 4.49 -3.26 11.52
CA ASN A 79 5.40 -2.13 11.52
C ASN A 79 6.54 -2.34 10.53
N ILE A 80 6.34 -3.24 9.59
CA ILE A 80 7.35 -3.54 8.58
C ILE A 80 6.79 -3.38 7.17
N LEU A 81 5.53 -3.74 7.01
CA LEU A 81 4.87 -3.64 5.70
C LEU A 81 5.17 -2.29 5.04
N PHE A 82 4.75 -1.22 5.69
CA PHE A 82 4.97 0.13 5.17
C PHE A 82 6.44 0.32 4.78
N LYS A 83 7.32 -0.41 5.45
CA LYS A 83 8.75 -0.31 5.19
C LYS A 83 9.15 -1.23 4.03
N LYS A 84 8.43 -2.33 3.87
CA LYS A 84 8.69 -3.28 2.80
C LYS A 84 8.46 -2.64 1.44
N VAL A 85 7.26 -2.11 1.23
CA VAL A 85 6.91 -1.47 -0.03
C VAL A 85 7.80 -0.26 -0.30
N LEU A 86 7.98 0.56 0.72
CA LEU A 86 8.82 1.75 0.60
C LEU A 86 10.25 1.39 0.25
N LYS A 87 10.87 0.57 1.09
CA LYS A 87 12.25 0.14 0.85
C LYS A 87 12.39 -0.53 -0.50
N GLY A 88 11.40 -1.33 -0.86
CA GLY A 88 11.43 -2.03 -2.14
C GLY A 88 11.12 -3.51 -2.02
N GLU A 89 11.24 -4.03 -0.80
CA GLU A 89 10.97 -5.44 -0.54
C GLU A 89 9.71 -5.90 -1.29
N VAL A 90 8.63 -5.15 -1.12
CA VAL A 90 7.36 -5.47 -1.78
C VAL A 90 7.01 -4.43 -2.83
N THR A 91 6.28 -4.86 -3.86
CA THR A 91 5.88 -3.96 -4.94
C THR A 91 4.42 -3.53 -4.76
N PRO A 92 4.10 -2.33 -5.29
CA PRO A 92 2.74 -1.78 -5.22
C PRO A 92 1.75 -2.55 -6.08
N ASP A 93 2.25 -3.49 -6.86
CA ASP A 93 1.41 -4.30 -7.74
C ASP A 93 1.12 -5.65 -7.11
N HIS A 94 2.16 -6.28 -6.57
CA HIS A 94 2.01 -7.58 -5.93
C HIS A 94 1.32 -7.46 -4.58
N LEU A 95 1.55 -6.34 -3.90
CA LEU A 95 0.95 -6.10 -2.59
C LEU A 95 -0.53 -6.42 -2.61
N ILE A 96 -1.15 -6.30 -3.77
CA ILE A 96 -2.57 -6.58 -3.93
C ILE A 96 -2.83 -8.09 -3.96
N ARG A 97 -1.93 -8.82 -4.62
CA ARG A 97 -2.06 -10.27 -4.72
C ARG A 97 -1.76 -10.94 -3.39
N MET A 98 -1.08 -10.22 -2.51
CA MET A 98 -0.73 -10.75 -1.20
C MET A 98 -1.98 -11.10 -0.41
N SER A 99 -2.04 -12.34 0.07
CA SER A 99 -3.18 -12.82 0.84
C SER A 99 -3.30 -12.07 2.16
N PRO A 100 -4.51 -12.07 2.74
CA PRO A 100 -4.77 -11.39 4.01
C PRO A 100 -4.10 -12.09 5.19
N GLU A 101 -3.60 -13.30 4.95
CA GLU A 101 -2.94 -14.07 5.99
C GLU A 101 -1.42 -13.93 5.88
N GLU A 102 -0.96 -13.38 4.77
CA GLU A 102 0.48 -13.20 4.54
C GLU A 102 0.92 -11.81 5.00
N LEU A 103 0.08 -10.82 4.77
CA LEU A 103 0.39 -9.45 5.15
C LEU A 103 0.87 -9.38 6.61
N ALA A 104 0.47 -10.38 7.40
CA ALA A 104 0.87 -10.44 8.80
C ALA A 104 2.07 -11.35 8.99
N SER A 105 2.29 -12.25 8.04
CA SER A 105 3.41 -13.18 8.09
C SER A 105 4.68 -12.48 8.58
N LYS A 106 4.87 -11.25 8.12
CA LYS A 106 6.04 -10.46 8.50
C LYS A 106 7.30 -11.32 8.48
N GLU A 107 7.43 -12.14 7.44
CA GLU A 107 8.59 -13.02 7.31
C GLU A 107 9.69 -12.33 6.49
N LEU A 108 10.94 -12.65 6.83
CA LEU A 108 12.08 -12.07 6.14
C LEU A 108 12.69 -13.06 5.15
N ALA A 109 13.36 -14.08 5.69
CA ALA A 109 14.00 -15.10 4.87
C ALA A 109 13.10 -15.49 3.70
N ALA A 110 11.79 -15.40 3.91
CA ALA A 110 10.82 -15.74 2.86
C ALA A 110 11.14 -15.00 1.56
N TRP A 111 11.35 -13.69 1.67
CA TRP A 111 11.66 -12.88 0.50
C TRP A 111 12.72 -13.55 -0.37
N ARG A 112 13.90 -13.78 0.20
CA ARG A 112 14.99 -14.41 -0.53
C ARG A 112 16.18 -14.66 0.39
N ARG A 113 16.74 -15.87 0.31
CA ARG A 113 17.88 -16.25 1.14
C ARG A 113 19.19 -15.95 0.42
N ARG A 114 19.35 -14.70 -0.02
CA ARG A 114 20.56 -14.29 -0.72
C ARG A 114 21.39 -13.34 0.14
N SER A 115 20.72 -12.55 0.97
CA SER A 115 21.41 -11.59 1.84
C SER A 115 20.92 -11.74 3.28
N GLY A 116 21.85 -11.98 4.19
CA GLY A 116 21.50 -12.13 5.59
C GLY A 116 22.30 -11.22 6.49
N PRO A 117 21.99 -9.91 6.43
CA PRO A 117 22.68 -8.90 7.24
C PRO A 117 22.34 -9.03 8.73
N SER A 118 21.41 -9.92 9.05
CA SER A 118 21.00 -10.13 10.43
C SER A 118 20.62 -8.81 11.09
N SER A 119 19.83 -8.00 10.38
CA SER A 119 19.40 -6.70 10.88
C SER A 119 18.15 -6.85 11.74
N GLY A 120 18.31 -6.66 13.04
CA GLY A 120 17.18 -6.78 13.95
C GLY A 120 17.39 -6.01 15.24
N GLY A 1 -22.83 -0.77 -14.79
CA GLY A 1 -23.71 0.37 -14.62
C GLY A 1 -24.64 0.22 -13.44
N SER A 2 -24.55 1.16 -12.49
CA SER A 2 -25.38 1.13 -11.30
C SER A 2 -25.61 2.53 -10.77
N SER A 3 -26.61 2.67 -9.90
CA SER A 3 -26.93 3.97 -9.31
C SER A 3 -27.08 3.86 -7.80
N GLY A 4 -25.95 3.72 -7.11
CA GLY A 4 -25.97 3.62 -5.67
C GLY A 4 -25.21 4.74 -4.98
N SER A 5 -24.10 5.16 -5.60
CA SER A 5 -23.28 6.23 -5.04
C SER A 5 -23.08 7.34 -6.07
N SER A 6 -23.53 8.54 -5.73
CA SER A 6 -23.39 9.68 -6.61
C SER A 6 -22.02 10.33 -6.47
N GLY A 7 -21.16 10.13 -7.46
CA GLY A 7 -19.83 10.69 -7.42
C GLY A 7 -19.11 10.60 -8.76
N SER A 8 -17.87 10.14 -8.72
CA SER A 8 -17.07 10.00 -9.94
C SER A 8 -15.89 9.06 -9.71
N ALA A 9 -15.91 7.93 -10.42
CA ALA A 9 -14.84 6.95 -10.30
C ALA A 9 -13.47 7.62 -10.25
N ASP A 10 -13.28 8.63 -11.09
CA ASP A 10 -12.02 9.37 -11.13
C ASP A 10 -11.66 9.92 -9.76
N GLN A 11 -12.62 10.58 -9.12
CA GLN A 11 -12.41 11.16 -7.80
C GLN A 11 -12.03 10.08 -6.79
N ILE A 12 -12.83 9.04 -6.72
CA ILE A 12 -12.58 7.93 -5.80
C ILE A 12 -11.11 7.55 -5.78
N ARG A 13 -10.59 7.17 -6.95
CA ARG A 13 -9.19 6.78 -7.07
C ARG A 13 -8.27 7.85 -6.49
N GLN A 14 -8.53 9.10 -6.86
CA GLN A 14 -7.72 10.23 -6.39
C GLN A 14 -7.65 10.23 -4.86
N SER A 15 -8.82 10.28 -4.22
CA SER A 15 -8.89 10.30 -2.77
C SER A 15 -8.11 9.14 -2.18
N VAL A 16 -8.27 7.95 -2.76
CA VAL A 16 -7.58 6.76 -2.29
C VAL A 16 -6.08 7.01 -2.18
N ARG A 17 -5.48 7.52 -3.24
CA ARG A 17 -4.06 7.81 -3.26
C ARG A 17 -3.63 8.57 -2.01
N HIS A 18 -4.04 9.83 -1.93
CA HIS A 18 -3.72 10.67 -0.78
C HIS A 18 -3.83 9.89 0.52
N SER A 19 -4.90 9.12 0.66
CA SER A 19 -5.12 8.32 1.86
C SER A 19 -3.95 7.36 2.09
N LEU A 20 -3.59 6.62 1.06
CA LEU A 20 -2.49 5.66 1.15
C LEU A 20 -1.19 6.36 1.55
N LYS A 21 -0.92 7.49 0.92
CA LYS A 21 0.29 8.27 1.22
C LYS A 21 0.24 8.83 2.64
N ASP A 22 -0.96 9.17 3.09
CA ASP A 22 -1.14 9.71 4.43
C ASP A 22 -0.48 8.82 5.48
N ILE A 23 -0.87 7.55 5.50
CA ILE A 23 -0.32 6.59 6.44
C ILE A 23 1.19 6.48 6.29
N LEU A 24 1.64 5.97 5.15
CA LEU A 24 3.06 5.82 4.87
C LEU A 24 3.83 7.08 5.23
N MET A 25 3.20 8.23 4.99
CA MET A 25 3.82 9.52 5.28
C MET A 25 4.12 9.64 6.77
N LYS A 26 3.24 9.08 7.59
CA LYS A 26 3.41 9.13 9.04
C LYS A 26 4.28 7.97 9.53
N ARG A 27 4.29 6.89 8.77
CA ARG A 27 5.07 5.70 9.12
C ARG A 27 6.54 5.91 8.76
N LEU A 28 6.79 6.78 7.78
CA LEU A 28 8.15 7.06 7.34
C LEU A 28 8.79 8.13 8.21
N THR A 29 7.97 9.08 8.66
CA THR A 29 8.46 10.17 9.50
C THR A 29 8.64 9.71 10.95
N ASP A 30 7.82 8.75 11.37
CA ASP A 30 7.90 8.21 12.72
C ASP A 30 9.08 7.27 12.88
N SER A 31 9.38 6.53 11.81
CA SER A 31 10.49 5.58 11.83
C SER A 31 11.80 6.27 11.43
N ASN A 32 12.87 5.48 11.33
CA ASN A 32 14.17 6.00 10.96
C ASN A 32 14.35 6.00 9.44
N LEU A 33 13.32 6.46 8.73
CA LEU A 33 13.35 6.52 7.28
C LEU A 33 13.59 7.94 6.79
N LYS A 34 14.56 8.10 5.90
CA LYS A 34 14.89 9.42 5.36
C LYS A 34 14.39 9.55 3.92
N VAL A 35 13.57 8.60 3.49
CA VAL A 35 13.01 8.60 2.14
C VAL A 35 12.30 9.92 1.86
N PRO A 36 12.32 10.33 0.57
CA PRO A 36 11.67 11.57 0.14
C PRO A 36 10.15 11.48 0.18
N GLU A 37 9.50 12.64 0.25
CA GLU A 37 8.04 12.68 0.30
C GLU A 37 7.43 12.13 -0.98
N GLU A 38 8.22 12.13 -2.05
CA GLU A 38 7.75 11.64 -3.34
C GLU A 38 7.68 10.12 -3.34
N LYS A 39 8.46 9.49 -2.47
CA LYS A 39 8.48 8.04 -2.37
C LYS A 39 7.08 7.49 -2.10
N ALA A 40 6.48 7.93 -1.00
CA ALA A 40 5.14 7.49 -0.64
C ALA A 40 4.14 7.76 -1.76
N ALA A 41 4.12 9.00 -2.23
CA ALA A 41 3.21 9.40 -3.31
C ALA A 41 3.36 8.47 -4.50
N LYS A 42 4.57 8.37 -5.03
CA LYS A 42 4.84 7.51 -6.18
C LYS A 42 4.26 6.12 -5.97
N VAL A 43 4.49 5.54 -4.80
CA VAL A 43 3.99 4.22 -4.47
C VAL A 43 2.46 4.18 -4.55
N ALA A 44 1.81 4.96 -3.70
CA ALA A 44 0.35 5.02 -3.68
C ALA A 44 -0.22 5.04 -5.09
N THR A 45 0.31 5.93 -5.93
CA THR A 45 -0.15 6.05 -7.30
C THR A 45 -0.07 4.70 -8.03
N LYS A 46 0.97 3.94 -7.72
CA LYS A 46 1.17 2.63 -8.35
C LYS A 46 0.20 1.60 -7.76
N ILE A 47 -0.41 1.95 -6.63
CA ILE A 47 -1.35 1.04 -5.97
C ILE A 47 -2.70 1.04 -6.70
N GLU A 48 -3.26 2.22 -6.90
CA GLU A 48 -4.54 2.35 -7.58
C GLU A 48 -4.43 1.94 -9.05
N LYS A 49 -3.42 2.47 -9.72
CA LYS A 49 -3.19 2.16 -11.13
C LYS A 49 -3.27 0.65 -11.38
N GLU A 50 -2.88 -0.12 -10.37
CA GLU A 50 -2.91 -1.58 -10.48
C GLU A 50 -4.22 -2.14 -9.95
N LEU A 51 -4.67 -1.60 -8.81
CA LEU A 51 -5.92 -2.04 -8.21
C LEU A 51 -7.08 -1.91 -9.17
N PHE A 52 -7.35 -0.69 -9.61
CA PHE A 52 -8.45 -0.42 -10.55
C PHE A 52 -8.37 -1.38 -11.73
N SER A 53 -7.15 -1.77 -12.10
CA SER A 53 -6.95 -2.67 -13.23
C SER A 53 -7.34 -4.10 -12.86
N PHE A 54 -6.63 -4.67 -11.90
CA PHE A 54 -6.90 -6.04 -11.45
C PHE A 54 -8.39 -6.27 -11.29
N PHE A 55 -9.03 -5.41 -10.51
CA PHE A 55 -10.47 -5.51 -10.26
C PHE A 55 -11.27 -5.04 -11.47
N ARG A 56 -10.78 -3.98 -12.11
CA ARG A 56 -11.44 -3.42 -13.29
C ARG A 56 -12.75 -2.74 -12.90
N ASP A 57 -12.82 -2.27 -11.65
CA ASP A 57 -14.00 -1.60 -11.15
C ASP A 57 -13.73 -0.93 -9.81
N THR A 58 -14.62 -0.03 -9.40
CA THR A 58 -14.47 0.68 -8.14
C THR A 58 -15.69 0.46 -7.24
N ASP A 59 -16.00 -0.80 -6.97
CA ASP A 59 -17.13 -1.14 -6.13
C ASP A 59 -16.67 -1.79 -4.82
N ALA A 60 -17.62 -2.25 -4.02
CA ALA A 60 -17.30 -2.90 -2.75
C ALA A 60 -16.02 -3.71 -2.85
N LYS A 61 -15.95 -4.58 -3.85
CA LYS A 61 -14.77 -5.41 -4.05
C LYS A 61 -13.51 -4.56 -4.17
N TYR A 62 -13.64 -3.44 -4.86
CA TYR A 62 -12.50 -2.53 -5.05
C TYR A 62 -12.04 -1.95 -3.72
N LYS A 63 -12.88 -1.10 -3.12
CA LYS A 63 -12.55 -0.48 -1.85
C LYS A 63 -12.14 -1.53 -0.82
N ASN A 64 -12.94 -2.58 -0.70
CA ASN A 64 -12.66 -3.64 0.25
C ASN A 64 -11.17 -3.98 0.27
N LYS A 65 -10.61 -4.21 -0.91
CA LYS A 65 -9.19 -4.53 -1.04
C LYS A 65 -8.33 -3.35 -0.61
N TYR A 66 -8.70 -2.16 -1.05
CA TYR A 66 -7.97 -0.94 -0.72
C TYR A 66 -7.88 -0.74 0.78
N ARG A 67 -9.04 -0.58 1.41
CA ARG A 67 -9.11 -0.37 2.86
C ARG A 67 -8.41 -1.51 3.59
N SER A 68 -8.25 -2.64 2.92
CA SER A 68 -7.60 -3.81 3.51
C SER A 68 -6.08 -3.67 3.44
N LEU A 69 -5.56 -3.59 2.23
CA LEU A 69 -4.11 -3.46 2.03
C LEU A 69 -3.51 -2.47 3.03
N MET A 70 -4.26 -1.42 3.34
CA MET A 70 -3.80 -0.41 4.28
C MET A 70 -4.16 -0.80 5.71
N PHE A 71 -5.30 -1.48 5.86
CA PHE A 71 -5.75 -1.91 7.18
C PHE A 71 -4.58 -2.39 8.04
N ASN A 72 -3.63 -3.06 7.41
CA ASN A 72 -2.46 -3.57 8.11
C ASN A 72 -1.39 -2.49 8.23
N LEU A 73 -1.27 -1.66 7.19
CA LEU A 73 -0.28 -0.59 7.17
C LEU A 73 -0.47 0.34 8.36
N LYS A 74 -1.71 0.76 8.59
CA LYS A 74 -2.02 1.66 9.71
C LYS A 74 -1.85 0.94 11.05
N ASP A 75 -1.76 -0.39 10.99
CA ASP A 75 -1.59 -1.18 12.20
C ASP A 75 -0.28 -0.85 12.90
N PRO A 76 -0.32 -0.77 14.23
CA PRO A 76 0.86 -0.45 15.04
C PRO A 76 1.88 -1.59 15.04
N LYS A 77 1.42 -2.79 14.73
CA LYS A 77 2.29 -3.96 14.70
C LYS A 77 3.06 -4.03 13.38
N ASN A 78 2.36 -3.78 12.28
CA ASN A 78 2.99 -3.81 10.96
C ASN A 78 3.96 -2.65 10.79
N ASN A 79 5.18 -2.84 11.26
CA ASN A 79 6.21 -1.80 11.17
C ASN A 79 7.24 -2.16 10.09
N ILE A 80 7.10 -3.35 9.52
CA ILE A 80 8.01 -3.80 8.48
C ILE A 80 7.39 -3.65 7.10
N LEU A 81 6.11 -4.02 6.99
CA LEU A 81 5.40 -3.93 5.73
C LEU A 81 5.55 -2.54 5.11
N PHE A 82 5.06 -1.52 5.82
CA PHE A 82 5.14 -0.15 5.36
C PHE A 82 6.56 0.19 4.92
N LYS A 83 7.52 -0.58 5.39
CA LYS A 83 8.93 -0.36 5.05
C LYS A 83 9.30 -1.15 3.80
N LYS A 84 8.69 -2.33 3.63
CA LYS A 84 8.96 -3.18 2.48
C LYS A 84 8.41 -2.55 1.21
N VAL A 85 7.23 -1.93 1.32
CA VAL A 85 6.60 -1.30 0.17
C VAL A 85 7.35 -0.05 -0.26
N LEU A 86 7.81 0.72 0.72
CA LEU A 86 8.56 1.95 0.43
C LEU A 86 9.94 1.63 -0.12
N LYS A 87 10.71 0.85 0.63
CA LYS A 87 12.06 0.47 0.22
C LYS A 87 12.03 -0.21 -1.15
N GLY A 88 11.14 -1.20 -1.30
CA GLY A 88 11.03 -1.91 -2.56
C GLY A 88 10.79 -3.39 -2.36
N GLU A 89 11.22 -3.92 -1.22
CA GLU A 89 11.03 -5.34 -0.91
C GLU A 89 9.71 -5.84 -1.45
N VAL A 90 8.68 -4.99 -1.37
CA VAL A 90 7.35 -5.36 -1.85
C VAL A 90 6.83 -4.32 -2.84
N THR A 91 6.45 -4.78 -4.03
CA THR A 91 5.93 -3.89 -5.07
C THR A 91 4.49 -3.49 -4.77
N PRO A 92 4.11 -2.29 -5.22
CA PRO A 92 2.76 -1.75 -5.01
C PRO A 92 1.71 -2.51 -5.83
N ASP A 93 2.12 -3.03 -6.98
CA ASP A 93 1.22 -3.78 -7.85
C ASP A 93 1.02 -5.19 -7.34
N HIS A 94 1.98 -5.68 -6.56
CA HIS A 94 1.90 -7.03 -6.00
C HIS A 94 1.20 -7.02 -4.64
N LEU A 95 1.36 -5.92 -3.91
CA LEU A 95 0.73 -5.79 -2.59
C LEU A 95 -0.73 -6.22 -2.64
N ILE A 96 -1.31 -6.21 -3.84
CA ILE A 96 -2.70 -6.60 -4.02
C ILE A 96 -2.84 -8.10 -4.22
N ARG A 97 -1.84 -8.69 -4.88
CA ARG A 97 -1.84 -10.13 -5.14
C ARG A 97 -1.50 -10.90 -3.87
N MET A 98 -0.85 -10.25 -2.93
CA MET A 98 -0.46 -10.88 -1.67
C MET A 98 -1.69 -11.40 -0.93
N SER A 99 -1.47 -12.35 -0.04
CA SER A 99 -2.56 -12.94 0.74
C SER A 99 -2.88 -12.10 1.97
N PRO A 100 -4.14 -12.13 2.41
CA PRO A 100 -4.59 -11.38 3.58
C PRO A 100 -4.02 -11.92 4.88
N GLU A 101 -3.50 -13.14 4.82
CA GLU A 101 -2.92 -13.78 6.00
C GLU A 101 -1.40 -13.59 6.04
N GLU A 102 -0.85 -13.11 4.92
CA GLU A 102 0.58 -12.89 4.82
C GLU A 102 0.95 -11.48 5.26
N LEU A 103 0.01 -10.55 5.07
CA LEU A 103 0.23 -9.15 5.44
C LEU A 103 0.54 -9.03 6.93
N ALA A 104 0.18 -10.06 7.69
CA ALA A 104 0.42 -10.07 9.13
C ALA A 104 1.78 -10.68 9.45
N SER A 105 2.17 -11.69 8.68
CA SER A 105 3.45 -12.36 8.88
C SER A 105 4.57 -11.34 9.08
N LYS A 106 5.51 -11.67 9.97
CA LYS A 106 6.64 -10.78 10.25
C LYS A 106 7.96 -11.44 9.85
N GLU A 107 8.03 -11.91 8.60
CA GLU A 107 9.23 -12.55 8.10
C GLU A 107 9.94 -11.67 7.07
N LEU A 108 11.26 -11.69 7.09
CA LEU A 108 12.05 -10.89 6.16
C LEU A 108 13.05 -11.76 5.41
N ALA A 109 13.21 -13.00 5.86
CA ALA A 109 14.13 -13.94 5.23
C ALA A 109 13.49 -14.60 4.01
N ALA A 110 12.18 -14.47 3.90
CA ALA A 110 11.44 -15.05 2.78
C ALA A 110 11.85 -14.41 1.46
N TRP A 111 12.16 -13.11 1.51
CA TRP A 111 12.56 -12.38 0.32
C TRP A 111 13.83 -12.97 -0.28
N ARG A 112 13.95 -12.87 -1.60
CA ARG A 112 15.11 -13.41 -2.31
C ARG A 112 16.37 -13.26 -1.46
N ARG A 113 16.68 -12.02 -1.09
CA ARG A 113 17.86 -11.74 -0.28
C ARG A 113 18.11 -12.85 0.73
N ARG A 114 19.35 -13.29 0.84
CA ARG A 114 19.72 -14.35 1.77
C ARG A 114 20.55 -13.80 2.92
N SER A 115 20.11 -14.09 4.14
CA SER A 115 20.81 -13.62 5.34
C SER A 115 21.15 -12.14 5.22
N GLY A 116 20.14 -11.34 4.86
CA GLY A 116 20.34 -9.91 4.72
C GLY A 116 19.72 -9.12 5.86
N PRO A 117 18.38 -8.99 5.83
CA PRO A 117 17.63 -8.26 6.86
C PRO A 117 17.62 -8.98 8.19
N SER A 118 17.99 -10.26 8.17
CA SER A 118 18.02 -11.07 9.39
C SER A 118 18.47 -10.23 10.58
N SER A 119 19.62 -9.60 10.44
CA SER A 119 20.16 -8.77 11.51
C SER A 119 19.19 -7.65 11.89
N GLY A 120 18.61 -7.76 13.08
CA GLY A 120 17.67 -6.77 13.54
C GLY A 120 16.27 -7.33 13.71
N GLY A 1 -26.04 25.71 4.83
CA GLY A 1 -25.03 24.83 4.27
C GLY A 1 -25.64 23.67 3.50
N SER A 2 -25.03 23.32 2.37
CA SER A 2 -25.53 22.23 1.54
C SER A 2 -24.64 20.99 1.70
N SER A 3 -24.91 20.21 2.73
CA SER A 3 -24.15 18.99 2.99
C SER A 3 -24.31 17.99 1.85
N GLY A 4 -23.36 17.07 1.74
CA GLY A 4 -23.41 16.07 0.70
C GLY A 4 -22.84 16.56 -0.61
N SER A 5 -22.09 15.69 -1.29
CA SER A 5 -21.48 16.04 -2.57
C SER A 5 -21.57 14.89 -3.55
N SER A 6 -21.93 15.21 -4.80
CA SER A 6 -22.07 14.20 -5.83
C SER A 6 -20.75 13.45 -6.04
N GLY A 7 -20.62 12.31 -5.36
CA GLY A 7 -19.41 11.51 -5.47
C GLY A 7 -19.33 10.78 -6.80
N SER A 8 -18.14 10.78 -7.40
CA SER A 8 -17.92 10.11 -8.68
C SER A 8 -16.97 8.94 -8.52
N ALA A 9 -17.03 8.01 -9.48
CA ALA A 9 -16.17 6.83 -9.45
C ALA A 9 -14.71 7.22 -9.54
N ASP A 10 -14.40 8.16 -10.43
CA ASP A 10 -13.03 8.62 -10.62
C ASP A 10 -12.49 9.26 -9.36
N GLN A 11 -13.33 10.07 -8.70
CA GLN A 11 -12.94 10.74 -7.47
C GLN A 11 -12.53 9.74 -6.40
N ILE A 12 -13.12 8.54 -6.46
CA ILE A 12 -12.82 7.49 -5.50
C ILE A 12 -11.35 7.06 -5.59
N ARG A 13 -11.03 6.33 -6.65
CA ARG A 13 -9.66 5.84 -6.85
C ARG A 13 -8.66 6.98 -6.65
N GLN A 14 -9.06 8.20 -7.00
CA GLN A 14 -8.20 9.35 -6.86
C GLN A 14 -7.94 9.67 -5.39
N SER A 15 -9.00 10.05 -4.67
CA SER A 15 -8.87 10.38 -3.26
C SER A 15 -8.07 9.32 -2.52
N VAL A 16 -8.22 8.07 -2.94
CA VAL A 16 -7.50 6.97 -2.32
C VAL A 16 -6.01 7.28 -2.20
N ARG A 17 -5.38 7.50 -3.34
CA ARG A 17 -3.95 7.81 -3.37
C ARG A 17 -3.55 8.65 -2.16
N HIS A 18 -4.07 9.87 -2.11
CA HIS A 18 -3.77 10.79 -1.01
C HIS A 18 -3.69 10.03 0.31
N SER A 19 -4.75 9.29 0.62
CA SER A 19 -4.80 8.52 1.87
C SER A 19 -3.57 7.65 2.02
N LEU A 20 -3.44 6.65 1.15
CA LEU A 20 -2.30 5.73 1.19
C LEU A 20 -1.02 6.48 1.52
N LYS A 21 -0.82 7.63 0.87
CA LYS A 21 0.37 8.44 1.10
C LYS A 21 0.37 9.02 2.51
N ASP A 22 -0.80 9.42 2.99
CA ASP A 22 -0.94 9.99 4.32
C ASP A 22 -0.37 9.04 5.37
N ILE A 23 -0.78 7.78 5.31
CA ILE A 23 -0.29 6.77 6.26
C ILE A 23 1.21 6.55 6.11
N LEU A 24 1.62 6.11 4.93
CA LEU A 24 3.04 5.86 4.66
C LEU A 24 3.88 7.08 4.99
N MET A 25 3.27 8.26 4.87
CA MET A 25 3.97 9.51 5.16
C MET A 25 4.28 9.63 6.65
N LYS A 26 3.40 9.06 7.47
CA LYS A 26 3.57 9.10 8.93
C LYS A 26 4.34 7.87 9.41
N ARG A 27 4.13 6.75 8.74
CA ARG A 27 4.80 5.51 9.12
C ARG A 27 6.29 5.57 8.76
N LEU A 28 6.63 6.41 7.79
CA LEU A 28 8.01 6.55 7.36
C LEU A 28 8.71 7.67 8.15
N THR A 29 7.95 8.69 8.50
CA THR A 29 8.49 9.81 9.26
C THR A 29 8.72 9.44 10.72
N ASP A 30 7.95 8.47 11.21
CA ASP A 30 8.08 8.02 12.59
C ASP A 30 9.19 6.98 12.72
N SER A 31 9.33 6.14 11.70
CA SER A 31 10.36 5.10 11.71
C SER A 31 11.72 5.68 11.38
N ASN A 32 12.72 4.81 11.28
CA ASN A 32 14.08 5.24 10.98
C ASN A 32 14.31 5.28 9.47
N LEU A 33 13.32 5.76 8.74
CA LEU A 33 13.41 5.87 7.29
C LEU A 33 13.73 7.29 6.85
N LYS A 34 14.74 7.43 6.00
CA LYS A 34 15.15 8.74 5.51
C LYS A 34 14.74 8.93 4.05
N VAL A 35 13.77 8.13 3.61
CA VAL A 35 13.28 8.20 2.24
C VAL A 35 12.62 9.56 1.97
N PRO A 36 12.71 10.02 0.71
CA PRO A 36 12.13 11.29 0.29
C PRO A 36 10.61 11.25 0.27
N GLU A 37 9.99 12.43 0.18
CA GLU A 37 8.53 12.53 0.14
C GLU A 37 7.97 11.99 -1.16
N GLU A 38 8.81 12.00 -2.20
CA GLU A 38 8.40 11.51 -3.52
C GLU A 38 8.22 10.00 -3.50
N LYS A 39 9.03 9.31 -2.70
CA LYS A 39 8.94 7.86 -2.58
C LYS A 39 7.52 7.42 -2.27
N ALA A 40 7.06 7.72 -1.07
CA ALA A 40 5.71 7.36 -0.64
C ALA A 40 4.70 7.65 -1.75
N ALA A 41 4.72 8.87 -2.27
CA ALA A 41 3.81 9.28 -3.33
C ALA A 41 3.89 8.32 -4.52
N LYS A 42 5.04 8.32 -5.18
CA LYS A 42 5.24 7.45 -6.34
C LYS A 42 4.53 6.12 -6.16
N VAL A 43 4.75 5.49 -5.01
CA VAL A 43 4.12 4.20 -4.72
C VAL A 43 2.60 4.33 -4.68
N ALA A 44 2.10 5.19 -3.80
CA ALA A 44 0.66 5.41 -3.68
C ALA A 44 0.02 5.60 -5.04
N THR A 45 0.66 6.40 -5.89
CA THR A 45 0.15 6.67 -7.22
C THR A 45 0.08 5.39 -8.06
N LYS A 46 0.94 4.43 -7.73
CA LYS A 46 0.97 3.16 -8.45
C LYS A 46 -0.11 2.22 -7.94
N ILE A 47 -0.21 2.10 -6.62
CA ILE A 47 -1.21 1.23 -6.01
C ILE A 47 -2.51 1.26 -6.79
N GLU A 48 -3.20 2.39 -6.74
CA GLU A 48 -4.47 2.55 -7.44
C GLU A 48 -4.36 2.06 -8.88
N LYS A 49 -3.23 2.36 -9.51
CA LYS A 49 -2.99 1.94 -10.90
C LYS A 49 -3.12 0.43 -11.03
N GLU A 50 -2.64 -0.30 -10.04
CA GLU A 50 -2.71 -1.76 -10.05
C GLU A 50 -4.07 -2.24 -9.57
N LEU A 51 -4.59 -1.62 -8.53
CA LEU A 51 -5.89 -1.98 -7.97
C LEU A 51 -7.01 -1.73 -8.99
N PHE A 52 -7.16 -0.47 -9.38
CA PHE A 52 -8.19 -0.10 -10.35
C PHE A 52 -8.03 -0.89 -11.64
N SER A 53 -6.79 -1.21 -11.99
CA SER A 53 -6.50 -1.95 -13.21
C SER A 53 -6.79 -3.44 -13.01
N PHE A 54 -6.77 -3.88 -11.76
CA PHE A 54 -7.01 -5.28 -11.43
C PHE A 54 -8.51 -5.57 -11.41
N PHE A 55 -9.27 -4.69 -10.77
CA PHE A 55 -10.72 -4.86 -10.68
C PHE A 55 -11.42 -4.19 -11.86
N ARG A 56 -10.72 -3.27 -12.52
CA ARG A 56 -11.27 -2.57 -13.67
C ARG A 56 -12.59 -1.90 -13.31
N ASP A 57 -12.77 -1.58 -12.04
CA ASP A 57 -13.99 -0.94 -11.57
C ASP A 57 -13.86 -0.54 -10.09
N THR A 58 -14.44 0.61 -9.75
CA THR A 58 -14.38 1.11 -8.39
C THR A 58 -15.60 0.68 -7.59
N ASP A 59 -15.84 -0.62 -7.55
CA ASP A 59 -16.98 -1.17 -6.82
C ASP A 59 -16.56 -1.67 -5.44
N ALA A 60 -17.50 -2.28 -4.72
CA ALA A 60 -17.21 -2.81 -3.39
C ALA A 60 -16.03 -3.76 -3.41
N LYS A 61 -15.98 -4.62 -4.44
CA LYS A 61 -14.90 -5.58 -4.58
C LYS A 61 -13.55 -4.88 -4.68
N TYR A 62 -13.58 -3.60 -5.03
CA TYR A 62 -12.36 -2.82 -5.16
C TYR A 62 -12.02 -2.12 -3.85
N LYS A 63 -13.01 -1.50 -3.24
CA LYS A 63 -12.83 -0.79 -1.98
C LYS A 63 -12.35 -1.74 -0.89
N ASN A 64 -13.04 -2.87 -0.76
CA ASN A 64 -12.68 -3.87 0.24
C ASN A 64 -11.19 -4.15 0.24
N LYS A 65 -10.64 -4.36 -0.96
CA LYS A 65 -9.22 -4.64 -1.10
C LYS A 65 -8.38 -3.42 -0.70
N TYR A 66 -8.85 -2.24 -1.07
CA TYR A 66 -8.15 -1.00 -0.74
C TYR A 66 -7.94 -0.87 0.77
N ARG A 67 -9.04 -0.76 1.50
CA ARG A 67 -8.99 -0.63 2.95
C ARG A 67 -8.13 -1.74 3.56
N SER A 68 -8.20 -2.92 2.97
CA SER A 68 -7.43 -4.07 3.46
C SER A 68 -5.93 -3.81 3.34
N LEU A 69 -5.55 -3.12 2.26
CA LEU A 69 -4.14 -2.81 2.03
C LEU A 69 -3.60 -1.87 3.10
N MET A 70 -4.31 -0.76 3.33
CA MET A 70 -3.90 0.21 4.34
C MET A 70 -4.21 -0.30 5.74
N PHE A 71 -5.09 -1.29 5.82
CA PHE A 71 -5.46 -1.86 7.11
C PHE A 71 -4.25 -2.47 7.82
N ASN A 72 -3.31 -2.98 7.03
CA ASN A 72 -2.10 -3.58 7.57
C ASN A 72 -0.99 -2.54 7.70
N LEU A 73 -1.23 -1.35 7.17
CA LEU A 73 -0.25 -0.27 7.22
C LEU A 73 -0.51 0.64 8.42
N LYS A 74 -1.78 0.81 8.76
CA LYS A 74 -2.16 1.66 9.88
C LYS A 74 -2.21 0.85 11.17
N ASP A 75 -2.41 -0.46 11.04
CA ASP A 75 -2.48 -1.34 12.20
C ASP A 75 -1.17 -1.30 12.99
N PRO A 76 -1.29 -1.23 14.33
CA PRO A 76 -0.14 -1.18 15.23
C PRO A 76 0.62 -2.50 15.28
N LYS A 77 -0.10 -3.60 15.07
CA LYS A 77 0.49 -4.93 15.08
C LYS A 77 1.31 -5.17 13.82
N ASN A 78 1.31 -4.18 12.93
CA ASN A 78 2.05 -4.29 11.67
C ASN A 78 2.88 -3.03 11.43
N ASN A 79 4.19 -3.18 11.48
CA ASN A 79 5.11 -2.06 11.26
C ASN A 79 6.19 -2.42 10.23
N ILE A 80 5.88 -3.39 9.38
CA ILE A 80 6.82 -3.82 8.36
C ILE A 80 6.29 -3.52 6.96
N LEU A 81 5.09 -3.98 6.67
CA LEU A 81 4.47 -3.76 5.37
C LEU A 81 4.82 -2.38 4.83
N PHE A 82 4.43 -1.34 5.57
CA PHE A 82 4.72 0.03 5.17
C PHE A 82 6.20 0.22 4.86
N LYS A 83 7.04 -0.50 5.59
CA LYS A 83 8.49 -0.41 5.40
C LYS A 83 8.91 -1.14 4.12
N LYS A 84 8.28 -2.28 3.86
CA LYS A 84 8.59 -3.07 2.67
C LYS A 84 8.09 -2.37 1.41
N VAL A 85 6.95 -1.68 1.52
CA VAL A 85 6.38 -0.97 0.39
C VAL A 85 7.26 0.22 0.00
N LEU A 86 7.84 0.87 1.00
CA LEU A 86 8.69 2.03 0.76
C LEU A 86 10.10 1.60 0.38
N LYS A 87 10.67 0.70 1.18
CA LYS A 87 12.01 0.19 0.92
C LYS A 87 12.10 -0.46 -0.45
N GLY A 88 11.11 -1.29 -0.76
CA GLY A 88 11.10 -1.97 -2.05
C GLY A 88 10.84 -3.46 -1.92
N GLU A 89 11.13 -4.00 -0.74
CA GLU A 89 10.93 -5.43 -0.49
C GLU A 89 9.60 -5.90 -1.07
N VAL A 90 8.66 -4.97 -1.19
CA VAL A 90 7.33 -5.30 -1.72
C VAL A 90 6.96 -4.37 -2.88
N THR A 91 6.34 -4.94 -3.90
CA THR A 91 5.94 -4.16 -5.07
C THR A 91 4.49 -3.67 -4.94
N PRO A 92 4.21 -2.50 -5.52
CA PRO A 92 2.87 -1.91 -5.49
C PRO A 92 1.86 -2.69 -6.32
N ASP A 93 2.34 -3.69 -7.03
CA ASP A 93 1.48 -4.53 -7.88
C ASP A 93 1.24 -5.88 -7.23
N HIS A 94 2.08 -6.24 -6.26
CA HIS A 94 1.96 -7.51 -5.56
C HIS A 94 1.25 -7.32 -4.22
N LEU A 95 1.47 -6.17 -3.61
CA LEU A 95 0.85 -5.87 -2.31
C LEU A 95 -0.63 -6.22 -2.32
N ILE A 96 -1.24 -6.16 -3.51
CA ILE A 96 -2.66 -6.45 -3.65
C ILE A 96 -2.91 -7.96 -3.58
N ARG A 97 -2.20 -8.71 -4.40
CA ARG A 97 -2.34 -10.17 -4.42
C ARG A 97 -2.15 -10.76 -3.03
N MET A 98 -1.43 -10.03 -2.18
CA MET A 98 -1.17 -10.48 -0.82
C MET A 98 -2.47 -10.83 -0.11
N SER A 99 -2.44 -11.91 0.68
CA SER A 99 -3.62 -12.36 1.41
C SER A 99 -3.81 -11.54 2.68
N PRO A 100 -5.06 -11.50 3.17
CA PRO A 100 -5.41 -10.76 4.39
C PRO A 100 -4.83 -11.40 5.65
N GLU A 101 -4.15 -12.53 5.46
CA GLU A 101 -3.54 -13.24 6.59
C GLU A 101 -2.04 -13.02 6.63
N GLU A 102 -1.44 -12.84 5.47
CA GLU A 102 0.00 -12.62 5.37
C GLU A 102 0.34 -11.16 5.65
N LEU A 103 -0.45 -10.25 5.09
CA LEU A 103 -0.23 -8.83 5.30
C LEU A 103 0.12 -8.52 6.75
N ALA A 104 -0.60 -9.17 7.66
CA ALA A 104 -0.38 -8.96 9.09
C ALA A 104 0.84 -9.74 9.57
N SER A 105 0.95 -11.00 9.14
CA SER A 105 2.07 -11.85 9.51
C SER A 105 3.36 -11.03 9.64
N LYS A 106 4.21 -11.43 10.57
CA LYS A 106 5.48 -10.74 10.78
C LYS A 106 6.66 -11.70 10.60
N GLU A 107 6.63 -12.46 9.50
CA GLU A 107 7.69 -13.41 9.21
C GLU A 107 8.66 -12.84 8.17
N LEU A 108 9.93 -13.22 8.28
CA LEU A 108 10.94 -12.75 7.35
C LEU A 108 11.18 -13.78 6.24
N ALA A 109 11.23 -15.05 6.61
CA ALA A 109 11.44 -16.12 5.65
C ALA A 109 10.46 -16.02 4.50
N ALA A 110 9.32 -15.37 4.74
CA ALA A 110 8.30 -15.20 3.71
C ALA A 110 8.93 -14.84 2.38
N TRP A 111 9.73 -13.79 2.36
CA TRP A 111 10.39 -13.34 1.14
C TRP A 111 11.41 -14.35 0.67
N ARG A 112 11.66 -14.39 -0.64
CA ARG A 112 12.61 -15.32 -1.21
C ARG A 112 14.02 -15.03 -0.72
N ARG A 113 14.77 -16.08 -0.43
CA ARG A 113 16.13 -15.95 0.07
C ARG A 113 17.14 -16.40 -0.98
N ARG A 114 16.83 -16.14 -2.25
CA ARG A 114 17.71 -16.51 -3.35
C ARG A 114 19.00 -15.71 -3.31
N SER A 115 18.88 -14.39 -3.34
CA SER A 115 20.04 -13.50 -3.31
C SER A 115 19.88 -12.43 -2.25
N GLY A 116 20.54 -12.63 -1.11
CA GLY A 116 20.46 -11.68 -0.02
C GLY A 116 21.06 -10.33 -0.39
N PRO A 117 20.49 -9.26 0.18
CA PRO A 117 20.95 -7.90 -0.08
C PRO A 117 22.31 -7.62 0.53
N SER A 118 22.81 -6.40 0.33
CA SER A 118 24.11 -6.01 0.87
C SER A 118 24.01 -5.69 2.37
N SER A 119 24.07 -6.73 3.18
CA SER A 119 23.98 -6.56 4.64
C SER A 119 25.34 -6.21 5.23
N GLY A 120 25.32 -5.65 6.44
CA GLY A 120 26.56 -5.27 7.09
C GLY A 120 26.33 -4.77 8.50
N GLY A 1 -16.02 16.03 8.66
CA GLY A 1 -16.96 14.93 8.84
C GLY A 1 -17.83 14.70 7.63
N SER A 2 -17.87 13.46 7.15
CA SER A 2 -18.67 13.12 5.98
C SER A 2 -19.02 11.64 5.99
N SER A 3 -20.04 11.27 5.21
CA SER A 3 -20.48 9.88 5.12
C SER A 3 -20.57 9.43 3.67
N GLY A 4 -21.21 10.25 2.84
CA GLY A 4 -21.35 9.92 1.43
C GLY A 4 -20.53 10.82 0.54
N SER A 5 -21.15 11.89 0.04
CA SER A 5 -20.46 12.84 -0.84
C SER A 5 -19.66 12.10 -1.91
N SER A 6 -20.25 11.03 -2.43
CA SER A 6 -19.59 10.23 -3.47
C SER A 6 -20.48 10.10 -4.70
N GLY A 7 -19.97 10.54 -5.85
CA GLY A 7 -20.73 10.45 -7.08
C GLY A 7 -19.86 10.12 -8.28
N SER A 8 -18.70 10.78 -8.37
CA SER A 8 -17.78 10.55 -9.47
C SER A 8 -16.86 9.37 -9.18
N ALA A 9 -16.40 8.71 -10.24
CA ALA A 9 -15.51 7.57 -10.09
C ALA A 9 -14.06 8.02 -9.97
N ASP A 10 -13.58 8.74 -10.97
CA ASP A 10 -12.21 9.24 -10.98
C ASP A 10 -11.83 9.77 -9.60
N GLN A 11 -12.71 10.58 -9.02
CA GLN A 11 -12.45 11.16 -7.70
C GLN A 11 -12.04 10.08 -6.71
N ILE A 12 -12.81 9.01 -6.66
CA ILE A 12 -12.53 7.90 -5.75
C ILE A 12 -11.07 7.49 -5.81
N ARG A 13 -10.59 7.22 -7.03
CA ARG A 13 -9.20 6.82 -7.23
C ARG A 13 -8.24 7.89 -6.72
N GLN A 14 -8.50 9.14 -7.12
CA GLN A 14 -7.66 10.26 -6.71
C GLN A 14 -7.58 10.35 -5.19
N SER A 15 -8.72 10.17 -4.53
CA SER A 15 -8.78 10.24 -3.07
C SER A 15 -7.98 9.11 -2.44
N VAL A 16 -8.32 7.88 -2.79
CA VAL A 16 -7.62 6.72 -2.27
C VAL A 16 -6.14 7.00 -2.06
N ARG A 17 -5.49 7.53 -3.09
CA ARG A 17 -4.07 7.86 -3.01
C ARG A 17 -3.75 8.61 -1.72
N HIS A 18 -4.19 9.86 -1.64
CA HIS A 18 -3.96 10.68 -0.46
C HIS A 18 -4.00 9.84 0.81
N SER A 19 -5.12 9.19 1.05
CA SER A 19 -5.29 8.35 2.23
C SER A 19 -4.04 7.51 2.47
N LEU A 20 -3.59 6.82 1.44
CA LEU A 20 -2.41 5.97 1.54
C LEU A 20 -1.17 6.80 1.85
N LYS A 21 -0.92 7.81 1.02
CA LYS A 21 0.23 8.68 1.20
C LYS A 21 0.22 9.31 2.59
N ASP A 22 -0.96 9.42 3.17
CA ASP A 22 -1.11 9.99 4.52
C ASP A 22 -0.50 9.08 5.56
N ILE A 23 -0.73 7.78 5.42
CA ILE A 23 -0.21 6.80 6.36
C ILE A 23 1.30 6.65 6.22
N LEU A 24 1.73 6.23 5.03
CA LEU A 24 3.16 6.05 4.76
C LEU A 24 3.95 7.29 5.13
N MET A 25 3.25 8.43 5.24
CA MET A 25 3.89 9.69 5.59
C MET A 25 4.31 9.69 7.05
N LYS A 26 3.33 9.54 7.94
CA LYS A 26 3.59 9.53 9.38
C LYS A 26 4.40 8.31 9.77
N ARG A 27 4.32 7.26 8.95
CA ARG A 27 5.04 6.03 9.22
C ARG A 27 6.51 6.16 8.83
N LEU A 28 6.77 6.77 7.68
CA LEU A 28 8.13 6.97 7.20
C LEU A 28 8.82 8.09 7.95
N THR A 29 8.09 9.17 8.19
CA THR A 29 8.63 10.32 8.91
C THR A 29 9.00 9.95 10.33
N ASP A 30 8.39 8.90 10.85
CA ASP A 30 8.66 8.44 12.20
C ASP A 30 9.77 7.40 12.22
N SER A 31 9.93 6.70 11.09
CA SER A 31 10.96 5.68 10.97
C SER A 31 12.23 6.25 10.34
N ASN A 32 13.35 5.55 10.53
CA ASN A 32 14.63 6.00 9.98
C ASN A 32 14.52 6.18 8.47
N LEU A 33 13.49 5.61 7.87
CA LEU A 33 13.28 5.72 6.43
C LEU A 33 13.64 7.11 5.94
N LYS A 34 12.98 8.12 6.50
CA LYS A 34 13.24 9.51 6.12
C LYS A 34 13.16 9.68 4.61
N VAL A 35 12.38 8.81 3.96
CA VAL A 35 12.22 8.87 2.51
C VAL A 35 11.49 10.14 2.09
N PRO A 36 11.79 10.62 0.87
CA PRO A 36 11.18 11.82 0.32
C PRO A 36 9.70 11.63 -0.01
N GLU A 37 8.90 12.65 0.30
CA GLU A 37 7.47 12.59 0.04
C GLU A 37 7.18 11.97 -1.32
N GLU A 38 8.11 12.15 -2.25
CA GLU A 38 7.96 11.61 -3.60
C GLU A 38 7.72 10.10 -3.55
N LYS A 39 8.50 9.41 -2.73
CA LYS A 39 8.36 7.95 -2.60
C LYS A 39 6.97 7.58 -2.10
N ALA A 40 6.69 7.92 -0.85
CA ALA A 40 5.40 7.63 -0.25
C ALA A 40 4.27 7.81 -1.25
N ALA A 41 4.32 8.92 -1.99
CA ALA A 41 3.31 9.23 -2.99
C ALA A 41 3.38 8.26 -4.17
N LYS A 42 4.62 7.90 -4.54
CA LYS A 42 4.83 6.99 -5.67
C LYS A 42 4.15 5.65 -5.42
N VAL A 43 4.24 5.17 -4.17
CA VAL A 43 3.62 3.90 -3.80
C VAL A 43 2.12 3.93 -4.04
N ALA A 44 1.44 4.84 -3.33
CA ALA A 44 -0.01 4.97 -3.46
C ALA A 44 -0.42 5.04 -4.92
N THR A 45 0.24 5.91 -5.68
CA THR A 45 -0.07 6.08 -7.09
C THR A 45 -0.10 4.74 -7.81
N LYS A 46 0.82 3.86 -7.45
CA LYS A 46 0.90 2.53 -8.06
C LYS A 46 -0.23 1.64 -7.56
N ILE A 47 -0.44 1.63 -6.24
CA ILE A 47 -1.49 0.82 -5.65
C ILE A 47 -2.73 0.79 -6.53
N GLU A 48 -3.38 1.94 -6.67
CA GLU A 48 -4.58 2.05 -7.48
C GLU A 48 -4.29 1.64 -8.93
N LYS A 49 -3.27 2.24 -9.52
CA LYS A 49 -2.89 1.92 -10.89
C LYS A 49 -3.04 0.44 -11.18
N GLU A 50 -2.58 -0.39 -10.25
CA GLU A 50 -2.66 -1.84 -10.40
C GLU A 50 -4.04 -2.35 -9.98
N LEU A 51 -4.54 -1.84 -8.87
CA LEU A 51 -5.84 -2.24 -8.36
C LEU A 51 -6.94 -1.95 -9.38
N PHE A 52 -7.20 -0.68 -9.62
CA PHE A 52 -8.23 -0.26 -10.57
C PHE A 52 -8.20 -1.16 -11.81
N SER A 53 -7.02 -1.67 -12.14
CA SER A 53 -6.85 -2.53 -13.30
C SER A 53 -7.33 -3.95 -13.00
N PHE A 54 -6.85 -4.50 -11.89
CA PHE A 54 -7.24 -5.85 -11.48
C PHE A 54 -8.75 -6.01 -11.47
N PHE A 55 -9.41 -5.30 -10.57
CA PHE A 55 -10.86 -5.35 -10.45
C PHE A 55 -11.54 -4.76 -11.69
N ARG A 56 -10.81 -3.88 -12.37
CA ARG A 56 -11.35 -3.23 -13.57
C ARG A 56 -12.71 -2.62 -13.30
N ASP A 57 -12.93 -2.18 -12.06
CA ASP A 57 -14.20 -1.58 -11.68
C ASP A 57 -14.12 -1.00 -10.27
N THR A 58 -14.89 0.06 -10.02
CA THR A 58 -14.91 0.71 -8.72
C THR A 58 -16.11 0.28 -7.90
N ASP A 59 -16.28 -1.03 -7.73
CA ASP A 59 -17.40 -1.57 -6.97
C ASP A 59 -16.98 -1.89 -5.54
N ALA A 60 -17.96 -2.21 -4.71
CA ALA A 60 -17.70 -2.54 -3.31
C ALA A 60 -16.38 -3.30 -3.16
N LYS A 61 -16.21 -4.34 -3.98
CA LYS A 61 -14.99 -5.15 -3.94
C LYS A 61 -13.75 -4.27 -3.97
N TYR A 62 -13.60 -3.50 -5.05
CA TYR A 62 -12.46 -2.60 -5.20
C TYR A 62 -12.03 -2.03 -3.86
N LYS A 63 -12.95 -1.33 -3.19
CA LYS A 63 -12.68 -0.74 -1.89
C LYS A 63 -12.26 -1.80 -0.89
N ASN A 64 -13.08 -2.83 -0.74
CA ASN A 64 -12.79 -3.91 0.19
C ASN A 64 -11.30 -4.22 0.23
N LYS A 65 -10.71 -4.39 -0.94
CA LYS A 65 -9.28 -4.68 -1.05
C LYS A 65 -8.45 -3.48 -0.65
N TYR A 66 -8.70 -2.34 -1.29
CA TYR A 66 -7.97 -1.12 -1.00
C TYR A 66 -7.81 -0.92 0.50
N ARG A 67 -8.93 -0.93 1.21
CA ARG A 67 -8.92 -0.75 2.66
C ARG A 67 -8.04 -1.81 3.33
N SER A 68 -8.06 -3.03 2.78
CA SER A 68 -7.27 -4.12 3.33
C SER A 68 -5.78 -3.87 3.14
N LEU A 69 -5.43 -3.33 1.98
CA LEU A 69 -4.04 -3.04 1.67
C LEU A 69 -3.44 -2.06 2.67
N MET A 70 -4.24 -1.08 3.08
CA MET A 70 -3.80 -0.07 4.04
C MET A 70 -4.10 -0.53 5.47
N PHE A 71 -5.08 -1.41 5.61
CA PHE A 71 -5.47 -1.93 6.92
C PHE A 71 -4.25 -2.48 7.67
N ASN A 72 -3.38 -3.17 6.94
CA ASN A 72 -2.18 -3.74 7.54
C ASN A 72 -1.07 -2.70 7.67
N LEU A 73 -1.22 -1.61 6.93
CA LEU A 73 -0.24 -0.52 6.97
C LEU A 73 -0.46 0.37 8.18
N LYS A 74 -1.72 0.73 8.42
CA LYS A 74 -2.07 1.60 9.54
C LYS A 74 -1.90 0.84 10.86
N ASP A 75 -2.35 -0.41 10.89
CA ASP A 75 -2.25 -1.23 12.08
C ASP A 75 -0.86 -1.14 12.70
N PRO A 76 -0.81 -1.04 14.03
CA PRO A 76 0.46 -0.94 14.77
C PRO A 76 1.25 -2.24 14.73
N LYS A 77 0.56 -3.35 14.88
CA LYS A 77 1.20 -4.67 14.87
C LYS A 77 2.01 -4.86 13.59
N ASN A 78 1.63 -4.14 12.54
CA ASN A 78 2.33 -4.23 11.25
C ASN A 78 3.29 -3.06 11.07
N ASN A 79 4.56 -3.28 11.38
CA ASN A 79 5.57 -2.24 11.25
C ASN A 79 6.68 -2.68 10.30
N ILE A 80 6.34 -3.58 9.38
CA ILE A 80 7.30 -4.08 8.41
C ILE A 80 6.80 -3.86 6.99
N LEU A 81 5.49 -3.94 6.81
CA LEU A 81 4.88 -3.74 5.50
C LEU A 81 5.14 -2.33 4.98
N PHE A 82 4.62 -1.34 5.70
CA PHE A 82 4.79 0.05 5.30
C PHE A 82 6.22 0.31 4.82
N LYS A 83 7.16 -0.44 5.38
CA LYS A 83 8.56 -0.30 5.01
C LYS A 83 8.89 -1.12 3.76
N LYS A 84 8.86 -2.43 3.89
CA LYS A 84 9.14 -3.33 2.77
C LYS A 84 8.65 -2.72 1.46
N VAL A 85 7.47 -2.13 1.51
CA VAL A 85 6.88 -1.51 0.32
C VAL A 85 7.67 -0.28 -0.11
N LEU A 86 7.93 0.61 0.84
CA LEU A 86 8.68 1.82 0.56
C LEU A 86 10.12 1.51 0.14
N LYS A 87 10.81 0.72 0.97
CA LYS A 87 12.18 0.34 0.68
C LYS A 87 12.28 -0.34 -0.68
N GLY A 88 11.23 -1.06 -1.05
CA GLY A 88 11.22 -1.75 -2.33
C GLY A 88 10.97 -3.24 -2.19
N GLU A 89 11.37 -3.80 -1.04
CA GLU A 89 11.20 -5.22 -0.78
C GLU A 89 9.90 -5.73 -1.41
N VAL A 90 8.82 -4.96 -1.23
CA VAL A 90 7.53 -5.33 -1.77
C VAL A 90 7.03 -4.29 -2.77
N THR A 91 6.54 -4.76 -3.92
CA THR A 91 6.03 -3.87 -4.96
C THR A 91 4.58 -3.51 -4.70
N PRO A 92 4.20 -2.29 -5.11
CA PRO A 92 2.82 -1.78 -4.94
C PRO A 92 1.83 -2.51 -5.83
N ASP A 93 2.35 -3.21 -6.83
CA ASP A 93 1.50 -3.96 -7.76
C ASP A 93 1.27 -5.38 -7.26
N HIS A 94 2.27 -5.94 -6.59
CA HIS A 94 2.19 -7.30 -6.07
C HIS A 94 1.52 -7.31 -4.70
N LEU A 95 1.70 -6.23 -3.95
CA LEU A 95 1.12 -6.11 -2.62
C LEU A 95 -0.35 -6.52 -2.62
N ILE A 96 -0.97 -6.46 -3.80
CA ILE A 96 -2.37 -6.83 -3.94
C ILE A 96 -2.55 -8.34 -3.99
N ARG A 97 -1.71 -8.99 -4.79
CA ARG A 97 -1.76 -10.44 -4.94
C ARG A 97 -1.26 -11.14 -3.67
N MET A 98 -0.81 -10.34 -2.71
CA MET A 98 -0.30 -10.88 -1.45
C MET A 98 -1.42 -11.59 -0.68
N SER A 99 -1.02 -12.42 0.28
CA SER A 99 -1.97 -13.16 1.09
C SER A 99 -2.29 -12.43 2.39
N PRO A 100 -3.48 -12.71 2.94
CA PRO A 100 -3.93 -12.09 4.20
C PRO A 100 -3.14 -12.56 5.40
N GLU A 101 -2.38 -13.64 5.22
CA GLU A 101 -1.57 -14.19 6.30
C GLU A 101 -0.11 -13.84 6.11
N GLU A 102 0.23 -13.32 4.95
CA GLU A 102 1.60 -12.94 4.64
C GLU A 102 1.87 -11.49 5.06
N LEU A 103 0.86 -10.65 4.95
CA LEU A 103 0.98 -9.25 5.33
C LEU A 103 1.44 -9.11 6.78
N ALA A 104 1.09 -10.08 7.60
CA ALA A 104 1.46 -10.07 9.01
C ALA A 104 2.83 -10.73 9.21
N SER A 105 3.53 -10.98 8.12
CA SER A 105 4.84 -11.61 8.17
C SER A 105 5.91 -10.60 8.56
N LYS A 106 6.46 -10.76 9.76
CA LYS A 106 7.49 -9.87 10.25
C LYS A 106 8.88 -10.30 9.77
N GLU A 107 9.14 -11.60 9.85
CA GLU A 107 10.42 -12.15 9.41
C GLU A 107 10.86 -11.50 8.11
N LEU A 108 12.18 -11.56 7.85
CA LEU A 108 12.73 -10.97 6.63
C LEU A 108 13.32 -12.05 5.73
N ALA A 109 14.09 -12.95 6.33
CA ALA A 109 14.71 -14.04 5.59
C ALA A 109 13.72 -14.68 4.61
N ALA A 110 12.49 -14.89 5.09
CA ALA A 110 11.46 -15.50 4.26
C ALA A 110 11.52 -14.97 2.83
N TRP A 111 11.75 -13.67 2.69
CA TRP A 111 11.83 -13.04 1.38
C TRP A 111 12.86 -13.74 0.50
N ARG A 112 14.13 -13.65 0.90
CA ARG A 112 15.21 -14.28 0.15
C ARG A 112 16.41 -14.54 1.04
N ARG A 113 17.16 -15.59 0.72
CA ARG A 113 18.34 -15.95 1.50
C ARG A 113 19.60 -15.31 0.91
N ARG A 114 20.58 -15.06 1.77
CA ARG A 114 21.84 -14.45 1.34
C ARG A 114 23.01 -15.38 1.59
N SER A 115 23.31 -15.63 2.87
CA SER A 115 24.42 -16.50 3.24
C SER A 115 25.73 -15.99 2.66
N GLY A 116 26.03 -14.72 2.94
CA GLY A 116 27.26 -14.13 2.44
C GLY A 116 28.21 -13.73 3.54
N PRO A 117 29.11 -12.78 3.25
CA PRO A 117 30.09 -12.30 4.22
C PRO A 117 29.45 -11.46 5.32
N SER A 118 28.13 -11.33 5.26
CA SER A 118 27.39 -10.54 6.24
C SER A 118 27.19 -11.34 7.53
N SER A 119 28.28 -11.89 8.06
CA SER A 119 28.23 -12.67 9.29
C SER A 119 27.04 -13.63 9.26
N GLY A 120 26.85 -14.31 8.13
CA GLY A 120 25.76 -15.25 7.99
C GLY A 120 25.19 -15.27 6.58
N GLY A 1 -8.11 18.67 -16.66
CA GLY A 1 -9.02 18.96 -15.57
C GLY A 1 -10.45 18.57 -15.88
N SER A 2 -10.72 17.27 -15.90
CA SER A 2 -12.05 16.76 -16.20
C SER A 2 -12.96 16.93 -15.00
N SER A 3 -14.23 17.24 -15.26
CA SER A 3 -15.21 17.42 -14.19
C SER A 3 -16.63 17.20 -14.72
N GLY A 4 -17.32 16.23 -14.13
CA GLY A 4 -18.68 15.93 -14.55
C GLY A 4 -18.80 14.55 -15.16
N SER A 5 -19.74 13.76 -14.65
CA SER A 5 -19.97 12.41 -15.15
C SER A 5 -21.20 11.78 -14.50
N SER A 6 -21.57 10.59 -14.97
CA SER A 6 -22.74 9.90 -14.45
C SER A 6 -22.50 9.46 -13.00
N GLY A 7 -21.41 8.73 -12.77
CA GLY A 7 -21.09 8.28 -11.43
C GLY A 7 -19.74 8.75 -10.96
N SER A 8 -19.64 9.09 -9.68
CA SER A 8 -18.39 9.58 -9.11
C SER A 8 -17.41 8.43 -8.89
N ALA A 9 -16.50 8.24 -9.84
CA ALA A 9 -15.51 7.18 -9.75
C ALA A 9 -14.10 7.75 -9.70
N ASP A 10 -13.85 8.77 -10.52
CA ASP A 10 -12.54 9.41 -10.58
C ASP A 10 -12.10 9.86 -9.18
N GLN A 11 -13.06 10.22 -8.35
CA GLN A 11 -12.77 10.68 -6.99
C GLN A 11 -12.35 9.51 -6.10
N ILE A 12 -13.23 8.52 -5.97
CA ILE A 12 -12.96 7.35 -5.16
C ILE A 12 -11.50 6.92 -5.29
N ARG A 13 -11.00 6.89 -6.51
CA ARG A 13 -9.62 6.49 -6.77
C ARG A 13 -8.65 7.55 -6.23
N GLN A 14 -8.94 8.81 -6.53
CA GLN A 14 -8.09 9.91 -6.07
C GLN A 14 -7.89 9.86 -4.56
N SER A 15 -9.00 9.81 -3.83
CA SER A 15 -8.95 9.77 -2.37
C SER A 15 -8.08 8.60 -1.90
N VAL A 16 -8.17 7.48 -2.59
CA VAL A 16 -7.40 6.30 -2.24
C VAL A 16 -5.90 6.60 -2.26
N ARG A 17 -5.47 7.37 -3.25
CA ARG A 17 -4.06 7.73 -3.38
C ARG A 17 -3.60 8.54 -2.16
N HIS A 18 -4.21 9.71 -1.98
CA HIS A 18 -3.85 10.57 -0.86
C HIS A 18 -3.73 9.78 0.43
N SER A 19 -4.83 9.17 0.86
CA SER A 19 -4.85 8.38 2.08
C SER A 19 -3.54 7.62 2.26
N LEU A 20 -3.27 6.70 1.33
CA LEU A 20 -2.05 5.90 1.37
C LEU A 20 -0.85 6.77 1.74
N LYS A 21 -0.60 7.80 0.93
CA LYS A 21 0.52 8.70 1.18
C LYS A 21 0.46 9.26 2.60
N ASP A 22 -0.74 9.41 3.13
CA ASP A 22 -0.92 9.93 4.48
C ASP A 22 -0.31 8.99 5.51
N ILE A 23 -0.61 7.71 5.40
CA ILE A 23 -0.09 6.70 6.32
C ILE A 23 1.43 6.58 6.19
N LEU A 24 1.88 6.15 5.02
CA LEU A 24 3.32 6.00 4.77
C LEU A 24 4.08 7.25 5.19
N MET A 25 3.40 8.39 5.18
CA MET A 25 4.01 9.65 5.57
C MET A 25 4.30 9.69 7.06
N LYS A 26 3.25 9.66 7.86
CA LYS A 26 3.40 9.69 9.32
C LYS A 26 4.12 8.45 9.82
N ARG A 27 4.21 7.43 8.95
CA ARG A 27 4.88 6.18 9.31
C ARG A 27 6.37 6.26 9.01
N LEU A 28 6.71 6.98 7.94
CA LEU A 28 8.11 7.13 7.54
C LEU A 28 8.77 8.26 8.32
N THR A 29 8.05 9.36 8.51
CA THR A 29 8.57 10.51 9.24
C THR A 29 8.91 10.13 10.67
N ASP A 30 8.30 9.07 11.17
CA ASP A 30 8.55 8.61 12.54
C ASP A 30 9.66 7.57 12.55
N SER A 31 9.66 6.69 11.55
CA SER A 31 10.67 5.63 11.47
C SER A 31 12.00 6.21 10.99
N ASN A 32 13.03 5.37 11.01
CA ASN A 32 14.36 5.77 10.57
C ASN A 32 14.51 5.64 9.06
N LEU A 33 13.45 5.96 8.33
CA LEU A 33 13.48 5.85 6.87
C LEU A 33 14.07 7.11 6.25
N LYS A 34 13.48 8.26 6.58
CA LYS A 34 13.96 9.54 6.06
C LYS A 34 13.91 9.55 4.53
N VAL A 35 12.80 9.09 3.97
CA VAL A 35 12.62 9.05 2.52
C VAL A 35 11.86 10.27 2.03
N PRO A 36 12.12 10.66 0.77
CA PRO A 36 11.47 11.82 0.15
C PRO A 36 9.99 11.56 -0.13
N GLU A 37 9.18 12.61 0.01
CA GLU A 37 7.75 12.49 -0.24
C GLU A 37 7.47 11.73 -1.54
N GLU A 38 8.30 11.99 -2.55
CA GLU A 38 8.14 11.33 -3.84
C GLU A 38 7.97 9.83 -3.67
N LYS A 39 8.72 9.26 -2.72
CA LYS A 39 8.65 7.83 -2.45
C LYS A 39 7.23 7.40 -2.14
N ALA A 40 6.70 7.88 -1.01
CA ALA A 40 5.34 7.54 -0.60
C ALA A 40 4.36 7.75 -1.74
N ALA A 41 4.26 8.98 -2.23
CA ALA A 41 3.36 9.30 -3.32
C ALA A 41 3.51 8.32 -4.48
N LYS A 42 4.72 8.24 -5.03
CA LYS A 42 5.00 7.34 -6.14
C LYS A 42 4.29 6.00 -5.94
N VAL A 43 4.55 5.38 -4.80
CA VAL A 43 3.92 4.09 -4.49
C VAL A 43 2.41 4.17 -4.54
N ALA A 44 1.84 5.01 -3.68
CA ALA A 44 0.40 5.19 -3.64
C ALA A 44 -0.19 5.32 -5.04
N THR A 45 0.57 5.94 -5.94
CA THR A 45 0.12 6.12 -7.31
C THR A 45 0.05 4.79 -8.05
N LYS A 46 1.01 3.91 -7.78
CA LYS A 46 1.04 2.60 -8.42
C LYS A 46 -0.07 1.70 -7.88
N ILE A 47 -0.22 1.69 -6.55
CA ILE A 47 -1.24 0.88 -5.92
C ILE A 47 -2.52 0.84 -6.75
N GLU A 48 -3.11 2.00 -6.98
CA GLU A 48 -4.33 2.10 -7.77
C GLU A 48 -4.07 1.75 -9.23
N LYS A 49 -2.99 2.29 -9.78
CA LYS A 49 -2.63 2.03 -11.17
C LYS A 49 -2.77 0.55 -11.50
N GLU A 50 -2.53 -0.30 -10.51
CA GLU A 50 -2.62 -1.74 -10.70
C GLU A 50 -3.98 -2.26 -10.23
N LEU A 51 -4.42 -1.78 -9.08
CA LEU A 51 -5.71 -2.20 -8.51
C LEU A 51 -6.85 -1.87 -9.48
N PHE A 52 -7.00 -0.60 -9.81
CA PHE A 52 -8.05 -0.16 -10.72
C PHE A 52 -8.11 -1.07 -11.94
N SER A 53 -6.95 -1.47 -12.43
CA SER A 53 -6.88 -2.34 -13.60
C SER A 53 -7.30 -3.77 -13.26
N PHE A 54 -6.76 -4.29 -12.16
CA PHE A 54 -7.07 -5.64 -11.72
C PHE A 54 -8.58 -5.82 -11.56
N PHE A 55 -9.23 -4.84 -10.94
CA PHE A 55 -10.66 -4.88 -10.72
C PHE A 55 -11.41 -4.22 -11.87
N ARG A 56 -10.70 -3.45 -12.68
CA ARG A 56 -11.29 -2.78 -13.82
C ARG A 56 -12.69 -2.27 -13.49
N ASP A 57 -12.90 -1.91 -12.23
CA ASP A 57 -14.19 -1.42 -11.78
C ASP A 57 -14.13 -0.94 -10.33
N THR A 58 -14.82 0.15 -10.03
CA THR A 58 -14.84 0.71 -8.69
C THR A 58 -16.03 0.19 -7.89
N ASP A 59 -16.11 -1.12 -7.74
CA ASP A 59 -17.20 -1.74 -7.00
C ASP A 59 -16.80 -2.01 -5.55
N ALA A 60 -17.77 -2.38 -4.73
CA ALA A 60 -17.52 -2.66 -3.32
C ALA A 60 -16.22 -3.43 -3.14
N LYS A 61 -16.02 -4.45 -3.98
CA LYS A 61 -14.82 -5.27 -3.92
C LYS A 61 -13.57 -4.41 -4.02
N TYR A 62 -13.41 -3.74 -5.17
CA TYR A 62 -12.25 -2.89 -5.39
C TYR A 62 -11.81 -2.20 -4.11
N LYS A 63 -12.68 -1.35 -3.57
CA LYS A 63 -12.38 -0.63 -2.34
C LYS A 63 -12.08 -1.59 -1.20
N ASN A 64 -12.98 -2.55 -1.00
CA ASN A 64 -12.82 -3.55 0.06
C ASN A 64 -11.37 -4.02 0.14
N LYS A 65 -10.75 -4.21 -1.02
CA LYS A 65 -9.37 -4.66 -1.08
C LYS A 65 -8.41 -3.54 -0.70
N TYR A 66 -8.68 -2.34 -1.20
CA TYR A 66 -7.84 -1.19 -0.91
C TYR A 66 -7.82 -0.89 0.60
N ARG A 67 -8.99 -0.61 1.15
CA ARG A 67 -9.11 -0.32 2.57
C ARG A 67 -8.48 -1.42 3.41
N SER A 68 -8.25 -2.58 2.79
CA SER A 68 -7.65 -3.70 3.49
C SER A 68 -6.13 -3.64 3.40
N LEU A 69 -5.61 -3.61 2.18
CA LEU A 69 -4.17 -3.55 1.96
C LEU A 69 -3.54 -2.45 2.80
N MET A 70 -4.28 -1.37 3.02
CA MET A 70 -3.80 -0.25 3.80
C MET A 70 -4.12 -0.45 5.28
N PHE A 71 -5.14 -1.26 5.57
CA PHE A 71 -5.53 -1.52 6.94
C PHE A 71 -4.38 -2.08 7.75
N ASN A 72 -3.57 -2.92 7.11
CA ASN A 72 -2.41 -3.52 7.78
C ASN A 72 -1.34 -2.48 8.08
N LEU A 73 -1.18 -1.54 7.15
CA LEU A 73 -0.19 -0.47 7.31
C LEU A 73 -0.38 0.26 8.64
N LYS A 74 -1.57 0.82 8.83
CA LYS A 74 -1.88 1.55 10.06
C LYS A 74 -1.98 0.59 11.24
N ASP A 75 -2.45 -0.63 10.98
CA ASP A 75 -2.59 -1.64 12.02
C ASP A 75 -1.43 -1.57 13.00
N PRO A 76 -1.75 -1.63 14.31
CA PRO A 76 -0.73 -1.58 15.37
C PRO A 76 0.12 -2.85 15.42
N LYS A 77 -0.45 -3.95 14.96
CA LYS A 77 0.25 -5.23 14.96
C LYS A 77 1.19 -5.32 13.76
N ASN A 78 0.76 -4.77 12.63
CA ASN A 78 1.56 -4.79 11.41
C ASN A 78 2.30 -3.47 11.23
N ASN A 79 3.58 -3.45 11.61
CA ASN A 79 4.40 -2.25 11.48
C ASN A 79 5.62 -2.51 10.62
N ILE A 80 5.44 -3.28 9.55
CA ILE A 80 6.53 -3.61 8.64
C ILE A 80 6.14 -3.33 7.20
N LEU A 81 4.98 -3.84 6.79
CA LEU A 81 4.50 -3.64 5.43
C LEU A 81 4.87 -2.26 4.91
N PHE A 82 4.32 -1.23 5.56
CA PHE A 82 4.60 0.15 5.17
C PHE A 82 6.06 0.33 4.78
N LYS A 83 6.94 -0.32 5.52
CA LYS A 83 8.38 -0.24 5.27
C LYS A 83 8.77 -1.14 4.10
N LYS A 84 8.25 -2.36 4.10
CA LYS A 84 8.54 -3.32 3.04
C LYS A 84 8.30 -2.70 1.67
N VAL A 85 7.18 -1.99 1.53
CA VAL A 85 6.83 -1.35 0.27
C VAL A 85 7.79 -0.21 -0.05
N LEU A 86 7.88 0.76 0.86
CA LEU A 86 8.76 1.90 0.67
C LEU A 86 10.16 1.46 0.29
N LYS A 87 10.74 0.57 1.09
CA LYS A 87 12.08 0.05 0.83
C LYS A 87 12.13 -0.69 -0.51
N GLY A 88 11.09 -1.47 -0.78
CA GLY A 88 11.04 -2.21 -2.03
C GLY A 88 10.68 -3.67 -1.82
N GLU A 89 10.99 -4.19 -0.64
CA GLU A 89 10.69 -5.58 -0.31
C GLU A 89 9.38 -6.02 -0.93
N VAL A 90 8.34 -5.23 -0.72
CA VAL A 90 7.01 -5.52 -1.27
C VAL A 90 6.67 -4.61 -2.43
N THR A 91 6.30 -5.20 -3.56
CA THR A 91 5.95 -4.42 -4.74
C THR A 91 4.52 -3.89 -4.66
N PRO A 92 4.29 -2.71 -5.24
CA PRO A 92 2.98 -2.07 -5.23
C PRO A 92 1.97 -2.81 -6.12
N ASP A 93 2.47 -3.70 -6.95
CA ASP A 93 1.62 -4.48 -7.85
C ASP A 93 1.27 -5.83 -7.24
N HIS A 94 2.12 -6.30 -6.33
CA HIS A 94 1.90 -7.58 -5.67
C HIS A 94 1.06 -7.40 -4.41
N LEU A 95 1.29 -6.31 -3.70
CA LEU A 95 0.55 -6.02 -2.47
C LEU A 95 -0.92 -6.35 -2.63
N ILE A 96 -1.41 -6.29 -3.87
CA ILE A 96 -2.80 -6.59 -4.16
C ILE A 96 -3.04 -8.10 -4.17
N ARG A 97 -2.12 -8.83 -4.79
CA ARG A 97 -2.24 -10.28 -4.89
C ARG A 97 -2.03 -10.93 -3.52
N MET A 98 -1.32 -10.22 -2.64
CA MET A 98 -1.06 -10.74 -1.30
C MET A 98 -2.36 -11.01 -0.56
N SER A 99 -2.40 -12.13 0.16
CA SER A 99 -3.59 -12.51 0.92
C SER A 99 -3.86 -11.52 2.04
N PRO A 100 -5.15 -11.37 2.41
CA PRO A 100 -5.56 -10.45 3.48
C PRO A 100 -5.13 -10.94 4.86
N GLU A 101 -4.68 -12.19 4.92
CA GLU A 101 -4.24 -12.77 6.18
C GLU A 101 -2.71 -12.79 6.27
N GLU A 102 -2.06 -12.91 5.12
CA GLU A 102 -0.61 -12.94 5.06
C GLU A 102 -0.03 -11.56 5.33
N LEU A 103 -0.66 -10.53 4.78
CA LEU A 103 -0.20 -9.16 4.96
C LEU A 103 0.17 -8.90 6.41
N ALA A 104 -0.45 -9.65 7.33
CA ALA A 104 -0.18 -9.50 8.76
C ALA A 104 1.00 -10.35 9.18
N SER A 105 1.17 -11.49 8.52
CA SER A 105 2.27 -12.40 8.83
C SER A 105 3.61 -11.68 8.75
N LYS A 106 4.25 -11.51 9.90
CA LYS A 106 5.55 -10.84 9.96
C LYS A 106 6.67 -11.77 9.51
N GLU A 107 6.67 -12.10 8.22
CA GLU A 107 7.69 -12.99 7.66
C GLU A 107 8.65 -12.21 6.78
N LEU A 108 9.95 -12.41 7.01
CA LEU A 108 10.98 -11.72 6.24
C LEU A 108 11.70 -12.70 5.31
N ALA A 109 12.27 -13.75 5.90
CA ALA A 109 12.99 -14.76 5.13
C ALA A 109 12.34 -14.98 3.76
N ALA A 110 11.02 -15.00 3.74
CA ALA A 110 10.27 -15.20 2.50
C ALA A 110 10.96 -14.49 1.33
N TRP A 111 11.13 -13.17 1.46
CA TRP A 111 11.77 -12.39 0.41
C TRP A 111 13.05 -13.06 -0.07
N ARG A 112 13.38 -12.87 -1.34
CA ARG A 112 14.58 -13.46 -1.92
C ARG A 112 15.51 -12.37 -2.43
N ARG A 113 14.97 -11.44 -3.20
CA ARG A 113 15.77 -10.35 -3.77
C ARG A 113 16.59 -9.67 -2.67
N ARG A 114 17.91 -9.84 -2.74
CA ARG A 114 18.81 -9.23 -1.76
C ARG A 114 19.09 -7.78 -2.11
N SER A 115 18.25 -6.87 -1.62
CA SER A 115 18.42 -5.45 -1.87
C SER A 115 19.89 -5.07 -1.92
N GLY A 116 20.63 -5.50 -0.90
CA GLY A 116 22.05 -5.19 -0.83
C GLY A 116 22.32 -3.73 -0.51
N PRO A 117 23.55 -3.44 -0.05
CA PRO A 117 23.95 -2.08 0.31
C PRO A 117 24.09 -1.18 -0.91
N SER A 118 22.99 -0.49 -1.27
CA SER A 118 22.99 0.40 -2.41
C SER A 118 23.38 1.81 -2.00
N SER A 119 24.12 2.50 -2.88
CA SER A 119 24.56 3.86 -2.61
C SER A 119 23.40 4.74 -2.19
N GLY A 120 22.43 4.90 -3.09
CA GLY A 120 21.26 5.72 -2.80
C GLY A 120 20.75 6.45 -4.02
N GLY A 1 -27.04 18.37 -7.09
CA GLY A 1 -26.53 17.11 -6.60
C GLY A 1 -26.81 15.96 -7.53
N SER A 2 -26.36 16.08 -8.78
CA SER A 2 -26.58 15.04 -9.78
C SER A 2 -26.19 13.67 -9.22
N SER A 3 -26.89 12.63 -9.68
CA SER A 3 -26.62 11.28 -9.23
C SER A 3 -27.44 10.26 -10.03
N GLY A 4 -27.14 8.99 -9.84
CA GLY A 4 -27.86 7.94 -10.55
C GLY A 4 -27.09 7.42 -11.75
N SER A 5 -27.58 7.73 -12.95
CA SER A 5 -26.93 7.28 -14.17
C SER A 5 -25.41 7.46 -14.09
N SER A 6 -24.99 8.61 -13.56
CA SER A 6 -23.57 8.91 -13.42
C SER A 6 -23.19 9.09 -11.96
N GLY A 7 -22.17 8.37 -11.52
CA GLY A 7 -21.73 8.46 -10.14
C GLY A 7 -20.27 8.87 -10.02
N SER A 8 -19.94 9.58 -8.96
CA SER A 8 -18.57 10.04 -8.74
C SER A 8 -17.64 8.86 -8.49
N ALA A 9 -16.99 8.39 -9.56
CA ALA A 9 -16.06 7.27 -9.46
C ALA A 9 -14.62 7.75 -9.45
N ASP A 10 -14.27 8.60 -10.42
CA ASP A 10 -12.93 9.13 -10.52
C ASP A 10 -12.47 9.72 -9.19
N GLN A 11 -13.43 10.20 -8.41
CA GLN A 11 -13.13 10.79 -7.11
C GLN A 11 -12.63 9.73 -6.13
N ILE A 12 -13.22 8.55 -6.20
CA ILE A 12 -12.83 7.45 -5.32
C ILE A 12 -11.38 7.04 -5.54
N ARG A 13 -11.11 6.43 -6.69
CA ARG A 13 -9.76 5.99 -7.03
C ARG A 13 -8.74 7.07 -6.69
N GLN A 14 -9.11 8.32 -6.94
CA GLN A 14 -8.22 9.44 -6.66
C GLN A 14 -7.96 9.57 -5.16
N SER A 15 -9.03 9.75 -4.39
CA SER A 15 -8.92 9.90 -2.94
C SER A 15 -8.07 8.78 -2.35
N VAL A 16 -8.23 7.57 -2.90
CA VAL A 16 -7.48 6.42 -2.42
C VAL A 16 -5.98 6.72 -2.36
N ARG A 17 -5.47 7.38 -3.40
CA ARG A 17 -4.06 7.73 -3.46
C ARG A 17 -3.63 8.49 -2.22
N HIS A 18 -4.22 9.66 -2.01
CA HIS A 18 -3.89 10.48 -0.85
C HIS A 18 -3.90 9.64 0.43
N SER A 19 -5.01 8.96 0.67
CA SER A 19 -5.15 8.12 1.86
C SER A 19 -3.90 7.25 2.07
N LEU A 20 -3.70 6.31 1.16
CA LEU A 20 -2.55 5.41 1.24
C LEU A 20 -1.28 6.18 1.59
N LYS A 21 -0.91 7.13 0.74
CA LYS A 21 0.28 7.95 0.97
C LYS A 21 0.34 8.43 2.41
N ASP A 22 -0.71 9.15 2.82
CA ASP A 22 -0.77 9.68 4.18
C ASP A 22 -0.13 8.72 5.18
N ILE A 23 -0.65 7.51 5.24
CA ILE A 23 -0.13 6.49 6.15
C ILE A 23 1.39 6.35 6.00
N LEU A 24 1.81 5.91 4.82
CA LEU A 24 3.24 5.74 4.55
C LEU A 24 4.03 6.97 4.96
N MET A 25 3.40 8.14 4.84
CA MET A 25 4.05 9.40 5.21
C MET A 25 4.16 9.52 6.73
N LYS A 26 3.12 9.08 7.44
CA LYS A 26 3.11 9.14 8.89
C LYS A 26 3.96 8.03 9.50
N ARG A 27 4.21 6.99 8.71
CA ARG A 27 5.02 5.86 9.16
C ARG A 27 6.49 6.08 8.84
N LEU A 28 6.76 6.98 7.91
CA LEU A 28 8.13 7.28 7.51
C LEU A 28 8.67 8.50 8.26
N THR A 29 7.80 9.48 8.48
CA THR A 29 8.17 10.69 9.19
C THR A 29 8.42 10.42 10.67
N ASP A 30 7.80 9.35 11.17
CA ASP A 30 7.95 8.98 12.58
C ASP A 30 9.06 7.94 12.75
N SER A 31 9.06 6.94 11.87
CA SER A 31 10.07 5.88 11.92
C SER A 31 11.45 6.42 11.55
N ASN A 32 12.43 5.53 11.56
CA ASN A 32 13.80 5.92 11.22
C ASN A 32 14.02 5.92 9.71
N LEU A 33 13.04 6.44 8.99
CA LEU A 33 13.11 6.51 7.53
C LEU A 33 13.39 7.93 7.07
N LYS A 34 14.26 8.06 6.06
CA LYS A 34 14.60 9.37 5.51
C LYS A 34 14.30 9.43 4.02
N VAL A 35 13.33 8.65 3.58
CA VAL A 35 12.93 8.61 2.18
C VAL A 35 12.30 9.93 1.76
N PRO A 36 12.48 10.29 0.48
CA PRO A 36 11.92 11.53 -0.08
C PRO A 36 10.41 11.49 -0.19
N GLU A 37 9.78 12.66 -0.07
CA GLU A 37 8.32 12.76 -0.16
C GLU A 37 7.82 12.05 -1.41
N GLU A 38 8.63 12.02 -2.45
CA GLU A 38 8.26 11.38 -3.71
C GLU A 38 8.15 9.87 -3.53
N LYS A 39 9.06 9.30 -2.76
CA LYS A 39 9.07 7.87 -2.50
C LYS A 39 7.66 7.36 -2.23
N ALA A 40 7.07 7.81 -1.13
CA ALA A 40 5.72 7.40 -0.76
C ALA A 40 4.72 7.78 -1.84
N ALA A 41 4.63 9.07 -2.14
CA ALA A 41 3.72 9.56 -3.16
C ALA A 41 3.74 8.68 -4.40
N LYS A 42 4.91 8.12 -4.69
CA LYS A 42 5.08 7.25 -5.85
C LYS A 42 4.44 5.89 -5.60
N VAL A 43 4.62 5.36 -4.39
CA VAL A 43 4.06 4.06 -4.03
C VAL A 43 2.55 4.05 -4.21
N ALA A 44 1.86 4.86 -3.42
CA ALA A 44 0.40 4.94 -3.49
C ALA A 44 -0.08 4.93 -4.94
N THR A 45 0.50 5.81 -5.75
CA THR A 45 0.12 5.89 -7.16
C THR A 45 0.18 4.52 -7.83
N LYS A 46 1.21 3.76 -7.50
CA LYS A 46 1.38 2.43 -8.07
C LYS A 46 0.33 1.46 -7.54
N ILE A 47 -0.22 1.79 -6.36
CA ILE A 47 -1.25 0.96 -5.74
C ILE A 47 -2.55 1.01 -6.52
N GLU A 48 -3.01 2.22 -6.80
CA GLU A 48 -4.26 2.41 -7.54
C GLU A 48 -4.10 1.93 -8.98
N LYS A 49 -3.16 2.54 -9.70
CA LYS A 49 -2.91 2.19 -11.09
C LYS A 49 -3.03 0.68 -11.30
N GLU A 50 -2.65 -0.09 -10.28
CA GLU A 50 -2.72 -1.54 -10.34
C GLU A 50 -4.09 -2.05 -9.91
N LEU A 51 -4.59 -1.52 -8.80
CA LEU A 51 -5.90 -1.92 -8.28
C LEU A 51 -7.01 -1.53 -9.26
N PHE A 52 -7.15 -0.24 -9.50
CA PHE A 52 -8.18 0.26 -10.42
C PHE A 52 -8.16 -0.52 -11.73
N SER A 53 -7.00 -1.10 -12.06
CA SER A 53 -6.85 -1.86 -13.28
C SER A 53 -7.37 -3.29 -13.10
N PHE A 54 -6.77 -4.01 -12.15
CA PHE A 54 -7.16 -5.38 -11.87
C PHE A 54 -8.67 -5.48 -11.66
N PHE A 55 -9.23 -4.47 -11.00
CA PHE A 55 -10.66 -4.45 -10.71
C PHE A 55 -11.43 -3.77 -11.84
N ARG A 56 -10.72 -2.97 -12.62
CA ARG A 56 -11.33 -2.26 -13.74
C ARG A 56 -12.70 -1.68 -13.34
N ASP A 57 -12.82 -1.34 -12.07
CA ASP A 57 -14.07 -0.77 -11.56
C ASP A 57 -13.92 -0.34 -10.10
N THR A 58 -14.70 0.65 -9.70
CA THR A 58 -14.64 1.16 -8.34
C THR A 58 -15.84 0.65 -7.52
N ASP A 59 -16.13 -0.64 -7.64
CA ASP A 59 -17.24 -1.23 -6.91
C ASP A 59 -16.83 -1.61 -5.49
N ALA A 60 -17.81 -1.94 -4.67
CA ALA A 60 -17.54 -2.33 -3.28
C ALA A 60 -16.26 -3.14 -3.18
N LYS A 61 -16.16 -4.19 -3.99
CA LYS A 61 -14.98 -5.05 -3.98
C LYS A 61 -13.70 -4.23 -4.01
N TYR A 62 -13.50 -3.51 -5.10
CA TYR A 62 -12.31 -2.66 -5.25
C TYR A 62 -11.91 -2.04 -3.92
N LYS A 63 -12.90 -1.53 -3.20
CA LYS A 63 -12.66 -0.89 -1.90
C LYS A 63 -12.22 -1.93 -0.88
N ASN A 64 -13.05 -2.95 -0.67
CA ASN A 64 -12.74 -4.00 0.29
C ASN A 64 -11.25 -4.33 0.28
N LYS A 65 -10.68 -4.41 -0.92
CA LYS A 65 -9.26 -4.72 -1.08
C LYS A 65 -8.40 -3.53 -0.66
N TYR A 66 -8.74 -2.36 -1.18
CA TYR A 66 -7.99 -1.14 -0.86
C TYR A 66 -7.90 -0.94 0.65
N ARG A 67 -9.05 -0.81 1.30
CA ARG A 67 -9.11 -0.61 2.74
C ARG A 67 -8.24 -1.64 3.46
N SER A 68 -8.32 -2.89 3.01
CA SER A 68 -7.54 -3.97 3.61
C SER A 68 -6.04 -3.73 3.44
N LEU A 69 -5.64 -3.40 2.21
CA LEU A 69 -4.24 -3.15 1.91
C LEU A 69 -3.71 -1.99 2.74
N MET A 70 -4.54 -0.96 2.92
CA MET A 70 -4.14 0.21 3.70
C MET A 70 -4.46 0.01 5.18
N PHE A 71 -5.27 -1.01 5.47
CA PHE A 71 -5.65 -1.29 6.85
C PHE A 71 -4.44 -1.76 7.66
N ASN A 72 -3.68 -2.69 7.10
CA ASN A 72 -2.50 -3.23 7.77
C ASN A 72 -1.40 -2.17 7.85
N LEU A 73 -1.31 -1.35 6.81
CA LEU A 73 -0.30 -0.29 6.76
C LEU A 73 -0.39 0.62 7.98
N LYS A 74 -1.61 0.99 8.34
CA LYS A 74 -1.84 1.85 9.50
C LYS A 74 -1.80 1.05 10.80
N ASP A 75 -2.31 -0.18 10.73
CA ASP A 75 -2.34 -1.06 11.90
C ASP A 75 -1.05 -0.92 12.71
N PRO A 76 -1.20 -0.82 14.04
CA PRO A 76 -0.06 -0.68 14.95
C PRO A 76 0.77 -1.96 15.04
N LYS A 77 0.09 -3.10 15.01
CA LYS A 77 0.76 -4.40 15.09
C LYS A 77 1.67 -4.60 13.89
N ASN A 78 1.20 -4.21 12.70
CA ASN A 78 1.97 -4.36 11.48
C ASN A 78 2.85 -3.14 11.24
N ASN A 79 4.13 -3.27 11.62
CA ASN A 79 5.08 -2.17 11.45
C ASN A 79 6.25 -2.61 10.57
N ILE A 80 5.98 -3.51 9.64
CA ILE A 80 7.02 -4.01 8.74
C ILE A 80 6.59 -3.84 7.28
N LEU A 81 5.34 -4.17 7.00
CA LEU A 81 4.81 -4.06 5.64
C LEU A 81 5.20 -2.72 5.02
N PHE A 82 4.61 -1.64 5.54
CA PHE A 82 4.90 -0.30 5.04
C PHE A 82 6.38 -0.14 4.73
N LYS A 83 7.22 -0.58 5.67
CA LYS A 83 8.67 -0.49 5.50
C LYS A 83 9.13 -1.25 4.27
N LYS A 84 8.87 -2.55 4.25
CA LYS A 84 9.26 -3.39 3.13
C LYS A 84 8.84 -2.76 1.81
N VAL A 85 7.71 -2.06 1.83
CA VAL A 85 7.20 -1.40 0.62
C VAL A 85 8.08 -0.23 0.22
N LEU A 86 8.16 0.77 1.10
CA LEU A 86 8.97 1.95 0.83
C LEU A 86 10.39 1.56 0.44
N LYS A 87 11.02 0.72 1.25
CA LYS A 87 12.38 0.26 0.98
C LYS A 87 12.46 -0.42 -0.38
N GLY A 88 11.43 -1.17 -0.73
CA GLY A 88 11.42 -1.86 -2.00
C GLY A 88 11.08 -3.33 -1.87
N GLU A 89 11.42 -3.90 -0.72
CA GLU A 89 11.15 -5.32 -0.47
C GLU A 89 9.84 -5.75 -1.11
N VAL A 90 8.80 -4.95 -0.91
CA VAL A 90 7.49 -5.26 -1.49
C VAL A 90 7.11 -4.24 -2.57
N THR A 91 6.48 -4.73 -3.63
CA THR A 91 6.06 -3.88 -4.73
C THR A 91 4.63 -3.39 -4.55
N PRO A 92 4.37 -2.14 -4.97
CA PRO A 92 3.04 -1.54 -4.86
C PRO A 92 2.03 -2.18 -5.82
N ASP A 93 2.52 -3.09 -6.65
CA ASP A 93 1.66 -3.77 -7.61
C ASP A 93 1.40 -5.21 -7.19
N HIS A 94 2.22 -5.71 -6.27
CA HIS A 94 2.09 -7.07 -5.77
C HIS A 94 1.26 -7.11 -4.48
N LEU A 95 1.33 -6.03 -3.71
CA LEU A 95 0.60 -5.92 -2.46
C LEU A 95 -0.86 -6.37 -2.64
N ILE A 96 -1.36 -6.21 -3.86
CA ILE A 96 -2.73 -6.60 -4.16
C ILE A 96 -2.86 -8.11 -4.32
N ARG A 97 -1.89 -8.71 -5.02
CA ARG A 97 -1.89 -10.15 -5.25
C ARG A 97 -1.69 -10.90 -3.94
N MET A 98 -1.10 -10.22 -2.96
CA MET A 98 -0.85 -10.84 -1.66
C MET A 98 -2.16 -11.30 -1.02
N SER A 99 -2.03 -12.04 0.08
CA SER A 99 -3.20 -12.56 0.78
C SER A 99 -3.44 -11.80 2.08
N PRO A 100 -4.69 -11.81 2.55
CA PRO A 100 -5.09 -11.12 3.78
C PRO A 100 -4.51 -11.79 5.02
N GLU A 101 -3.91 -12.95 4.85
CA GLU A 101 -3.31 -13.69 5.95
C GLU A 101 -1.79 -13.62 5.89
N GLU A 102 -1.26 -13.40 4.69
CA GLU A 102 0.18 -13.31 4.50
C GLU A 102 0.71 -11.95 4.89
N LEU A 103 -0.07 -10.91 4.60
CA LEU A 103 0.31 -9.54 4.93
C LEU A 103 0.77 -9.44 6.38
N ALA A 104 0.23 -10.31 7.23
CA ALA A 104 0.58 -10.33 8.65
C ALA A 104 1.79 -11.21 8.90
N SER A 105 1.89 -12.32 8.16
CA SER A 105 2.99 -13.25 8.31
C SER A 105 4.31 -12.50 8.48
N LYS A 106 4.85 -12.56 9.70
CA LYS A 106 6.11 -11.89 10.01
C LYS A 106 7.29 -12.81 9.71
N GLU A 107 7.53 -13.06 8.42
CA GLU A 107 8.64 -13.92 8.01
C GLU A 107 9.65 -13.13 7.17
N LEU A 108 10.78 -12.82 7.78
CA LEU A 108 11.84 -12.07 7.11
C LEU A 108 12.68 -12.99 6.22
N ALA A 109 12.67 -14.28 6.55
CA ALA A 109 13.43 -15.26 5.78
C ALA A 109 12.62 -15.79 4.60
N ALA A 110 11.76 -14.93 4.05
CA ALA A 110 10.92 -15.30 2.93
C ALA A 110 11.29 -14.51 1.68
N TRP A 111 11.55 -13.22 1.85
CA TRP A 111 11.92 -12.35 0.74
C TRP A 111 13.13 -12.90 0.00
N ARG A 112 13.15 -12.69 -1.31
CA ARG A 112 14.27 -13.17 -2.14
C ARG A 112 15.60 -12.71 -1.57
N ARG A 113 16.69 -13.22 -2.14
CA ARG A 113 18.03 -12.86 -1.69
C ARG A 113 18.48 -11.55 -2.32
N ARG A 114 17.61 -10.56 -2.31
CA ARG A 114 17.91 -9.25 -2.88
C ARG A 114 19.07 -8.59 -2.14
N SER A 115 18.99 -8.60 -0.81
CA SER A 115 20.03 -7.99 0.02
C SER A 115 20.41 -8.92 1.17
N GLY A 116 21.44 -8.53 1.91
CA GLY A 116 21.89 -9.33 3.03
C GLY A 116 21.11 -9.04 4.30
N PRO A 117 20.87 -10.09 5.10
CA PRO A 117 20.13 -9.97 6.36
C PRO A 117 20.91 -9.20 7.43
N SER A 118 20.22 -8.78 8.48
CA SER A 118 20.85 -8.04 9.56
C SER A 118 19.86 -7.79 10.69
N SER A 119 20.04 -8.52 11.79
CA SER A 119 19.16 -8.39 12.95
C SER A 119 19.51 -7.14 13.74
N GLY A 120 18.53 -6.63 14.50
CA GLY A 120 18.75 -5.45 15.30
C GLY A 120 17.60 -5.17 16.25
N GLY A 1 -36.56 4.81 -6.21
CA GLY A 1 -36.56 6.12 -5.59
C GLY A 1 -35.95 7.19 -6.47
N SER A 2 -34.64 7.12 -6.65
CA SER A 2 -33.93 8.10 -7.47
C SER A 2 -32.88 7.41 -8.34
N SER A 3 -32.72 7.90 -9.57
CA SER A 3 -31.75 7.34 -10.51
C SER A 3 -30.47 8.16 -10.50
N GLY A 4 -29.42 7.61 -9.91
CA GLY A 4 -28.14 8.30 -9.87
C GLY A 4 -26.96 7.33 -9.78
N SER A 5 -25.97 7.70 -8.99
CA SER A 5 -24.78 6.87 -8.83
C SER A 5 -24.05 6.70 -10.16
N SER A 6 -23.96 7.79 -10.91
CA SER A 6 -23.30 7.76 -12.21
C SER A 6 -22.05 8.65 -12.21
N GLY A 7 -21.01 8.20 -12.90
CA GLY A 7 -19.78 8.97 -12.96
C GLY A 7 -19.14 9.13 -11.59
N SER A 8 -18.12 9.98 -11.53
CA SER A 8 -17.41 10.23 -10.28
C SER A 8 -16.54 9.04 -9.90
N ALA A 9 -15.96 8.39 -10.90
CA ALA A 9 -15.10 7.23 -10.68
C ALA A 9 -13.67 7.66 -10.43
N ASP A 10 -13.19 8.61 -11.23
CA ASP A 10 -11.82 9.11 -11.09
C ASP A 10 -11.57 9.64 -9.68
N GLN A 11 -12.54 10.39 -9.15
CA GLN A 11 -12.43 10.96 -7.82
C GLN A 11 -12.14 9.87 -6.79
N ILE A 12 -12.97 8.84 -6.79
CA ILE A 12 -12.80 7.73 -5.86
C ILE A 12 -11.36 7.25 -5.82
N ARG A 13 -10.85 6.85 -6.98
CA ARG A 13 -9.47 6.37 -7.09
C ARG A 13 -8.48 7.45 -6.66
N GLN A 14 -8.60 8.62 -7.26
CA GLN A 14 -7.70 9.73 -6.94
C GLN A 14 -7.57 9.90 -5.42
N SER A 15 -8.71 9.91 -4.74
CA SER A 15 -8.72 10.07 -3.29
C SER A 15 -7.83 9.01 -2.62
N VAL A 16 -8.00 7.76 -3.03
CA VAL A 16 -7.22 6.67 -2.48
C VAL A 16 -5.75 7.04 -2.37
N ARG A 17 -5.21 7.64 -3.43
CA ARG A 17 -3.80 8.05 -3.43
C ARG A 17 -3.44 8.77 -2.15
N HIS A 18 -4.16 9.87 -1.88
CA HIS A 18 -3.90 10.66 -0.69
C HIS A 18 -3.96 9.79 0.57
N SER A 19 -5.12 9.21 0.83
CA SER A 19 -5.31 8.36 1.99
C SER A 19 -4.05 7.54 2.27
N LEU A 20 -3.58 6.82 1.26
CA LEU A 20 -2.38 6.00 1.40
C LEU A 20 -1.19 6.83 1.84
N LYS A 21 -0.80 7.79 1.00
CA LYS A 21 0.32 8.66 1.29
C LYS A 21 0.26 9.16 2.73
N ASP A 22 -0.96 9.39 3.22
CA ASP A 22 -1.16 9.86 4.58
C ASP A 22 -0.54 8.91 5.59
N ILE A 23 -0.94 7.64 5.51
CA ILE A 23 -0.42 6.62 6.42
C ILE A 23 1.10 6.50 6.31
N LEU A 24 1.57 6.05 5.15
CA LEU A 24 3.00 5.90 4.92
C LEU A 24 3.76 7.15 5.34
N MET A 25 3.14 8.30 5.14
CA MET A 25 3.76 9.58 5.50
C MET A 25 4.10 9.61 6.98
N LYS A 26 3.26 8.98 7.80
CA LYS A 26 3.47 8.93 9.23
C LYS A 26 4.26 7.69 9.64
N ARG A 27 4.12 6.62 8.85
CA ARG A 27 4.83 5.39 9.12
C ARG A 27 6.30 5.50 8.72
N LEU A 28 6.60 6.45 7.85
CA LEU A 28 7.97 6.66 7.38
C LEU A 28 8.67 7.72 8.23
N THR A 29 7.92 8.75 8.63
CA THR A 29 8.47 9.82 9.44
C THR A 29 8.83 9.34 10.84
N ASP A 30 8.08 8.36 11.32
CA ASP A 30 8.32 7.80 12.65
C ASP A 30 9.43 6.75 12.60
N SER A 31 9.46 5.98 11.52
CA SER A 31 10.46 4.93 11.37
C SER A 31 11.80 5.52 10.94
N ASN A 32 12.83 4.69 10.95
CA ASN A 32 14.17 5.13 10.57
C ASN A 32 14.37 5.04 9.06
N LEU A 33 13.42 5.58 8.31
CA LEU A 33 13.49 5.55 6.85
C LEU A 33 14.11 6.84 6.31
N LYS A 34 13.42 7.95 6.52
CA LYS A 34 13.90 9.25 6.06
C LYS A 34 13.82 9.34 4.54
N VAL A 35 12.72 8.87 3.98
CA VAL A 35 12.52 8.91 2.53
C VAL A 35 11.77 10.17 2.11
N PRO A 36 12.02 10.62 0.88
CA PRO A 36 11.38 11.82 0.32
C PRO A 36 9.90 11.62 0.06
N GLU A 37 9.10 12.64 0.37
CA GLU A 37 7.65 12.57 0.17
C GLU A 37 7.32 11.90 -1.17
N GLU A 38 8.19 12.11 -2.15
CA GLU A 38 7.99 11.53 -3.48
C GLU A 38 7.80 10.02 -3.39
N LYS A 39 8.62 9.37 -2.58
CA LYS A 39 8.55 7.93 -2.39
C LYS A 39 7.11 7.48 -2.15
N ALA A 40 6.58 7.84 -0.98
CA ALA A 40 5.22 7.48 -0.63
C ALA A 40 4.25 7.77 -1.77
N ALA A 41 4.18 9.04 -2.17
CA ALA A 41 3.30 9.45 -3.26
C ALA A 41 3.41 8.50 -4.44
N LYS A 42 4.58 8.47 -5.07
CA LYS A 42 4.82 7.60 -6.22
C LYS A 42 4.19 6.23 -6.00
N VAL A 43 4.53 5.60 -4.88
CA VAL A 43 4.01 4.28 -4.55
C VAL A 43 2.48 4.28 -4.55
N ALA A 44 1.89 5.13 -3.73
CA ALA A 44 0.44 5.24 -3.64
C ALA A 44 -0.18 5.32 -5.03
N THR A 45 0.37 6.19 -5.88
CA THR A 45 -0.14 6.35 -7.24
C THR A 45 -0.09 5.05 -8.01
N LYS A 46 0.81 4.15 -7.60
CA LYS A 46 0.96 2.87 -8.26
C LYS A 46 0.08 1.81 -7.60
N ILE A 47 -0.48 2.16 -6.45
CA ILE A 47 -1.35 1.25 -5.72
C ILE A 47 -2.71 1.10 -6.41
N GLU A 48 -3.26 2.23 -6.84
CA GLU A 48 -4.56 2.23 -7.51
C GLU A 48 -4.41 1.81 -8.97
N LYS A 49 -3.50 2.45 -9.68
CA LYS A 49 -3.26 2.14 -11.09
C LYS A 49 -3.37 0.64 -11.33
N GLU A 50 -2.89 -0.15 -10.38
CA GLU A 50 -2.93 -1.60 -10.49
C GLU A 50 -4.22 -2.16 -9.90
N LEU A 51 -4.74 -1.46 -8.90
CA LEU A 51 -5.99 -1.88 -8.23
C LEU A 51 -7.16 -1.83 -9.21
N PHE A 52 -7.45 -0.63 -9.72
CA PHE A 52 -8.55 -0.45 -10.65
C PHE A 52 -8.43 -1.41 -11.84
N SER A 53 -7.20 -1.66 -12.26
CA SER A 53 -6.93 -2.56 -13.38
C SER A 53 -7.11 -4.01 -12.96
N PHE A 54 -6.72 -4.31 -11.73
CA PHE A 54 -6.82 -5.67 -11.21
C PHE A 54 -8.28 -6.11 -11.14
N PHE A 55 -9.10 -5.35 -10.43
CA PHE A 55 -10.51 -5.65 -10.28
C PHE A 55 -11.29 -5.26 -11.54
N ARG A 56 -10.91 -4.13 -12.13
CA ARG A 56 -11.58 -3.64 -13.32
C ARG A 56 -12.96 -3.09 -13.00
N ASP A 57 -13.11 -2.56 -11.79
CA ASP A 57 -14.39 -2.00 -11.35
C ASP A 57 -14.25 -1.34 -9.98
N THR A 58 -15.01 -0.27 -9.77
CA THR A 58 -14.97 0.45 -8.51
C THR A 58 -16.15 0.07 -7.62
N ASP A 59 -16.28 -1.21 -7.33
CA ASP A 59 -17.37 -1.70 -6.49
C ASP A 59 -16.85 -2.07 -5.10
N ALA A 60 -17.76 -2.53 -4.24
CA ALA A 60 -17.41 -2.92 -2.88
C ALA A 60 -16.01 -3.53 -2.84
N LYS A 61 -15.86 -4.69 -3.46
CA LYS A 61 -14.57 -5.39 -3.49
C LYS A 61 -13.42 -4.39 -3.64
N TYR A 62 -13.41 -3.67 -4.75
CA TYR A 62 -12.37 -2.68 -5.02
C TYR A 62 -11.96 -1.96 -3.74
N LYS A 63 -12.94 -1.43 -3.02
CA LYS A 63 -12.69 -0.73 -1.78
C LYS A 63 -12.33 -1.70 -0.66
N ASN A 64 -12.87 -2.92 -0.74
CA ASN A 64 -12.62 -3.94 0.26
C ASN A 64 -11.14 -4.32 0.28
N LYS A 65 -10.48 -4.18 -0.86
CA LYS A 65 -9.07 -4.51 -0.98
C LYS A 65 -8.20 -3.35 -0.52
N TYR A 66 -8.61 -2.13 -0.85
CA TYR A 66 -7.87 -0.95 -0.46
C TYR A 66 -7.82 -0.80 1.06
N ARG A 67 -9.00 -0.67 1.66
CA ARG A 67 -9.09 -0.52 3.11
C ARG A 67 -8.30 -1.61 3.82
N SER A 68 -8.16 -2.76 3.17
CA SER A 68 -7.42 -3.88 3.74
C SER A 68 -5.92 -3.66 3.62
N LEU A 69 -5.47 -3.35 2.41
CA LEU A 69 -4.06 -3.12 2.15
C LEU A 69 -3.49 -2.08 3.11
N MET A 70 -4.29 -1.05 3.41
CA MET A 70 -3.87 0.00 4.32
C MET A 70 -4.13 -0.41 5.78
N PHE A 71 -5.24 -1.09 6.01
CA PHE A 71 -5.60 -1.53 7.35
C PHE A 71 -4.40 -2.15 8.06
N ASN A 72 -3.55 -2.83 7.29
CA ASN A 72 -2.36 -3.47 7.84
C ASN A 72 -1.19 -2.49 7.90
N LEU A 73 -1.22 -1.50 7.01
CA LEU A 73 -0.15 -0.51 6.95
C LEU A 73 -0.18 0.39 8.18
N LYS A 74 -1.35 0.93 8.49
CA LYS A 74 -1.52 1.81 9.66
C LYS A 74 -1.56 0.99 10.95
N ASP A 75 -1.80 -0.31 10.80
CA ASP A 75 -1.87 -1.20 11.96
C ASP A 75 -0.64 -1.03 12.85
N PRO A 76 -0.88 -0.83 14.16
CA PRO A 76 0.20 -0.64 15.13
C PRO A 76 0.99 -1.92 15.38
N LYS A 77 0.32 -3.06 15.16
CA LYS A 77 0.97 -4.36 15.36
C LYS A 77 1.87 -4.71 14.18
N ASN A 78 1.49 -4.23 12.99
CA ASN A 78 2.27 -4.49 11.79
C ASN A 78 3.14 -3.30 11.44
N ASN A 79 4.46 -3.49 11.50
CA ASN A 79 5.40 -2.42 11.20
C ASN A 79 6.49 -2.92 10.25
N ILE A 80 6.09 -3.59 9.18
CA ILE A 80 7.03 -4.13 8.21
C ILE A 80 6.62 -3.75 6.78
N LEU A 81 5.40 -4.15 6.41
CA LEU A 81 4.90 -3.85 5.07
C LEU A 81 5.19 -2.41 4.67
N PHE A 82 4.61 -1.47 5.42
CA PHE A 82 4.82 -0.06 5.14
C PHE A 82 6.28 0.24 4.81
N LYS A 83 7.18 -0.61 5.33
CA LYS A 83 8.60 -0.45 5.10
C LYS A 83 9.05 -1.27 3.89
N LYS A 84 8.42 -2.43 3.71
CA LYS A 84 8.75 -3.31 2.60
C LYS A 84 8.33 -2.69 1.27
N VAL A 85 7.18 -2.03 1.26
CA VAL A 85 6.68 -1.38 0.05
C VAL A 85 7.47 -0.12 -0.26
N LEU A 86 7.83 0.62 0.77
CA LEU A 86 8.59 1.86 0.60
C LEU A 86 10.03 1.56 0.19
N LYS A 87 10.70 0.73 0.97
CA LYS A 87 12.08 0.35 0.68
C LYS A 87 12.20 -0.27 -0.70
N GLY A 88 11.27 -1.16 -1.02
CA GLY A 88 11.29 -1.82 -2.32
C GLY A 88 10.98 -3.30 -2.23
N GLU A 89 11.30 -3.89 -1.08
CA GLU A 89 11.05 -5.31 -0.87
C GLU A 89 9.78 -5.77 -1.59
N VAL A 90 8.70 -5.00 -1.40
CA VAL A 90 7.43 -5.32 -2.03
C VAL A 90 7.03 -4.25 -3.03
N THR A 91 6.37 -4.67 -4.11
CA THR A 91 5.92 -3.74 -5.14
C THR A 91 4.50 -3.27 -4.88
N PRO A 92 4.16 -2.09 -5.40
CA PRO A 92 2.82 -1.51 -5.26
C PRO A 92 1.76 -2.27 -6.04
N ASP A 93 2.19 -2.98 -7.08
CA ASP A 93 1.28 -3.75 -7.91
C ASP A 93 0.99 -5.11 -7.28
N HIS A 94 2.02 -5.74 -6.73
CA HIS A 94 1.88 -7.05 -6.10
C HIS A 94 1.21 -6.91 -4.74
N LEU A 95 1.52 -5.83 -4.04
CA LEU A 95 0.94 -5.57 -2.72
C LEU A 95 -0.56 -5.86 -2.71
N ILE A 96 -1.17 -5.80 -3.89
CA ILE A 96 -2.60 -6.07 -4.02
C ILE A 96 -2.88 -7.56 -4.14
N ARG A 97 -1.96 -8.29 -4.78
CA ARG A 97 -2.11 -9.72 -4.96
C ARG A 97 -1.20 -10.48 -4.02
N MET A 98 -1.01 -9.94 -2.81
CA MET A 98 -0.17 -10.57 -1.81
C MET A 98 -1.00 -11.39 -0.83
N SER A 99 -0.48 -12.55 -0.44
CA SER A 99 -1.17 -13.43 0.50
C SER A 99 -1.70 -12.63 1.69
N PRO A 100 -2.87 -13.03 2.20
CA PRO A 100 -3.50 -12.38 3.36
C PRO A 100 -2.74 -12.63 4.64
N GLU A 101 -1.75 -13.53 4.59
CA GLU A 101 -0.95 -13.86 5.76
C GLU A 101 0.41 -13.19 5.70
N GLU A 102 0.75 -12.66 4.52
CA GLU A 102 2.04 -12.00 4.34
C GLU A 102 1.96 -10.53 4.78
N LEU A 103 0.78 -9.94 4.61
CA LEU A 103 0.57 -8.54 4.99
C LEU A 103 1.03 -8.30 6.42
N ALA A 104 0.76 -9.26 7.30
CA ALA A 104 1.15 -9.15 8.69
C ALA A 104 2.53 -9.73 8.93
N SER A 105 2.83 -10.85 8.27
CA SER A 105 4.12 -11.51 8.42
C SER A 105 5.23 -10.49 8.57
N LYS A 106 6.22 -10.81 9.40
CA LYS A 106 7.35 -9.93 9.63
C LYS A 106 8.67 -10.63 9.32
N GLU A 107 8.70 -11.36 8.21
CA GLU A 107 9.90 -12.08 7.80
C GLU A 107 10.71 -11.26 6.79
N LEU A 108 11.94 -10.93 7.15
CA LEU A 108 12.81 -10.17 6.28
C LEU A 108 13.95 -11.02 5.76
N ALA A 109 13.91 -12.31 6.07
CA ALA A 109 14.94 -13.24 5.62
C ALA A 109 14.49 -14.01 4.38
N ALA A 110 13.18 -13.98 4.12
CA ALA A 110 12.61 -14.68 2.97
C ALA A 110 12.90 -13.91 1.68
N TRP A 111 12.69 -12.60 1.71
CA TRP A 111 12.92 -11.75 0.55
C TRP A 111 14.25 -12.10 -0.12
N ARG A 112 14.21 -12.29 -1.43
CA ARG A 112 15.40 -12.63 -2.20
C ARG A 112 16.36 -11.44 -2.26
N ARG A 113 17.47 -11.62 -2.96
CA ARG A 113 18.46 -10.56 -3.10
C ARG A 113 18.64 -10.16 -4.56
N ARG A 114 19.57 -9.25 -4.82
CA ARG A 114 19.83 -8.78 -6.17
C ARG A 114 21.20 -8.10 -6.25
N SER A 115 21.66 -7.86 -7.47
CA SER A 115 22.95 -7.21 -7.69
C SER A 115 22.78 -5.71 -7.91
N GLY A 116 23.89 -4.99 -7.84
CA GLY A 116 23.84 -3.55 -8.02
C GLY A 116 22.89 -3.14 -9.13
N PRO A 117 22.23 -1.98 -8.95
CA PRO A 117 21.27 -1.45 -9.92
C PRO A 117 21.96 -0.97 -11.20
N SER A 118 21.55 -1.54 -12.34
CA SER A 118 22.12 -1.18 -13.63
C SER A 118 22.10 0.33 -13.82
N SER A 119 23.28 0.95 -13.77
CA SER A 119 23.39 2.40 -13.93
C SER A 119 23.01 2.81 -15.34
N GLY A 120 22.62 4.07 -15.49
CA GLY A 120 22.23 4.58 -16.80
C GLY A 120 20.86 4.08 -17.22
N GLY A 1 -22.35 19.17 5.56
CA GLY A 1 -23.30 18.81 4.52
C GLY A 1 -23.07 17.40 4.00
N SER A 2 -22.69 17.29 2.72
CA SER A 2 -22.45 15.99 2.10
C SER A 2 -23.76 15.22 1.93
N SER A 3 -24.81 15.93 1.55
CA SER A 3 -26.12 15.32 1.35
C SER A 3 -26.49 15.29 -0.13
N GLY A 4 -26.63 14.09 -0.68
CA GLY A 4 -26.98 13.95 -2.08
C GLY A 4 -25.99 13.10 -2.84
N SER A 5 -25.60 13.56 -4.03
CA SER A 5 -24.65 12.83 -4.86
C SER A 5 -23.57 12.19 -4.00
N SER A 6 -23.37 10.88 -4.18
CA SER A 6 -22.35 10.15 -3.43
C SER A 6 -20.96 10.58 -3.85
N GLY A 7 -20.64 10.41 -5.12
CA GLY A 7 -19.34 10.78 -5.63
C GLY A 7 -19.13 10.37 -7.07
N SER A 8 -17.87 10.21 -7.47
CA SER A 8 -17.54 9.81 -8.83
C SER A 8 -16.30 8.94 -8.85
N ALA A 9 -16.27 7.99 -9.79
CA ALA A 9 -15.14 7.07 -9.93
C ALA A 9 -13.82 7.81 -9.72
N ASP A 10 -13.54 8.75 -10.60
CA ASP A 10 -12.30 9.53 -10.52
C ASP A 10 -12.03 9.96 -9.09
N GLN A 11 -12.92 10.78 -8.54
CA GLN A 11 -12.76 11.27 -7.17
C GLN A 11 -12.34 10.14 -6.23
N ILE A 12 -13.03 9.01 -6.32
CA ILE A 12 -12.73 7.87 -5.48
C ILE A 12 -11.27 7.45 -5.63
N ARG A 13 -10.85 7.22 -6.87
CA ARG A 13 -9.48 6.81 -7.14
C ARG A 13 -8.48 7.85 -6.61
N GLN A 14 -8.73 9.12 -6.95
CA GLN A 14 -7.86 10.20 -6.52
C GLN A 14 -7.75 10.23 -4.99
N SER A 15 -8.89 10.10 -4.32
CA SER A 15 -8.92 10.12 -2.86
C SER A 15 -8.01 9.04 -2.28
N VAL A 16 -8.06 7.85 -2.88
CA VAL A 16 -7.24 6.73 -2.44
C VAL A 16 -5.77 7.14 -2.33
N ARG A 17 -5.23 7.68 -3.41
CA ARG A 17 -3.83 8.11 -3.43
C ARG A 17 -3.47 8.84 -2.15
N HIS A 18 -4.15 9.95 -1.89
CA HIS A 18 -3.89 10.74 -0.69
C HIS A 18 -3.95 9.86 0.56
N SER A 19 -5.11 9.27 0.81
CA SER A 19 -5.30 8.41 1.97
C SER A 19 -4.11 7.49 2.17
N LEU A 20 -3.86 6.63 1.18
CA LEU A 20 -2.74 5.69 1.24
C LEU A 20 -1.44 6.42 1.58
N LYS A 21 -1.03 7.31 0.70
CA LYS A 21 0.21 8.07 0.90
C LYS A 21 0.32 8.53 2.35
N ASP A 22 -0.67 9.29 2.81
CA ASP A 22 -0.68 9.79 4.18
C ASP A 22 -0.06 8.77 5.13
N ILE A 23 -0.63 7.57 5.17
CA ILE A 23 -0.14 6.51 6.04
C ILE A 23 1.38 6.35 5.90
N LEU A 24 1.82 6.11 4.67
CA LEU A 24 3.25 5.93 4.40
C LEU A 24 4.03 7.17 4.82
N MET A 25 3.41 8.34 4.70
CA MET A 25 4.05 9.59 5.08
C MET A 25 4.11 9.74 6.59
N LYS A 26 3.19 9.09 7.29
CA LYS A 26 3.14 9.15 8.74
C LYS A 26 4.02 8.07 9.36
N ARG A 27 4.12 6.93 8.68
CA ARG A 27 4.93 5.82 9.17
C ARG A 27 6.41 6.06 8.88
N LEU A 28 6.69 6.88 7.88
CA LEU A 28 8.06 7.19 7.50
C LEU A 28 8.60 8.36 8.32
N THR A 29 7.75 9.37 8.53
CA THR A 29 8.14 10.54 9.31
C THR A 29 8.46 10.17 10.75
N ASP A 30 7.95 9.02 11.18
CA ASP A 30 8.19 8.56 12.55
C ASP A 30 9.47 7.72 12.63
N SER A 31 9.55 6.70 11.78
CA SER A 31 10.72 5.82 11.75
C SER A 31 11.95 6.57 11.28
N ASN A 32 13.07 5.87 11.20
CA ASN A 32 14.33 6.47 10.76
C ASN A 32 14.50 6.31 9.25
N LEU A 33 13.45 6.63 8.51
CA LEU A 33 13.50 6.53 7.05
C LEU A 33 13.89 7.86 6.42
N LYS A 34 14.91 7.83 5.58
CA LYS A 34 15.38 9.04 4.90
C LYS A 34 14.85 9.12 3.49
N VAL A 35 13.92 8.23 3.15
CA VAL A 35 13.32 8.20 1.82
C VAL A 35 12.70 9.55 1.47
N PRO A 36 12.66 9.86 0.17
CA PRO A 36 12.10 11.12 -0.33
C PRO A 36 10.58 11.16 -0.18
N GLU A 37 10.02 12.36 -0.29
CA GLU A 37 8.58 12.55 -0.17
C GLU A 37 7.84 11.77 -1.26
N GLU A 38 8.30 11.93 -2.50
CA GLU A 38 7.68 11.25 -3.62
C GLU A 38 7.54 9.75 -3.36
N LYS A 39 8.55 9.18 -2.72
CA LYS A 39 8.56 7.76 -2.39
C LYS A 39 7.17 7.30 -1.97
N ALA A 40 6.64 7.92 -0.92
CA ALA A 40 5.31 7.57 -0.41
C ALA A 40 4.24 7.84 -1.46
N ALA A 41 4.46 8.85 -2.29
CA ALA A 41 3.51 9.20 -3.34
C ALA A 41 3.47 8.13 -4.42
N LYS A 42 4.58 7.97 -5.13
CA LYS A 42 4.67 6.98 -6.20
C LYS A 42 3.96 5.69 -5.80
N VAL A 43 4.25 5.20 -4.61
CA VAL A 43 3.63 3.97 -4.11
C VAL A 43 2.11 4.07 -4.16
N ALA A 44 1.57 5.06 -3.47
CA ALA A 44 0.13 5.27 -3.42
C ALA A 44 -0.46 5.35 -4.84
N THR A 45 0.27 6.00 -5.74
CA THR A 45 -0.17 6.14 -7.12
C THR A 45 -0.12 4.81 -7.86
N LYS A 46 0.75 3.92 -7.40
CA LYS A 46 0.89 2.61 -8.00
C LYS A 46 -0.21 1.66 -7.53
N ILE A 47 -0.57 1.76 -6.27
CA ILE A 47 -1.60 0.92 -5.69
C ILE A 47 -2.85 0.90 -6.57
N GLU A 48 -3.38 2.09 -6.87
CA GLU A 48 -4.56 2.22 -7.70
C GLU A 48 -4.28 1.72 -9.12
N LYS A 49 -3.30 2.35 -9.76
CA LYS A 49 -2.93 1.99 -11.13
C LYS A 49 -3.09 0.49 -11.36
N GLU A 50 -2.76 -0.30 -10.33
CA GLU A 50 -2.87 -1.74 -10.42
C GLU A 50 -4.24 -2.22 -9.94
N LEU A 51 -4.68 -1.67 -8.81
CA LEU A 51 -5.97 -2.04 -8.24
C LEU A 51 -7.09 -1.86 -9.25
N PHE A 52 -7.25 -0.64 -9.75
CA PHE A 52 -8.27 -0.34 -10.73
C PHE A 52 -8.07 -1.16 -12.01
N SER A 53 -6.82 -1.41 -12.35
CA SER A 53 -6.48 -2.17 -13.54
C SER A 53 -6.68 -3.66 -13.30
N PHE A 54 -6.72 -4.05 -12.03
CA PHE A 54 -6.91 -5.45 -11.66
C PHE A 54 -8.37 -5.76 -11.43
N PHE A 55 -9.11 -4.78 -10.93
CA PHE A 55 -10.54 -4.95 -10.66
C PHE A 55 -11.38 -4.34 -11.77
N ARG A 56 -10.75 -3.51 -12.60
CA ARG A 56 -11.44 -2.86 -13.71
C ARG A 56 -12.80 -2.32 -13.25
N ASP A 57 -12.89 -1.96 -11.98
CA ASP A 57 -14.13 -1.43 -11.42
C ASP A 57 -13.92 -0.92 -10.00
N THR A 58 -14.76 0.01 -9.57
CA THR A 58 -14.66 0.58 -8.23
C THR A 58 -15.84 0.14 -7.37
N ASP A 59 -16.14 -1.15 -7.40
CA ASP A 59 -17.24 -1.69 -6.62
C ASP A 59 -16.77 -2.12 -5.23
N ALA A 60 -17.67 -2.72 -4.45
CA ALA A 60 -17.33 -3.17 -3.11
C ALA A 60 -16.01 -3.93 -3.09
N LYS A 61 -15.84 -4.84 -4.06
CA LYS A 61 -14.61 -5.62 -4.15
C LYS A 61 -13.38 -4.73 -4.21
N TYR A 62 -13.54 -3.56 -4.83
CA TYR A 62 -12.44 -2.62 -4.95
C TYR A 62 -12.07 -2.03 -3.59
N LYS A 63 -13.03 -1.32 -2.98
CA LYS A 63 -12.82 -0.72 -1.67
C LYS A 63 -12.37 -1.75 -0.65
N ASN A 64 -13.08 -2.88 -0.61
CA ASN A 64 -12.75 -3.94 0.33
C ASN A 64 -11.26 -4.25 0.31
N LYS A 65 -10.65 -4.15 -0.86
CA LYS A 65 -9.22 -4.40 -1.01
C LYS A 65 -8.41 -3.20 -0.57
N TYR A 66 -8.79 -2.02 -1.05
CA TYR A 66 -8.09 -0.79 -0.70
C TYR A 66 -7.97 -0.64 0.81
N ARG A 67 -9.10 -0.78 1.50
CA ARG A 67 -9.13 -0.66 2.95
C ARG A 67 -8.29 -1.75 3.60
N SER A 68 -8.29 -2.94 3.00
CA SER A 68 -7.54 -4.07 3.53
C SER A 68 -6.04 -3.85 3.36
N LEU A 69 -5.66 -3.26 2.23
CA LEU A 69 -4.25 -2.99 1.95
C LEU A 69 -3.69 -1.94 2.91
N MET A 70 -4.47 -0.89 3.15
CA MET A 70 -4.05 0.18 4.05
C MET A 70 -4.31 -0.20 5.50
N PHE A 71 -5.11 -1.25 5.70
CA PHE A 71 -5.44 -1.72 7.05
C PHE A 71 -4.24 -2.40 7.69
N ASN A 72 -3.45 -3.09 6.88
CA ASN A 72 -2.26 -3.78 7.39
C ASN A 72 -1.09 -2.81 7.54
N LEU A 73 -1.25 -1.61 7.00
CA LEU A 73 -0.21 -0.59 7.09
C LEU A 73 -0.36 0.25 8.36
N LYS A 74 -1.61 0.61 8.67
CA LYS A 74 -1.90 1.41 9.86
C LYS A 74 -1.95 0.54 11.10
N ASP A 75 -2.14 -0.77 10.90
CA ASP A 75 -2.21 -1.71 12.01
C ASP A 75 -0.90 -1.72 12.80
N PRO A 76 -1.01 -1.60 14.13
CA PRO A 76 0.15 -1.58 15.03
C PRO A 76 0.84 -2.94 15.10
N LYS A 77 0.07 -4.00 14.89
CA LYS A 77 0.60 -5.36 14.95
C LYS A 77 1.36 -5.69 13.67
N ASN A 78 1.33 -4.76 12.71
CA ASN A 78 2.03 -4.95 11.44
C ASN A 78 2.88 -3.74 11.10
N ASN A 79 4.03 -3.63 11.75
CA ASN A 79 4.94 -2.52 11.52
C ASN A 79 6.12 -2.94 10.65
N ILE A 80 5.82 -3.56 9.51
CA ILE A 80 6.85 -4.01 8.59
C ILE A 80 6.50 -3.65 7.15
N LEU A 81 5.29 -4.02 6.73
CA LEU A 81 4.84 -3.73 5.37
C LEU A 81 5.13 -2.28 5.00
N PHE A 82 4.55 -1.35 5.74
CA PHE A 82 4.75 0.07 5.49
C PHE A 82 6.20 0.35 5.08
N LYS A 83 7.12 -0.48 5.57
CA LYS A 83 8.53 -0.33 5.26
C LYS A 83 8.91 -1.16 4.04
N LYS A 84 8.79 -2.47 4.17
CA LYS A 84 9.11 -3.39 3.08
C LYS A 84 8.78 -2.77 1.73
N VAL A 85 7.62 -2.11 1.65
CA VAL A 85 7.19 -1.47 0.42
C VAL A 85 8.08 -0.28 0.07
N LEU A 86 8.13 0.70 0.96
CA LEU A 86 8.95 1.88 0.74
C LEU A 86 10.39 1.50 0.40
N LYS A 87 10.99 0.66 1.23
CA LYS A 87 12.36 0.21 1.00
C LYS A 87 12.50 -0.44 -0.37
N GLY A 88 11.52 -1.29 -0.71
CA GLY A 88 11.56 -1.97 -1.99
C GLY A 88 11.19 -3.43 -1.89
N GLU A 89 11.48 -4.03 -0.74
CA GLU A 89 11.17 -5.44 -0.51
C GLU A 89 9.86 -5.82 -1.21
N VAL A 90 8.84 -4.99 -1.03
CA VAL A 90 7.54 -5.24 -1.65
C VAL A 90 7.18 -4.15 -2.63
N THR A 91 6.40 -4.51 -3.65
CA THR A 91 5.97 -3.56 -4.67
C THR A 91 4.51 -3.17 -4.48
N PRO A 92 4.12 -2.02 -5.06
CA PRO A 92 2.76 -1.52 -4.98
C PRO A 92 1.78 -2.36 -5.77
N ASP A 93 2.29 -3.11 -6.75
CA ASP A 93 1.45 -3.96 -7.58
C ASP A 93 1.19 -5.30 -6.90
N HIS A 94 2.26 -6.01 -6.56
CA HIS A 94 2.14 -7.30 -5.89
C HIS A 94 1.41 -7.17 -4.56
N LEU A 95 1.53 -6.00 -3.94
CA LEU A 95 0.87 -5.74 -2.66
C LEU A 95 -0.59 -6.17 -2.70
N ILE A 96 -1.14 -6.28 -3.91
CA ILE A 96 -2.53 -6.69 -4.08
C ILE A 96 -2.64 -8.20 -4.29
N ARG A 97 -1.81 -8.73 -5.17
CA ARG A 97 -1.81 -10.16 -5.46
C ARG A 97 -1.46 -10.96 -4.21
N MET A 98 -0.83 -10.30 -3.25
CA MET A 98 -0.43 -10.95 -2.01
C MET A 98 -1.65 -11.50 -1.27
N SER A 99 -1.40 -12.41 -0.34
CA SER A 99 -2.48 -13.02 0.44
C SER A 99 -2.80 -12.17 1.66
N PRO A 100 -4.04 -12.32 2.17
CA PRO A 100 -4.51 -11.57 3.34
C PRO A 100 -3.81 -12.02 4.63
N GLU A 101 -3.00 -13.07 4.53
CA GLU A 101 -2.28 -13.59 5.67
C GLU A 101 -0.80 -13.21 5.62
N GLU A 102 -0.32 -12.93 4.42
CA GLU A 102 1.08 -12.56 4.22
C GLU A 102 1.29 -11.09 4.56
N LEU A 103 0.23 -10.30 4.47
CA LEU A 103 0.31 -8.87 4.77
C LEU A 103 0.49 -8.63 6.27
N ALA A 104 -0.04 -9.56 7.07
CA ALA A 104 0.08 -9.45 8.52
C ALA A 104 1.21 -10.32 9.05
N SER A 105 1.91 -10.99 8.14
CA SER A 105 3.02 -11.85 8.51
C SER A 105 4.29 -11.05 8.74
N LYS A 106 4.70 -10.95 10.01
CA LYS A 106 5.91 -10.20 10.37
C LYS A 106 7.15 -11.08 10.23
N GLU A 107 7.52 -11.38 8.99
CA GLU A 107 8.69 -12.20 8.73
C GLU A 107 9.64 -11.51 7.75
N LEU A 108 10.81 -11.12 8.26
CA LEU A 108 11.81 -10.45 7.43
C LEU A 108 12.98 -11.38 7.11
N ALA A 109 12.66 -12.65 6.88
CA ALA A 109 13.68 -13.65 6.56
C ALA A 109 13.48 -14.21 5.16
N ALA A 110 12.23 -14.17 4.68
CA ALA A 110 11.91 -14.67 3.35
C ALA A 110 12.54 -13.81 2.26
N TRP A 111 12.41 -12.49 2.40
CA TRP A 111 12.97 -11.56 1.44
C TRP A 111 14.41 -11.93 1.10
N ARG A 112 14.67 -12.20 -0.17
CA ARG A 112 16.01 -12.56 -0.62
C ARG A 112 17.07 -11.81 0.17
N ARG A 113 16.79 -10.55 0.48
CA ARG A 113 17.72 -9.71 1.23
C ARG A 113 17.76 -10.14 2.70
N ARG A 114 18.57 -11.17 2.98
CA ARG A 114 18.70 -11.67 4.34
C ARG A 114 19.37 -10.64 5.24
N SER A 115 20.57 -10.23 4.87
CA SER A 115 21.33 -9.25 5.64
C SER A 115 21.03 -7.83 5.16
N GLY A 116 20.47 -7.02 6.04
CA GLY A 116 20.14 -5.65 5.69
C GLY A 116 20.11 -4.73 6.90
N PRO A 117 19.80 -3.45 6.67
CA PRO A 117 19.73 -2.44 7.73
C PRO A 117 18.55 -2.66 8.66
N SER A 118 18.81 -3.30 9.80
CA SER A 118 17.76 -3.57 10.77
C SER A 118 18.17 -3.10 12.16
N SER A 119 17.19 -2.86 13.02
CA SER A 119 17.44 -2.40 14.38
C SER A 119 17.34 -3.56 15.38
N GLY A 120 17.84 -3.33 16.59
CA GLY A 120 17.79 -4.36 17.61
C GLY A 120 17.77 -3.78 19.01
N GLY A 1 -22.81 10.75 -4.85
CA GLY A 1 -22.62 10.35 -6.24
C GLY A 1 -23.77 9.52 -6.76
N SER A 2 -24.48 10.06 -7.75
CA SER A 2 -25.63 9.37 -8.33
C SER A 2 -25.20 8.01 -8.91
N SER A 3 -25.74 6.94 -8.34
CA SER A 3 -25.41 5.59 -8.78
C SER A 3 -25.42 5.52 -10.31
N GLY A 4 -24.23 5.41 -10.90
CA GLY A 4 -24.12 5.34 -12.34
C GLY A 4 -22.69 5.11 -12.80
N SER A 5 -22.50 5.01 -14.11
CA SER A 5 -21.18 4.80 -14.69
C SER A 5 -20.54 6.13 -15.08
N SER A 6 -19.24 6.10 -15.35
CA SER A 6 -18.51 7.29 -15.75
C SER A 6 -19.02 8.52 -14.98
N GLY A 7 -19.29 8.33 -13.69
CA GLY A 7 -19.77 9.43 -12.88
C GLY A 7 -18.68 10.07 -12.05
N SER A 8 -18.42 9.51 -10.86
CA SER A 8 -17.40 10.03 -9.97
C SER A 8 -16.35 8.96 -9.65
N ALA A 9 -15.98 8.18 -10.67
CA ALA A 9 -14.99 7.13 -10.48
C ALA A 9 -13.62 7.71 -10.14
N ASP A 10 -13.07 8.49 -11.05
CA ASP A 10 -11.76 9.11 -10.84
C ASP A 10 -11.66 9.70 -9.43
N GLN A 11 -12.69 10.43 -9.03
CA GLN A 11 -12.71 11.05 -7.70
C GLN A 11 -12.46 10.01 -6.61
N ILE A 12 -13.13 8.87 -6.73
CA ILE A 12 -12.97 7.79 -5.76
C ILE A 12 -11.51 7.35 -5.64
N ARG A 13 -10.92 7.01 -6.77
CA ARG A 13 -9.53 6.57 -6.80
C ARG A 13 -8.61 7.64 -6.22
N GLN A 14 -8.69 8.86 -6.77
CA GLN A 14 -7.87 9.96 -6.30
C GLN A 14 -7.76 9.96 -4.78
N SER A 15 -8.90 9.87 -4.11
CA SER A 15 -8.93 9.85 -2.65
C SER A 15 -8.04 8.75 -2.10
N VAL A 16 -8.19 7.54 -2.65
CA VAL A 16 -7.40 6.40 -2.21
C VAL A 16 -5.92 6.75 -2.15
N ARG A 17 -5.42 7.42 -3.19
CA ARG A 17 -4.03 7.82 -3.25
C ARG A 17 -3.62 8.60 -2.00
N HIS A 18 -4.19 9.79 -1.84
CA HIS A 18 -3.89 10.63 -0.69
C HIS A 18 -3.90 9.81 0.60
N SER A 19 -5.04 9.21 0.90
CA SER A 19 -5.19 8.39 2.11
C SER A 19 -3.95 7.54 2.34
N LEU A 20 -3.52 6.83 1.29
CA LEU A 20 -2.34 5.97 1.38
C LEU A 20 -1.10 6.78 1.78
N LYS A 21 -0.80 7.80 0.98
CA LYS A 21 0.36 8.65 1.25
C LYS A 21 0.29 9.22 2.67
N ASP A 22 -0.92 9.39 3.18
CA ASP A 22 -1.11 9.92 4.53
C ASP A 22 -0.51 8.98 5.57
N ILE A 23 -0.78 7.69 5.42
CA ILE A 23 -0.27 6.69 6.34
C ILE A 23 1.23 6.49 6.17
N LEU A 24 1.64 6.06 4.98
CA LEU A 24 3.04 5.83 4.69
C LEU A 24 3.88 7.06 5.04
N MET A 25 3.21 8.19 5.21
CA MET A 25 3.91 9.43 5.56
C MET A 25 4.23 9.47 7.05
N LYS A 26 3.20 9.31 7.88
CA LYS A 26 3.38 9.32 9.33
C LYS A 26 4.17 8.10 9.79
N ARG A 27 4.16 7.05 8.97
CA ARG A 27 4.86 5.82 9.30
C ARG A 27 6.35 5.93 8.95
N LEU A 28 6.64 6.56 7.82
CA LEU A 28 8.01 6.74 7.37
C LEU A 28 8.69 7.88 8.14
N THR A 29 7.95 8.97 8.34
CA THR A 29 8.48 10.12 9.04
C THR A 29 8.93 9.75 10.45
N ASP A 30 8.25 8.78 11.05
CA ASP A 30 8.57 8.32 12.39
C ASP A 30 9.79 7.41 12.37
N SER A 31 9.73 6.36 11.54
CA SER A 31 10.83 5.41 11.43
C SER A 31 12.11 6.10 10.98
N ASN A 32 13.18 5.32 10.81
CA ASN A 32 14.46 5.86 10.37
C ASN A 32 14.59 5.80 8.85
N LEU A 33 13.56 6.27 8.16
CA LEU A 33 13.56 6.27 6.70
C LEU A 33 13.76 7.68 6.15
N LYS A 34 14.81 7.85 5.35
CA LYS A 34 15.10 9.16 4.75
C LYS A 34 14.63 9.21 3.30
N VAL A 35 13.56 8.48 3.01
CA VAL A 35 13.01 8.45 1.66
C VAL A 35 12.34 9.78 1.32
N PRO A 36 12.40 10.15 0.03
CA PRO A 36 11.81 11.40 -0.46
C PRO A 36 10.28 11.36 -0.45
N GLU A 37 9.67 12.50 -0.10
CA GLU A 37 8.22 12.59 -0.06
C GLU A 37 7.59 11.90 -1.26
N GLU A 38 8.23 12.03 -2.41
CA GLU A 38 7.73 11.42 -3.64
C GLU A 38 7.55 9.92 -3.47
N LYS A 39 8.56 9.27 -2.89
CA LYS A 39 8.54 7.83 -2.67
C LYS A 39 7.15 7.38 -2.24
N ALA A 40 6.70 7.88 -1.09
CA ALA A 40 5.38 7.53 -0.57
C ALA A 40 4.29 7.76 -1.61
N ALA A 41 4.30 8.96 -2.21
CA ALA A 41 3.32 9.30 -3.22
C ALA A 41 3.36 8.31 -4.39
N LYS A 42 4.44 8.37 -5.16
CA LYS A 42 4.61 7.48 -6.30
C LYS A 42 4.05 6.09 -6.01
N VAL A 43 4.44 5.55 -4.86
CA VAL A 43 3.98 4.22 -4.45
C VAL A 43 2.45 4.15 -4.45
N ALA A 44 1.82 5.02 -3.67
CA ALA A 44 0.36 5.05 -3.58
C ALA A 44 -0.26 5.29 -4.96
N THR A 45 0.42 6.08 -5.78
CA THR A 45 -0.08 6.39 -7.12
C THR A 45 -0.22 5.12 -7.95
N LYS A 46 0.61 4.13 -7.67
CA LYS A 46 0.58 2.86 -8.39
C LYS A 46 -0.44 1.91 -7.77
N ILE A 47 -0.49 1.90 -6.44
CA ILE A 47 -1.43 1.04 -5.72
C ILE A 47 -2.75 0.91 -6.47
N GLU A 48 -3.38 2.05 -6.74
CA GLU A 48 -4.65 2.07 -7.45
C GLU A 48 -4.45 1.82 -8.94
N LYS A 49 -3.33 2.31 -9.47
CA LYS A 49 -3.02 2.14 -10.88
C LYS A 49 -3.16 0.68 -11.31
N GLU A 50 -2.71 -0.22 -10.44
CA GLU A 50 -2.78 -1.65 -10.72
C GLU A 50 -4.14 -2.21 -10.31
N LEU A 51 -4.61 -1.81 -9.14
CA LEU A 51 -5.90 -2.27 -8.64
C LEU A 51 -7.02 -1.98 -9.62
N PHE A 52 -7.22 -0.70 -9.94
CA PHE A 52 -8.25 -0.29 -10.88
C PHE A 52 -8.28 -1.23 -12.08
N SER A 53 -7.11 -1.56 -12.60
CA SER A 53 -6.99 -2.44 -13.76
C SER A 53 -7.36 -3.88 -13.38
N PHE A 54 -6.56 -4.48 -12.52
CA PHE A 54 -6.79 -5.85 -12.07
C PHE A 54 -8.29 -6.10 -11.88
N PHE A 55 -8.93 -5.25 -11.08
CA PHE A 55 -10.35 -5.39 -10.80
C PHE A 55 -11.18 -4.91 -11.98
N ARG A 56 -10.85 -3.72 -12.50
CA ARG A 56 -11.57 -3.15 -13.63
C ARG A 56 -12.93 -2.62 -13.20
N ASP A 57 -13.00 -2.11 -11.98
CA ASP A 57 -14.25 -1.58 -11.45
C ASP A 57 -14.01 -0.86 -10.11
N THR A 58 -14.93 0.01 -9.74
CA THR A 58 -14.82 0.76 -8.49
C THR A 58 -16.00 0.46 -7.57
N ASP A 59 -16.32 -0.81 -7.41
CA ASP A 59 -17.43 -1.22 -6.56
C ASP A 59 -16.93 -1.64 -5.18
N ALA A 60 -17.86 -1.99 -4.29
CA ALA A 60 -17.52 -2.39 -2.94
C ALA A 60 -16.19 -3.15 -2.92
N LYS A 61 -16.17 -4.33 -3.54
CA LYS A 61 -14.97 -5.15 -3.60
C LYS A 61 -13.73 -4.29 -3.75
N TYR A 62 -13.64 -3.60 -4.89
CA TYR A 62 -12.49 -2.75 -5.17
C TYR A 62 -11.98 -2.09 -3.89
N LYS A 63 -12.88 -1.39 -3.20
CA LYS A 63 -12.53 -0.72 -1.95
C LYS A 63 -12.12 -1.72 -0.89
N ASN A 64 -12.95 -2.74 -0.69
CA ASN A 64 -12.68 -3.77 0.31
C ASN A 64 -11.20 -4.16 0.30
N LYS A 65 -10.67 -4.41 -0.90
CA LYS A 65 -9.26 -4.78 -1.03
C LYS A 65 -8.35 -3.65 -0.59
N TYR A 66 -8.60 -2.45 -1.10
CA TYR A 66 -7.80 -1.28 -0.76
C TYR A 66 -7.78 -1.07 0.75
N ARG A 67 -8.94 -0.76 1.32
CA ARG A 67 -9.06 -0.52 2.75
C ARG A 67 -8.36 -1.63 3.54
N SER A 68 -8.47 -2.85 3.04
CA SER A 68 -7.85 -4.00 3.71
C SER A 68 -6.33 -3.93 3.62
N LEU A 69 -5.84 -3.53 2.45
CA LEU A 69 -4.40 -3.43 2.23
C LEU A 69 -3.78 -2.43 3.19
N MET A 70 -4.38 -1.24 3.28
CA MET A 70 -3.87 -0.20 4.17
C MET A 70 -4.17 -0.54 5.62
N PHE A 71 -5.26 -1.26 5.85
CA PHE A 71 -5.66 -1.65 7.20
C PHE A 71 -4.45 -2.16 7.99
N ASN A 72 -3.59 -2.91 7.31
CA ASN A 72 -2.39 -3.47 7.95
C ASN A 72 -1.30 -2.41 8.04
N LEU A 73 -1.33 -1.44 7.13
CA LEU A 73 -0.33 -0.38 7.12
C LEU A 73 -0.52 0.57 8.29
N LYS A 74 -1.77 0.93 8.56
CA LYS A 74 -2.10 1.84 9.66
C LYS A 74 -1.95 1.12 11.01
N ASP A 75 -2.00 -0.20 10.97
CA ASP A 75 -1.87 -1.01 12.18
C ASP A 75 -0.43 -1.00 12.69
N PRO A 76 -0.27 -0.67 13.98
CA PRO A 76 1.06 -0.62 14.61
C PRO A 76 1.67 -2.01 14.79
N LYS A 77 0.82 -2.98 15.04
CA LYS A 77 1.27 -4.36 15.22
C LYS A 77 2.12 -4.83 14.04
N ASN A 78 1.80 -4.31 12.86
CA ASN A 78 2.54 -4.68 11.65
C ASN A 78 3.36 -3.50 11.14
N ASN A 79 4.52 -3.28 11.77
CA ASN A 79 5.40 -2.18 11.38
C ASN A 79 6.52 -2.68 10.48
N ILE A 80 6.16 -3.47 9.48
CA ILE A 80 7.14 -4.01 8.54
C ILE A 80 6.74 -3.73 7.09
N LEU A 81 5.47 -3.98 6.78
CA LEU A 81 4.96 -3.75 5.43
C LEU A 81 5.38 -2.39 4.92
N PHE A 82 4.85 -1.33 5.53
CA PHE A 82 5.18 0.03 5.14
C PHE A 82 6.66 0.16 4.81
N LYS A 83 7.49 -0.58 5.53
CA LYS A 83 8.93 -0.55 5.31
C LYS A 83 9.31 -1.35 4.07
N LYS A 84 8.75 -2.54 3.94
CA LYS A 84 9.03 -3.40 2.80
C LYS A 84 8.65 -2.71 1.49
N VAL A 85 7.55 -1.95 1.53
CA VAL A 85 7.09 -1.24 0.35
C VAL A 85 7.99 -0.07 0.02
N LEU A 86 8.14 0.85 0.97
CA LEU A 86 8.99 2.02 0.78
C LEU A 86 10.41 1.61 0.40
N LYS A 87 10.95 0.64 1.13
CA LYS A 87 12.29 0.14 0.88
C LYS A 87 12.41 -0.48 -0.51
N GLY A 88 11.42 -1.30 -0.86
CA GLY A 88 11.41 -1.94 -2.16
C GLY A 88 11.07 -3.41 -2.08
N GLU A 89 11.36 -4.03 -0.94
CA GLU A 89 11.08 -5.44 -0.74
C GLU A 89 9.73 -5.81 -1.35
N VAL A 90 8.79 -4.89 -1.30
CA VAL A 90 7.45 -5.12 -1.85
C VAL A 90 7.09 -4.05 -2.88
N THR A 91 6.31 -4.44 -3.88
CA THR A 91 5.89 -3.52 -4.93
C THR A 91 4.43 -3.09 -4.73
N PRO A 92 4.10 -1.88 -5.22
CA PRO A 92 2.75 -1.34 -5.11
C PRO A 92 1.75 -2.08 -6.00
N ASP A 93 2.26 -2.95 -6.86
CA ASP A 93 1.43 -3.72 -7.76
C ASP A 93 1.11 -5.10 -7.17
N HIS A 94 2.10 -5.68 -6.49
CA HIS A 94 1.93 -6.99 -5.89
C HIS A 94 1.21 -6.89 -4.55
N LEU A 95 1.44 -5.79 -3.84
CA LEU A 95 0.80 -5.56 -2.54
C LEU A 95 -0.67 -5.98 -2.58
N ILE A 96 -1.26 -5.94 -3.77
CA ILE A 96 -2.65 -6.31 -3.94
C ILE A 96 -2.85 -7.82 -3.81
N ARG A 97 -2.36 -8.55 -4.81
CA ARG A 97 -2.49 -10.01 -4.80
C ARG A 97 -2.25 -10.56 -3.41
N MET A 98 -1.37 -9.92 -2.65
CA MET A 98 -1.05 -10.35 -1.30
C MET A 98 -2.31 -10.44 -0.45
N SER A 99 -2.53 -11.60 0.16
CA SER A 99 -3.70 -11.81 1.00
C SER A 99 -3.58 -11.05 2.31
N PRO A 100 -4.72 -10.82 2.98
CA PRO A 100 -4.77 -10.09 4.25
C PRO A 100 -4.15 -10.89 5.39
N GLU A 101 -3.70 -12.11 5.09
CA GLU A 101 -3.08 -12.97 6.09
C GLU A 101 -1.57 -12.85 6.06
N GLU A 102 -1.03 -12.47 4.90
CA GLU A 102 0.41 -12.32 4.74
C GLU A 102 0.86 -10.94 5.22
N LEU A 103 0.11 -9.91 4.86
CA LEU A 103 0.43 -8.54 5.26
C LEU A 103 0.91 -8.50 6.70
N ALA A 104 0.21 -9.21 7.58
CA ALA A 104 0.55 -9.25 8.99
C ALA A 104 1.71 -10.22 9.24
N SER A 105 1.69 -11.35 8.54
CA SER A 105 2.74 -12.36 8.70
C SER A 105 4.09 -11.70 8.95
N LYS A 106 4.79 -12.16 9.98
CA LYS A 106 6.09 -11.63 10.33
C LYS A 106 7.19 -12.28 9.49
N GLU A 107 7.05 -13.57 9.24
CA GLU A 107 8.03 -14.31 8.45
C GLU A 107 8.62 -13.42 7.35
N LEU A 108 9.86 -13.00 7.54
CA LEU A 108 10.54 -12.15 6.58
C LEU A 108 11.34 -12.98 5.58
N ALA A 109 12.18 -13.87 6.11
CA ALA A 109 13.00 -14.74 5.28
C ALA A 109 12.27 -15.12 4.00
N ALA A 110 10.97 -15.37 4.12
CA ALA A 110 10.15 -15.76 2.98
C ALA A 110 10.61 -15.03 1.72
N TRP A 111 10.82 -13.72 1.84
CA TRP A 111 11.25 -12.91 0.70
C TRP A 111 12.39 -13.58 -0.04
N ARG A 112 12.47 -13.33 -1.35
CA ARG A 112 13.52 -13.92 -2.18
C ARG A 112 14.83 -13.14 -2.01
N ARG A 113 14.75 -11.83 -2.08
CA ARG A 113 15.93 -10.98 -1.95
C ARG A 113 16.58 -11.17 -0.58
N ARG A 114 17.60 -12.02 -0.53
CA ARG A 114 18.31 -12.30 0.71
C ARG A 114 18.86 -11.00 1.32
N SER A 115 18.30 -10.60 2.45
CA SER A 115 18.74 -9.39 3.13
C SER A 115 18.70 -9.57 4.65
N GLY A 116 19.04 -8.50 5.37
CA GLY A 116 19.03 -8.56 6.82
C GLY A 116 19.70 -7.35 7.45
N PRO A 117 19.16 -6.91 8.59
CA PRO A 117 19.68 -5.74 9.32
C PRO A 117 21.04 -6.03 9.96
N SER A 118 21.90 -5.02 9.99
CA SER A 118 23.22 -5.16 10.57
C SER A 118 23.14 -5.31 12.09
N SER A 119 22.55 -4.31 12.74
CA SER A 119 22.42 -4.33 14.20
C SER A 119 21.92 -5.68 14.67
N GLY A 120 20.80 -6.12 14.13
CA GLY A 120 20.23 -7.41 14.52
C GLY A 120 21.17 -8.56 14.22
N GLY A 1 -30.88 19.29 5.88
CA GLY A 1 -30.08 19.97 4.89
C GLY A 1 -29.30 19.02 4.01
N SER A 2 -30.02 18.26 3.19
CA SER A 2 -29.38 17.29 2.30
C SER A 2 -29.05 17.93 0.96
N SER A 3 -27.76 18.00 0.65
CA SER A 3 -27.30 18.60 -0.60
C SER A 3 -26.44 17.61 -1.39
N GLY A 4 -26.88 17.30 -2.61
CA GLY A 4 -26.15 16.37 -3.45
C GLY A 4 -24.73 16.82 -3.70
N SER A 5 -23.77 15.96 -3.38
CA SER A 5 -22.36 16.28 -3.57
C SER A 5 -21.82 15.61 -4.83
N SER A 6 -20.70 16.13 -5.33
CA SER A 6 -20.09 15.59 -6.54
C SER A 6 -19.29 14.32 -6.23
N GLY A 7 -19.94 13.18 -6.43
CA GLY A 7 -19.29 11.90 -6.16
C GLY A 7 -19.18 11.04 -7.40
N SER A 8 -17.97 10.57 -7.69
CA SER A 8 -17.72 9.74 -8.86
C SER A 8 -16.41 8.98 -8.72
N ALA A 9 -16.23 7.98 -9.58
CA ALA A 9 -15.01 7.16 -9.56
C ALA A 9 -13.78 8.03 -9.28
N ASP A 10 -13.74 9.21 -9.89
CA ASP A 10 -12.62 10.12 -9.72
C ASP A 10 -12.32 10.33 -8.22
N GLN A 11 -13.33 10.81 -7.50
CA GLN A 11 -13.17 11.05 -6.07
C GLN A 11 -12.65 9.81 -5.35
N ILE A 12 -13.36 8.70 -5.52
CA ILE A 12 -12.97 7.44 -4.89
C ILE A 12 -11.51 7.12 -5.15
N ARG A 13 -11.18 6.91 -6.43
CA ARG A 13 -9.80 6.59 -6.82
C ARG A 13 -8.82 7.60 -6.21
N GLN A 14 -9.15 8.88 -6.32
CA GLN A 14 -8.30 9.94 -5.79
C GLN A 14 -8.03 9.72 -4.31
N SER A 15 -9.10 9.59 -3.53
CA SER A 15 -8.98 9.39 -2.09
C SER A 15 -7.98 8.26 -1.78
N VAL A 16 -8.05 7.20 -2.56
CA VAL A 16 -7.16 6.06 -2.38
C VAL A 16 -5.70 6.51 -2.37
N ARG A 17 -5.33 7.31 -3.36
CA ARG A 17 -3.96 7.81 -3.46
C ARG A 17 -3.54 8.53 -2.18
N HIS A 18 -4.12 9.71 -1.95
CA HIS A 18 -3.80 10.50 -0.77
C HIS A 18 -3.82 9.62 0.49
N SER A 19 -4.97 9.01 0.76
CA SER A 19 -5.13 8.14 1.92
C SER A 19 -3.85 7.34 2.18
N LEU A 20 -3.47 6.53 1.19
CA LEU A 20 -2.27 5.71 1.30
C LEU A 20 -1.06 6.55 1.66
N LYS A 21 -0.67 7.44 0.74
CA LYS A 21 0.49 8.31 0.95
C LYS A 21 0.42 8.96 2.33
N ASP A 22 -0.80 9.14 2.84
CA ASP A 22 -0.99 9.75 4.15
C ASP A 22 -0.36 8.90 5.24
N ILE A 23 -0.70 7.61 5.26
CA ILE A 23 -0.16 6.70 6.26
C ILE A 23 1.34 6.55 6.11
N LEU A 24 1.77 6.18 4.91
CA LEU A 24 3.20 6.00 4.63
C LEU A 24 3.97 7.29 4.87
N MET A 25 3.25 8.41 4.93
CA MET A 25 3.86 9.71 5.16
C MET A 25 4.13 9.92 6.65
N LYS A 26 3.25 9.38 7.49
CA LYS A 26 3.40 9.52 8.94
C LYS A 26 4.14 8.33 9.52
N ARG A 27 4.19 7.23 8.78
CA ARG A 27 4.88 6.03 9.22
C ARG A 27 6.36 6.07 8.86
N LEU A 28 6.69 6.91 7.88
CA LEU A 28 8.08 7.06 7.44
C LEU A 28 8.77 8.18 8.21
N THR A 29 8.02 9.21 8.56
CA THR A 29 8.57 10.34 9.29
C THR A 29 8.93 9.94 10.72
N ASP A 30 8.16 9.03 11.29
CA ASP A 30 8.40 8.57 12.65
C ASP A 30 9.61 7.64 12.69
N SER A 31 9.74 6.79 11.68
CA SER A 31 10.85 5.84 11.61
C SER A 31 12.11 6.53 11.09
N ASN A 32 13.24 5.83 11.20
CA ASN A 32 14.51 6.36 10.75
C ASN A 32 14.66 6.24 9.24
N LEU A 33 13.63 6.67 8.51
CA LEU A 33 13.65 6.60 7.06
C LEU A 33 13.94 7.97 6.45
N LYS A 34 14.91 8.01 5.55
CA LYS A 34 15.29 9.25 4.89
C LYS A 34 14.84 9.25 3.42
N VAL A 35 13.75 8.56 3.15
CA VAL A 35 13.22 8.47 1.79
C VAL A 35 12.56 9.79 1.38
N PRO A 36 12.65 10.11 0.08
CA PRO A 36 12.07 11.34 -0.46
C PRO A 36 10.54 11.30 -0.47
N GLU A 37 9.93 12.46 -0.26
CA GLU A 37 8.47 12.56 -0.24
C GLU A 37 7.87 11.85 -1.44
N GLU A 38 8.57 11.90 -2.58
CA GLU A 38 8.09 11.27 -3.80
C GLU A 38 7.90 9.77 -3.59
N LYS A 39 8.86 9.13 -2.93
CA LYS A 39 8.80 7.70 -2.66
C LYS A 39 7.39 7.28 -2.28
N ALA A 40 6.94 7.72 -1.11
CA ALA A 40 5.60 7.39 -0.63
C ALA A 40 4.57 7.57 -1.74
N ALA A 41 4.51 8.77 -2.31
CA ALA A 41 3.57 9.07 -3.38
C ALA A 41 3.64 8.02 -4.48
N LYS A 42 4.77 7.97 -5.19
CA LYS A 42 4.96 7.01 -6.25
C LYS A 42 4.28 5.68 -5.92
N VAL A 43 4.59 5.15 -4.75
CA VAL A 43 4.02 3.88 -4.31
C VAL A 43 2.49 3.91 -4.38
N ALA A 44 1.89 4.89 -3.72
CA ALA A 44 0.45 5.04 -3.71
C ALA A 44 -0.12 5.04 -5.12
N THR A 45 0.37 5.96 -5.95
CA THR A 45 -0.08 6.07 -7.33
C THR A 45 -0.05 4.71 -8.03
N LYS A 46 0.88 3.86 -7.61
CA LYS A 46 1.02 2.53 -8.19
C LYS A 46 -0.04 1.58 -7.65
N ILE A 47 -0.26 1.62 -6.33
CA ILE A 47 -1.25 0.77 -5.70
C ILE A 47 -2.53 0.70 -6.52
N GLU A 48 -3.11 1.87 -6.80
CA GLU A 48 -4.34 1.94 -7.57
C GLU A 48 -4.08 1.58 -9.04
N LYS A 49 -3.11 2.25 -9.65
CA LYS A 49 -2.76 2.00 -11.04
C LYS A 49 -2.91 0.51 -11.38
N GLU A 50 -2.51 -0.35 -10.44
CA GLU A 50 -2.60 -1.79 -10.64
C GLU A 50 -3.95 -2.32 -10.16
N LEU A 51 -4.45 -1.76 -9.06
CA LEU A 51 -5.73 -2.18 -8.50
C LEU A 51 -6.86 -1.92 -9.48
N PHE A 52 -7.03 -0.66 -9.88
CA PHE A 52 -8.08 -0.28 -10.82
C PHE A 52 -8.04 -1.17 -12.06
N SER A 53 -6.84 -1.47 -12.53
CA SER A 53 -6.66 -2.31 -13.71
C SER A 53 -6.99 -3.76 -13.40
N PHE A 54 -6.59 -4.22 -12.21
CA PHE A 54 -6.85 -5.59 -11.79
C PHE A 54 -8.34 -5.89 -11.78
N PHE A 55 -9.08 -5.15 -10.96
CA PHE A 55 -10.52 -5.34 -10.86
C PHE A 55 -11.24 -4.75 -12.07
N ARG A 56 -10.68 -3.67 -12.61
CA ARG A 56 -11.27 -3.01 -13.77
C ARG A 56 -12.62 -2.38 -13.42
N ASP A 57 -12.78 -1.99 -12.16
CA ASP A 57 -14.03 -1.39 -11.69
C ASP A 57 -13.89 -0.92 -10.24
N THR A 58 -14.82 -0.07 -9.83
CA THR A 58 -14.82 0.46 -8.47
C THR A 58 -16.01 -0.05 -7.67
N ASP A 59 -16.24 -1.36 -7.73
CA ASP A 59 -17.35 -1.97 -7.01
C ASP A 59 -16.98 -2.19 -5.53
N ALA A 60 -17.90 -2.80 -4.80
CA ALA A 60 -17.68 -3.07 -3.38
C ALA A 60 -16.41 -3.89 -3.17
N LYS A 61 -15.99 -4.60 -4.22
CA LYS A 61 -14.78 -5.41 -4.15
C LYS A 61 -13.53 -4.55 -4.22
N TYR A 62 -13.33 -3.90 -5.37
CA TYR A 62 -12.17 -3.04 -5.57
C TYR A 62 -11.90 -2.20 -4.32
N LYS A 63 -12.96 -1.64 -3.74
CA LYS A 63 -12.83 -0.82 -2.55
C LYS A 63 -12.48 -1.67 -1.33
N ASN A 64 -13.17 -2.80 -1.18
CA ASN A 64 -12.92 -3.70 -0.06
C ASN A 64 -11.44 -4.06 0.02
N LYS A 65 -10.80 -4.22 -1.13
CA LYS A 65 -9.39 -4.56 -1.18
C LYS A 65 -8.52 -3.39 -0.73
N TYR A 66 -8.76 -2.22 -1.32
CA TYR A 66 -8.00 -1.02 -0.96
C TYR A 66 -8.02 -0.79 0.54
N ARG A 67 -9.20 -0.54 1.09
CA ARG A 67 -9.35 -0.30 2.52
C ARG A 67 -8.69 -1.40 3.32
N SER A 68 -8.65 -2.60 2.76
CA SER A 68 -8.05 -3.75 3.43
C SER A 68 -6.54 -3.74 3.28
N LEU A 69 -6.06 -3.09 2.22
CA LEU A 69 -4.62 -3.01 1.96
C LEU A 69 -3.98 -1.94 2.84
N MET A 70 -4.71 -0.86 3.07
CA MET A 70 -4.21 0.24 3.90
C MET A 70 -4.55 0.02 5.37
N PHE A 71 -5.55 -0.83 5.61
CA PHE A 71 -5.99 -1.14 6.97
C PHE A 71 -4.84 -1.70 7.80
N ASN A 72 -3.94 -2.43 7.13
CA ASN A 72 -2.79 -3.03 7.80
C ASN A 72 -1.70 -1.99 8.04
N LEU A 73 -1.30 -1.30 6.98
CA LEU A 73 -0.27 -0.27 7.08
C LEU A 73 -0.45 0.58 8.32
N LYS A 74 -1.64 1.16 8.45
CA LYS A 74 -1.94 2.01 9.61
C LYS A 74 -1.79 1.23 10.91
N ASP A 75 -2.20 -0.03 10.89
CA ASP A 75 -2.11 -0.89 12.07
C ASP A 75 -0.81 -0.64 12.83
N PRO A 76 -0.94 -0.34 14.12
CA PRO A 76 0.22 -0.06 14.99
C PRO A 76 1.06 -1.31 15.25
N LYS A 77 0.44 -2.48 15.08
CA LYS A 77 1.13 -3.75 15.30
C LYS A 77 2.03 -4.09 14.12
N ASN A 78 1.61 -3.69 12.92
CA ASN A 78 2.37 -3.95 11.71
C ASN A 78 3.28 -2.77 11.37
N ASN A 79 4.49 -2.78 11.92
CA ASN A 79 5.45 -1.71 11.67
C ASN A 79 6.55 -2.17 10.73
N ILE A 80 6.19 -3.01 9.75
CA ILE A 80 7.15 -3.52 8.78
C ILE A 80 6.66 -3.30 7.36
N LEU A 81 5.45 -3.78 7.08
CA LEU A 81 4.86 -3.64 5.74
C LEU A 81 5.17 -2.26 5.15
N PHE A 82 4.67 -1.22 5.80
CA PHE A 82 4.89 0.14 5.35
C PHE A 82 6.33 0.32 4.84
N LYS A 83 7.28 -0.17 5.63
CA LYS A 83 8.68 -0.06 5.26
C LYS A 83 9.01 -0.97 4.07
N LYS A 84 8.96 -2.27 4.30
CA LYS A 84 9.23 -3.24 3.24
C LYS A 84 8.77 -2.72 1.88
N VAL A 85 7.61 -2.06 1.88
CA VAL A 85 7.05 -1.51 0.65
C VAL A 85 7.86 -0.32 0.16
N LEU A 86 8.09 0.64 1.06
CA LEU A 86 8.85 1.84 0.72
C LEU A 86 10.27 1.48 0.30
N LYS A 87 10.94 0.70 1.13
CA LYS A 87 12.32 0.28 0.86
C LYS A 87 12.39 -0.48 -0.47
N GLY A 88 11.40 -1.31 -0.73
CA GLY A 88 11.37 -2.07 -1.96
C GLY A 88 11.08 -3.55 -1.73
N GLU A 89 11.38 -4.02 -0.53
CA GLU A 89 11.16 -5.43 -0.18
C GLU A 89 9.85 -5.92 -0.79
N VAL A 90 8.81 -5.08 -0.74
CA VAL A 90 7.52 -5.43 -1.28
C VAL A 90 7.08 -4.44 -2.35
N THR A 91 6.72 -4.96 -3.52
CA THR A 91 6.28 -4.11 -4.63
C THR A 91 4.82 -3.73 -4.48
N PRO A 92 4.45 -2.57 -5.05
CA PRO A 92 3.07 -2.07 -4.99
C PRO A 92 2.11 -2.89 -5.84
N ASP A 93 2.49 -3.13 -7.09
CA ASP A 93 1.66 -3.91 -8.00
C ASP A 93 1.39 -5.30 -7.43
N HIS A 94 2.25 -5.73 -6.51
CA HIS A 94 2.10 -7.04 -5.89
C HIS A 94 1.29 -6.95 -4.60
N LEU A 95 1.45 -5.84 -3.89
CA LEU A 95 0.73 -5.64 -2.64
C LEU A 95 -0.72 -6.08 -2.76
N ILE A 96 -1.25 -6.00 -3.99
CA ILE A 96 -2.63 -6.39 -4.24
C ILE A 96 -2.77 -7.91 -4.35
N ARG A 97 -1.92 -8.52 -5.16
CA ARG A 97 -1.94 -9.96 -5.35
C ARG A 97 -1.79 -10.69 -4.02
N MET A 98 -1.13 -10.03 -3.06
CA MET A 98 -0.92 -10.60 -1.74
C MET A 98 -2.24 -10.98 -1.09
N SER A 99 -2.22 -12.05 -0.30
CA SER A 99 -3.43 -12.51 0.39
C SER A 99 -3.68 -11.70 1.65
N PRO A 100 -4.95 -11.67 2.09
CA PRO A 100 -5.34 -10.93 3.30
C PRO A 100 -4.82 -11.59 4.57
N GLU A 101 -4.05 -12.66 4.41
CA GLU A 101 -3.49 -13.38 5.55
C GLU A 101 -2.01 -13.05 5.72
N GLU A 102 -1.31 -12.90 4.60
CA GLU A 102 0.11 -12.59 4.63
C GLU A 102 0.34 -11.13 5.02
N LEU A 103 -0.57 -10.27 4.60
CA LEU A 103 -0.46 -8.84 4.91
C LEU A 103 -0.23 -8.63 6.41
N ALA A 104 -0.77 -9.54 7.22
CA ALA A 104 -0.62 -9.45 8.67
C ALA A 104 0.74 -9.97 9.11
N SER A 105 1.31 -10.87 8.31
CA SER A 105 2.61 -11.46 8.63
C SER A 105 3.55 -10.40 9.20
N LYS A 106 4.27 -10.77 10.26
CA LYS A 106 5.21 -9.87 10.90
C LYS A 106 6.57 -10.53 11.09
N GLU A 107 6.98 -11.31 10.11
CA GLU A 107 8.26 -12.01 10.16
C GLU A 107 9.12 -11.64 8.96
N LEU A 108 10.42 -11.94 9.05
CA LEU A 108 11.36 -11.65 7.98
C LEU A 108 11.62 -12.89 7.12
N ALA A 109 12.07 -13.96 7.78
CA ALA A 109 12.36 -15.20 7.07
C ALA A 109 11.21 -15.59 6.14
N ALA A 110 10.03 -15.03 6.40
CA ALA A 110 8.86 -15.32 5.59
C ALA A 110 9.17 -15.14 4.10
N TRP A 111 9.85 -14.05 3.77
CA TRP A 111 10.21 -13.75 2.39
C TRP A 111 11.06 -14.87 1.80
N ARG A 112 11.01 -15.02 0.48
CA ARG A 112 11.77 -16.06 -0.21
C ARG A 112 13.12 -15.51 -0.68
N ARG A 113 14.19 -16.13 -0.23
CA ARG A 113 15.54 -15.71 -0.61
C ARG A 113 15.73 -15.77 -2.13
N ARG A 114 16.80 -15.16 -2.61
CA ARG A 114 17.08 -15.14 -4.04
C ARG A 114 15.96 -14.46 -4.81
N SER A 115 15.48 -13.35 -4.29
CA SER A 115 14.40 -12.60 -4.92
C SER A 115 14.43 -11.13 -4.51
N GLY A 116 14.67 -10.24 -5.47
CA GLY A 116 14.72 -8.83 -5.18
C GLY A 116 16.10 -8.37 -4.73
N PRO A 117 16.98 -8.10 -5.70
CA PRO A 117 18.36 -7.66 -5.41
C PRO A 117 18.39 -6.24 -4.84
N SER A 118 19.31 -6.02 -3.90
CA SER A 118 19.45 -4.70 -3.27
C SER A 118 20.56 -3.90 -3.94
N SER A 119 21.70 -4.54 -4.17
CA SER A 119 22.83 -3.89 -4.79
C SER A 119 22.97 -4.30 -6.25
N GLY A 120 22.25 -3.60 -7.13
CA GLY A 120 22.30 -3.91 -8.55
C GLY A 120 21.43 -2.97 -9.37
N GLY A 1 -23.44 9.90 9.55
CA GLY A 1 -22.99 9.66 8.19
C GLY A 1 -21.55 9.18 8.14
N SER A 2 -20.81 9.66 7.15
CA SER A 2 -19.41 9.27 6.98
C SER A 2 -18.76 10.07 5.88
N SER A 3 -17.50 10.45 6.10
CA SER A 3 -16.75 11.24 5.11
C SER A 3 -16.55 10.44 3.83
N GLY A 4 -17.04 10.97 2.72
CA GLY A 4 -16.90 10.29 1.44
C GLY A 4 -18.10 10.52 0.53
N SER A 5 -17.88 10.41 -0.77
CA SER A 5 -18.94 10.61 -1.75
C SER A 5 -19.03 9.42 -2.71
N SER A 6 -20.24 9.13 -3.18
CA SER A 6 -20.45 8.01 -4.09
C SER A 6 -20.93 8.52 -5.45
N GLY A 7 -20.46 7.89 -6.52
CA GLY A 7 -20.86 8.28 -7.85
C GLY A 7 -19.67 8.67 -8.72
N SER A 8 -18.92 9.67 -8.26
CA SER A 8 -17.76 10.15 -9.00
C SER A 8 -16.58 9.19 -8.84
N ALA A 9 -16.49 8.25 -9.78
CA ALA A 9 -15.40 7.26 -9.74
C ALA A 9 -14.04 7.94 -9.69
N ASP A 10 -13.75 8.77 -10.69
CA ASP A 10 -12.48 9.47 -10.75
C ASP A 10 -12.09 10.01 -9.37
N GLN A 11 -13.00 10.76 -8.76
CA GLN A 11 -12.76 11.34 -7.43
C GLN A 11 -12.41 10.25 -6.43
N ILE A 12 -13.18 9.16 -6.44
CA ILE A 12 -12.94 8.05 -5.53
C ILE A 12 -11.52 7.53 -5.64
N ARG A 13 -11.18 6.98 -6.81
CA ARG A 13 -9.86 6.44 -7.05
C ARG A 13 -8.78 7.44 -6.61
N GLN A 14 -8.97 8.70 -6.98
CA GLN A 14 -8.01 9.75 -6.62
C GLN A 14 -7.81 9.80 -5.10
N SER A 15 -8.90 9.93 -4.37
CA SER A 15 -8.84 9.99 -2.91
C SER A 15 -7.99 8.86 -2.35
N VAL A 16 -8.19 7.66 -2.87
CA VAL A 16 -7.43 6.50 -2.42
C VAL A 16 -5.94 6.81 -2.35
N ARG A 17 -5.44 7.46 -3.39
CA ARG A 17 -4.02 7.81 -3.44
C ARG A 17 -3.61 8.62 -2.21
N HIS A 18 -4.17 9.81 -2.07
CA HIS A 18 -3.86 10.67 -0.93
C HIS A 18 -3.91 9.88 0.38
N SER A 19 -5.01 9.19 0.60
CA SER A 19 -5.19 8.39 1.81
C SER A 19 -3.98 7.50 2.05
N LEU A 20 -3.69 6.64 1.08
CA LEU A 20 -2.55 5.73 1.17
C LEU A 20 -1.28 6.47 1.58
N LYS A 21 -0.93 7.49 0.80
CA LYS A 21 0.26 8.29 1.07
C LYS A 21 0.23 8.83 2.50
N ASP A 22 -0.94 9.26 2.94
CA ASP A 22 -1.10 9.80 4.29
C ASP A 22 -0.47 8.87 5.32
N ILE A 23 -0.85 7.60 5.27
CA ILE A 23 -0.33 6.61 6.21
C ILE A 23 1.18 6.44 6.05
N LEU A 24 1.61 6.10 4.84
CA LEU A 24 3.03 5.92 4.55
C LEU A 24 3.82 7.16 4.92
N MET A 25 3.14 8.30 5.01
CA MET A 25 3.78 9.55 5.36
C MET A 25 4.07 9.62 6.86
N LYS A 26 3.12 9.12 7.65
CA LYS A 26 3.27 9.12 9.11
C LYS A 26 4.06 7.90 9.58
N ARG A 27 4.06 6.86 8.75
CA ARG A 27 4.77 5.63 9.08
C ARG A 27 6.25 5.74 8.72
N LEU A 28 6.56 6.64 7.79
CA LEU A 28 7.93 6.84 7.35
C LEU A 28 8.60 7.94 8.16
N THR A 29 7.84 8.98 8.50
CA THR A 29 8.35 10.09 9.29
C THR A 29 8.66 9.67 10.71
N ASP A 30 7.90 8.72 11.22
CA ASP A 30 8.09 8.22 12.58
C ASP A 30 9.26 7.25 12.64
N SER A 31 9.20 6.20 11.84
CA SER A 31 10.26 5.19 11.80
C SER A 31 11.61 5.84 11.55
N ASN A 32 12.65 5.01 11.46
CA ASN A 32 14.00 5.51 11.22
C ASN A 32 14.29 5.60 9.72
N LEU A 33 13.33 6.15 8.97
CA LEU A 33 13.49 6.29 7.53
C LEU A 33 13.75 7.75 7.16
N LYS A 34 14.36 7.95 6.00
CA LYS A 34 14.69 9.30 5.53
C LYS A 34 14.26 9.48 4.07
N VAL A 35 13.46 8.54 3.57
CA VAL A 35 12.99 8.59 2.19
C VAL A 35 12.26 9.91 1.92
N PRO A 36 12.36 10.39 0.67
CA PRO A 36 11.72 11.64 0.25
C PRO A 36 10.21 11.52 0.18
N GLU A 37 9.53 12.66 0.11
CA GLU A 37 8.07 12.67 0.03
C GLU A 37 7.59 12.07 -1.27
N GLU A 38 8.45 12.07 -2.28
CA GLU A 38 8.11 11.52 -3.59
C GLU A 38 7.95 10.00 -3.52
N LYS A 39 8.62 9.38 -2.54
CA LYS A 39 8.55 7.94 -2.36
C LYS A 39 7.11 7.49 -2.11
N ALA A 40 6.58 7.86 -0.95
CA ALA A 40 5.22 7.49 -0.58
C ALA A 40 4.26 7.75 -1.73
N ALA A 41 4.19 9.00 -2.17
CA ALA A 41 3.30 9.37 -3.28
C ALA A 41 3.50 8.45 -4.47
N LYS A 42 4.75 8.28 -4.89
CA LYS A 42 5.07 7.42 -6.02
C LYS A 42 4.47 6.02 -5.82
N VAL A 43 4.63 5.47 -4.62
CA VAL A 43 4.11 4.15 -4.31
C VAL A 43 2.59 4.12 -4.43
N ALA A 44 1.92 4.97 -3.66
CA ALA A 44 0.46 5.04 -3.68
C ALA A 44 -0.06 5.13 -5.11
N THR A 45 0.54 6.02 -5.90
CA THR A 45 0.13 6.20 -7.29
C THR A 45 0.26 4.91 -8.07
N LYS A 46 1.09 3.98 -7.57
CA LYS A 46 1.29 2.71 -8.23
C LYS A 46 0.31 1.65 -7.70
N ILE A 47 -0.29 1.95 -6.55
CA ILE A 47 -1.25 1.03 -5.94
C ILE A 47 -2.55 0.99 -6.73
N GLU A 48 -3.14 2.16 -6.96
CA GLU A 48 -4.39 2.25 -7.70
C GLU A 48 -4.21 1.78 -9.14
N LYS A 49 -3.28 2.43 -9.85
CA LYS A 49 -3.00 2.07 -11.23
C LYS A 49 -3.06 0.56 -11.43
N GLU A 50 -2.74 -0.19 -10.39
CA GLU A 50 -2.76 -1.64 -10.45
C GLU A 50 -4.07 -2.19 -9.91
N LEU A 51 -4.55 -1.61 -8.82
CA LEU A 51 -5.80 -2.04 -8.21
C LEU A 51 -6.97 -1.81 -9.15
N PHE A 52 -7.23 -0.55 -9.46
CA PHE A 52 -8.34 -0.19 -10.35
C PHE A 52 -8.31 -1.05 -11.61
N SER A 53 -7.13 -1.56 -11.95
CA SER A 53 -6.98 -2.39 -13.13
C SER A 53 -7.33 -3.85 -12.84
N PHE A 54 -6.74 -4.38 -11.78
CA PHE A 54 -7.00 -5.76 -11.37
C PHE A 54 -8.49 -5.99 -11.15
N PHE A 55 -9.19 -4.94 -10.74
CA PHE A 55 -10.62 -5.03 -10.49
C PHE A 55 -11.43 -4.45 -11.65
N ARG A 56 -10.86 -3.42 -12.29
CA ARG A 56 -11.52 -2.77 -13.41
C ARG A 56 -12.91 -2.28 -13.02
N ASP A 57 -13.07 -1.90 -11.76
CA ASP A 57 -14.34 -1.40 -11.26
C ASP A 57 -14.19 -0.85 -9.84
N THR A 58 -15.09 0.06 -9.47
CA THR A 58 -15.05 0.67 -8.15
C THR A 58 -16.09 0.05 -7.23
N ASP A 59 -16.40 -1.22 -7.47
CA ASP A 59 -17.38 -1.93 -6.66
C ASP A 59 -16.84 -2.20 -5.25
N ALA A 60 -17.72 -2.65 -4.36
CA ALA A 60 -17.33 -2.93 -2.99
C ALA A 60 -16.06 -3.78 -2.94
N LYS A 61 -15.96 -4.72 -3.86
CA LYS A 61 -14.80 -5.60 -3.93
C LYS A 61 -13.52 -4.81 -4.15
N TYR A 62 -13.64 -3.69 -4.86
CA TYR A 62 -12.49 -2.83 -5.14
C TYR A 62 -12.05 -2.07 -3.89
N LYS A 63 -12.98 -1.32 -3.30
CA LYS A 63 -12.70 -0.55 -2.10
C LYS A 63 -12.29 -1.47 -0.95
N ASN A 64 -13.01 -2.59 -0.81
CA ASN A 64 -12.72 -3.54 0.25
C ASN A 64 -11.23 -3.88 0.29
N LYS A 65 -10.67 -4.18 -0.87
CA LYS A 65 -9.25 -4.52 -0.97
C LYS A 65 -8.38 -3.32 -0.58
N TYR A 66 -8.74 -2.14 -1.07
CA TYR A 66 -7.99 -0.93 -0.76
C TYR A 66 -7.91 -0.70 0.74
N ARG A 67 -9.07 -0.64 1.39
CA ARG A 67 -9.13 -0.42 2.82
C ARG A 67 -8.47 -1.57 3.58
N SER A 68 -8.42 -2.74 2.94
CA SER A 68 -7.82 -3.92 3.54
C SER A 68 -6.29 -3.86 3.46
N LEU A 69 -5.80 -3.39 2.32
CA LEU A 69 -4.36 -3.29 2.10
C LEU A 69 -3.73 -2.27 3.05
N MET A 70 -4.34 -1.09 3.13
CA MET A 70 -3.85 -0.02 4.00
C MET A 70 -4.08 -0.38 5.46
N PHE A 71 -5.11 -1.18 5.72
CA PHE A 71 -5.44 -1.59 7.08
C PHE A 71 -4.20 -2.10 7.81
N ASN A 72 -3.42 -2.94 7.13
CA ASN A 72 -2.21 -3.50 7.71
C ASN A 72 -1.11 -2.44 7.81
N LEU A 73 -1.22 -1.41 6.98
CA LEU A 73 -0.24 -0.32 6.98
C LEU A 73 -0.41 0.56 8.21
N LYS A 74 -1.62 1.06 8.40
CA LYS A 74 -1.91 1.93 9.55
C LYS A 74 -1.85 1.14 10.85
N ASP A 75 -1.65 -0.16 10.75
CA ASP A 75 -1.57 -1.02 11.92
C ASP A 75 -0.30 -0.76 12.71
N PRO A 76 -0.46 -0.40 14.00
CA PRO A 76 0.66 -0.11 14.88
C PRO A 76 1.46 -1.36 15.24
N LYS A 77 0.86 -2.52 15.02
CA LYS A 77 1.51 -3.78 15.32
C LYS A 77 2.41 -4.22 14.17
N ASN A 78 1.92 -4.08 12.94
CA ASN A 78 2.68 -4.45 11.76
C ASN A 78 3.55 -3.29 11.30
N ASN A 79 4.76 -3.20 11.85
CA ASN A 79 5.69 -2.14 11.49
C ASN A 79 6.75 -2.66 10.53
N ILE A 80 6.33 -3.46 9.55
CA ILE A 80 7.25 -4.01 8.57
C ILE A 80 6.75 -3.78 7.15
N LEU A 81 5.54 -4.25 6.86
CA LEU A 81 4.94 -4.09 5.54
C LEU A 81 5.35 -2.75 4.94
N PHE A 82 4.82 -1.66 5.50
CA PHE A 82 5.13 -0.33 5.00
C PHE A 82 6.61 -0.19 4.67
N LYS A 83 7.47 -0.56 5.61
CA LYS A 83 8.91 -0.49 5.42
C LYS A 83 9.33 -1.26 4.17
N LYS A 84 9.01 -2.55 4.15
CA LYS A 84 9.35 -3.41 3.02
C LYS A 84 8.91 -2.77 1.71
N VAL A 85 7.79 -2.06 1.74
CA VAL A 85 7.27 -1.39 0.55
C VAL A 85 8.13 -0.20 0.16
N LEU A 86 8.16 0.82 1.00
CA LEU A 86 8.95 2.01 0.75
C LEU A 86 10.38 1.65 0.38
N LYS A 87 10.97 0.73 1.13
CA LYS A 87 12.34 0.29 0.88
C LYS A 87 12.47 -0.30 -0.52
N GLY A 88 11.49 -1.12 -0.90
CA GLY A 88 11.51 -1.73 -2.23
C GLY A 88 11.20 -3.21 -2.18
N GLU A 89 11.51 -3.85 -1.06
CA GLU A 89 11.25 -5.27 -0.89
C GLU A 89 9.91 -5.67 -1.52
N VAL A 90 8.86 -4.99 -1.10
CA VAL A 90 7.51 -5.26 -1.62
C VAL A 90 7.13 -4.25 -2.71
N THR A 91 6.38 -4.73 -3.70
CA THR A 91 5.95 -3.87 -4.79
C THR A 91 4.51 -3.41 -4.60
N PRO A 92 4.20 -2.20 -5.11
CA PRO A 92 2.86 -1.62 -5.00
C PRO A 92 1.83 -2.35 -5.85
N ASP A 93 2.32 -3.07 -6.86
CA ASP A 93 1.44 -3.82 -7.76
C ASP A 93 1.21 -5.24 -7.23
N HIS A 94 2.15 -5.72 -6.42
CA HIS A 94 2.05 -7.06 -5.85
C HIS A 94 1.25 -7.04 -4.55
N LEU A 95 1.43 -5.97 -3.77
CA LEU A 95 0.74 -5.82 -2.50
C LEU A 95 -0.72 -6.24 -2.63
N ILE A 96 -1.24 -6.16 -3.85
CA ILE A 96 -2.63 -6.53 -4.11
C ILE A 96 -2.78 -8.05 -4.21
N ARG A 97 -2.03 -8.66 -5.11
CA ARG A 97 -2.08 -10.10 -5.31
C ARG A 97 -1.75 -10.84 -4.02
N MET A 98 -1.02 -10.18 -3.13
CA MET A 98 -0.63 -10.77 -1.86
C MET A 98 -1.86 -11.28 -1.10
N SER A 99 -1.66 -12.28 -0.26
CA SER A 99 -2.75 -12.85 0.52
C SER A 99 -3.08 -11.97 1.73
N PRO A 100 -4.35 -11.99 2.14
CA PRO A 100 -4.83 -11.20 3.29
C PRO A 100 -4.28 -11.72 4.62
N GLU A 101 -3.89 -12.99 4.63
CA GLU A 101 -3.35 -13.61 5.84
C GLU A 101 -1.86 -13.32 5.98
N GLU A 102 -1.21 -13.06 4.85
CA GLU A 102 0.22 -12.78 4.85
C GLU A 102 0.49 -11.34 5.28
N LEU A 103 -0.29 -10.41 4.73
CA LEU A 103 -0.14 -8.99 5.07
C LEU A 103 0.15 -8.81 6.55
N ALA A 104 -0.36 -9.73 7.37
CA ALA A 104 -0.15 -9.66 8.80
C ALA A 104 1.07 -10.46 9.21
N SER A 105 1.30 -11.59 8.55
CA SER A 105 2.44 -12.45 8.84
C SER A 105 3.72 -11.63 8.96
N LYS A 106 4.60 -12.05 9.85
CA LYS A 106 5.86 -11.36 10.06
C LYS A 106 7.04 -12.23 9.64
N GLU A 107 6.91 -12.86 8.48
CA GLU A 107 7.97 -13.73 7.97
C GLU A 107 9.00 -12.92 7.17
N LEU A 108 10.27 -13.12 7.50
CA LEU A 108 11.34 -12.41 6.81
C LEU A 108 12.01 -13.31 5.77
N ALA A 109 12.42 -14.49 6.19
CA ALA A 109 13.06 -15.44 5.28
C ALA A 109 12.30 -15.56 3.97
N ALA A 110 11.01 -15.20 4.02
CA ALA A 110 10.17 -15.26 2.82
C ALA A 110 10.86 -14.62 1.62
N TRP A 111 11.22 -13.35 1.77
CA TRP A 111 11.90 -12.63 0.70
C TRP A 111 13.15 -13.36 0.24
N ARG A 112 13.66 -12.98 -0.93
CA ARG A 112 14.86 -13.60 -1.47
C ARG A 112 15.78 -12.57 -2.11
N ARG A 113 17.06 -12.89 -2.22
CA ARG A 113 18.03 -11.99 -2.80
C ARG A 113 18.25 -12.29 -4.28
N ARG A 114 18.16 -11.26 -5.11
CA ARG A 114 18.34 -11.42 -6.55
C ARG A 114 19.71 -10.90 -6.99
N SER A 115 20.62 -11.83 -7.28
CA SER A 115 21.97 -11.46 -7.70
C SER A 115 21.94 -10.25 -8.63
N GLY A 116 21.01 -10.26 -9.59
CA GLY A 116 20.89 -9.16 -10.52
C GLY A 116 21.80 -9.33 -11.72
N PRO A 117 22.09 -8.21 -12.41
CA PRO A 117 22.96 -8.20 -13.60
C PRO A 117 24.41 -8.49 -13.25
N SER A 118 24.96 -9.54 -13.87
CA SER A 118 26.35 -9.92 -13.63
C SER A 118 27.29 -9.11 -14.50
N SER A 119 28.26 -8.45 -13.86
CA SER A 119 29.22 -7.63 -14.57
C SER A 119 30.62 -8.26 -14.51
N GLY A 120 31.49 -7.84 -15.42
CA GLY A 120 32.84 -8.36 -15.45
C GLY A 120 32.98 -9.55 -16.40
N GLY A 1 -13.78 15.88 7.48
CA GLY A 1 -12.99 15.47 6.32
C GLY A 1 -13.76 14.56 5.39
N SER A 2 -14.90 15.03 4.91
CA SER A 2 -15.74 14.24 4.01
C SER A 2 -15.11 14.16 2.62
N SER A 3 -14.26 13.15 2.43
CA SER A 3 -13.59 12.95 1.15
C SER A 3 -13.83 11.54 0.61
N GLY A 4 -13.98 11.42 -0.70
CA GLY A 4 -14.21 10.13 -1.30
C GLY A 4 -15.61 9.61 -1.05
N SER A 5 -16.46 9.67 -2.07
CA SER A 5 -17.84 9.20 -1.94
C SER A 5 -18.40 8.81 -3.30
N SER A 6 -19.47 8.01 -3.28
CA SER A 6 -20.10 7.55 -4.52
C SER A 6 -20.44 8.74 -5.42
N GLY A 7 -20.41 8.50 -6.73
CA GLY A 7 -20.71 9.56 -7.68
C GLY A 7 -19.66 9.68 -8.77
N SER A 8 -18.64 10.50 -8.52
CA SER A 8 -17.57 10.70 -9.49
C SER A 8 -16.44 9.71 -9.27
N ALA A 9 -16.44 8.63 -10.05
CA ALA A 9 -15.42 7.60 -9.95
C ALA A 9 -14.04 8.23 -9.73
N ASP A 10 -13.67 9.15 -10.62
CA ASP A 10 -12.37 9.81 -10.52
C ASP A 10 -12.11 10.28 -9.09
N GLN A 11 -13.10 10.90 -8.47
CA GLN A 11 -12.98 11.39 -7.11
C GLN A 11 -12.56 10.26 -6.16
N ILE A 12 -13.24 9.13 -6.27
CA ILE A 12 -12.94 7.99 -5.42
C ILE A 12 -11.47 7.59 -5.53
N ARG A 13 -11.05 7.22 -6.73
CA ARG A 13 -9.66 6.82 -6.98
C ARG A 13 -8.70 7.85 -6.41
N GLN A 14 -8.94 9.13 -6.70
CA GLN A 14 -8.09 10.20 -6.22
C GLN A 14 -7.88 10.09 -4.72
N SER A 15 -8.97 10.03 -3.96
CA SER A 15 -8.91 9.93 -2.51
C SER A 15 -8.01 8.76 -2.09
N VAL A 16 -8.23 7.60 -2.71
CA VAL A 16 -7.45 6.42 -2.40
C VAL A 16 -5.95 6.74 -2.36
N ARG A 17 -5.48 7.38 -3.43
CA ARG A 17 -4.06 7.75 -3.53
C ARG A 17 -3.65 8.61 -2.34
N HIS A 18 -4.19 9.82 -2.28
CA HIS A 18 -3.88 10.75 -1.19
C HIS A 18 -3.85 10.02 0.15
N SER A 19 -4.94 9.34 0.47
CA SER A 19 -5.04 8.61 1.73
C SER A 19 -3.80 7.76 1.97
N LEU A 20 -3.50 6.87 1.03
CA LEU A 20 -2.33 6.01 1.14
C LEU A 20 -1.09 6.81 1.49
N LYS A 21 -0.88 7.90 0.76
CA LYS A 21 0.27 8.77 0.99
C LYS A 21 0.24 9.36 2.40
N ASP A 22 -0.96 9.59 2.91
CA ASP A 22 -1.14 10.15 4.24
C ASP A 22 -0.54 9.24 5.30
N ILE A 23 -0.98 7.99 5.30
CA ILE A 23 -0.49 7.00 6.26
C ILE A 23 1.01 6.84 6.17
N LEU A 24 1.49 6.43 5.00
CA LEU A 24 2.91 6.23 4.77
C LEU A 24 3.69 7.49 5.12
N MET A 25 3.04 8.65 4.98
CA MET A 25 3.68 9.93 5.28
C MET A 25 3.94 10.06 6.79
N LYS A 26 3.07 9.46 7.59
CA LYS A 26 3.21 9.50 9.04
C LYS A 26 4.00 8.30 9.55
N ARG A 27 3.85 7.18 8.86
CA ARG A 27 4.55 5.96 9.25
C ARG A 27 6.04 6.05 8.95
N LEU A 28 6.38 6.77 7.88
CA LEU A 28 7.77 6.95 7.48
C LEU A 28 8.43 8.04 8.31
N THR A 29 7.69 9.10 8.57
CA THR A 29 8.22 10.22 9.35
C THR A 29 8.53 9.79 10.79
N ASP A 30 7.84 8.75 11.25
CA ASP A 30 8.05 8.24 12.60
C ASP A 30 9.23 7.30 12.64
N SER A 31 9.29 6.37 11.68
CA SER A 31 10.38 5.40 11.62
C SER A 31 11.67 6.07 11.16
N ASN A 32 12.73 5.26 11.05
CA ASN A 32 14.03 5.77 10.62
C ASN A 32 14.22 5.58 9.11
N LEU A 33 13.22 5.97 8.35
CA LEU A 33 13.27 5.84 6.88
C LEU A 33 13.92 7.07 6.26
N LYS A 34 13.46 8.25 6.67
CA LYS A 34 13.99 9.50 6.15
C LYS A 34 13.89 9.54 4.62
N VAL A 35 12.90 8.84 4.09
CA VAL A 35 12.70 8.80 2.64
C VAL A 35 11.96 10.04 2.16
N PRO A 36 12.25 10.45 0.91
CA PRO A 36 11.63 11.63 0.31
C PRO A 36 10.15 11.41 -0.01
N GLU A 37 9.35 12.44 0.18
CA GLU A 37 7.92 12.36 -0.08
C GLU A 37 7.65 11.58 -1.36
N GLU A 38 8.42 11.87 -2.40
CA GLU A 38 8.26 11.19 -3.68
C GLU A 38 8.05 9.69 -3.48
N LYS A 39 9.01 9.04 -2.82
CA LYS A 39 8.92 7.61 -2.56
C LYS A 39 7.49 7.20 -2.22
N ALA A 40 7.02 7.65 -1.06
CA ALA A 40 5.67 7.34 -0.61
C ALA A 40 4.65 7.57 -1.73
N ALA A 41 4.60 8.81 -2.23
CA ALA A 41 3.67 9.16 -3.30
C ALA A 41 3.74 8.15 -4.43
N LYS A 42 4.86 8.12 -5.13
CA LYS A 42 5.05 7.20 -6.26
C LYS A 42 4.33 5.87 -5.98
N VAL A 43 4.67 5.25 -4.86
CA VAL A 43 4.07 3.97 -4.49
C VAL A 43 2.54 4.06 -4.50
N ALA A 44 2.01 4.97 -3.69
CA ALA A 44 0.57 5.16 -3.60
C ALA A 44 -0.06 5.24 -4.97
N THR A 45 0.42 6.19 -5.78
CA THR A 45 -0.10 6.37 -7.14
C THR A 45 -0.12 5.05 -7.90
N LYS A 46 0.84 4.18 -7.60
CA LYS A 46 0.94 2.90 -8.26
C LYS A 46 -0.11 1.93 -7.71
N ILE A 47 -0.24 1.88 -6.39
CA ILE A 47 -1.20 1.01 -5.75
C ILE A 47 -2.50 0.92 -6.55
N GLU A 48 -3.16 2.07 -6.73
CA GLU A 48 -4.40 2.11 -7.48
C GLU A 48 -4.18 1.72 -8.94
N LYS A 49 -3.21 2.38 -9.57
CA LYS A 49 -2.89 2.10 -10.97
C LYS A 49 -3.04 0.62 -11.28
N GLU A 50 -2.66 -0.22 -10.32
CA GLU A 50 -2.76 -1.67 -10.49
C GLU A 50 -4.07 -2.20 -9.90
N LEU A 51 -4.46 -1.64 -8.77
CA LEU A 51 -5.69 -2.06 -8.09
C LEU A 51 -6.90 -1.83 -8.99
N PHE A 52 -7.11 -0.58 -9.39
CA PHE A 52 -8.24 -0.23 -10.24
C PHE A 52 -8.34 -1.19 -11.42
N SER A 53 -7.20 -1.50 -12.03
CA SER A 53 -7.16 -2.40 -13.18
C SER A 53 -7.52 -3.82 -12.76
N PHE A 54 -6.80 -4.34 -11.79
CA PHE A 54 -7.04 -5.69 -11.29
C PHE A 54 -8.53 -5.97 -11.17
N PHE A 55 -9.29 -4.96 -10.76
CA PHE A 55 -10.73 -5.10 -10.61
C PHE A 55 -11.46 -4.40 -11.75
N ARG A 56 -10.73 -3.58 -12.50
CA ARG A 56 -11.32 -2.86 -13.63
C ARG A 56 -12.64 -2.22 -13.24
N ASP A 57 -12.75 -1.82 -11.97
CA ASP A 57 -13.97 -1.20 -11.47
C ASP A 57 -13.78 -0.73 -10.03
N THR A 58 -14.73 0.08 -9.55
CA THR A 58 -14.66 0.60 -8.19
C THR A 58 -15.87 0.17 -7.38
N ASP A 59 -16.05 -1.15 -7.23
CA ASP A 59 -17.16 -1.69 -6.47
C ASP A 59 -16.72 -2.11 -5.07
N ALA A 60 -17.67 -2.61 -4.28
CA ALA A 60 -17.38 -3.03 -2.92
C ALA A 60 -16.04 -3.76 -2.85
N LYS A 61 -15.88 -4.79 -3.67
CA LYS A 61 -14.66 -5.56 -3.70
C LYS A 61 -13.44 -4.65 -3.82
N TYR A 62 -13.33 -3.96 -4.95
CA TYR A 62 -12.21 -3.05 -5.19
C TYR A 62 -11.87 -2.26 -3.93
N LYS A 63 -12.89 -1.68 -3.31
CA LYS A 63 -12.70 -0.90 -2.09
C LYS A 63 -12.27 -1.80 -0.93
N ASN A 64 -12.80 -3.02 -0.90
CA ASN A 64 -12.46 -3.97 0.15
C ASN A 64 -10.98 -4.29 0.14
N LYS A 65 -10.40 -4.37 -1.05
CA LYS A 65 -8.98 -4.67 -1.21
C LYS A 65 -8.13 -3.49 -0.77
N TYR A 66 -8.51 -2.29 -1.20
CA TYR A 66 -7.77 -1.08 -0.84
C TYR A 66 -7.71 -0.90 0.67
N ARG A 67 -8.88 -0.79 1.29
CA ARG A 67 -8.95 -0.61 2.75
C ARG A 67 -8.18 -1.71 3.47
N SER A 68 -8.04 -2.86 2.80
CA SER A 68 -7.32 -3.99 3.38
C SER A 68 -5.81 -3.79 3.27
N LEU A 69 -5.34 -3.52 2.07
CA LEU A 69 -3.91 -3.32 1.83
C LEU A 69 -3.34 -2.30 2.81
N MET A 70 -4.10 -1.23 3.05
CA MET A 70 -3.66 -0.19 3.98
C MET A 70 -3.97 -0.58 5.42
N PHE A 71 -4.87 -1.54 5.59
CA PHE A 71 -5.27 -2.00 6.91
C PHE A 71 -4.04 -2.38 7.74
N ASN A 72 -3.12 -3.11 7.12
CA ASN A 72 -1.90 -3.54 7.80
C ASN A 72 -0.87 -2.41 7.82
N LEU A 73 -1.14 -1.36 7.08
CA LEU A 73 -0.24 -0.20 7.02
C LEU A 73 -0.51 0.76 8.17
N LYS A 74 -1.78 1.06 8.41
CA LYS A 74 -2.17 1.96 9.48
C LYS A 74 -2.13 1.25 10.83
N ASP A 75 -1.83 -0.04 10.81
CA ASP A 75 -1.75 -0.83 12.03
C ASP A 75 -0.43 -0.59 12.75
N PRO A 76 -0.52 -0.13 14.01
CA PRO A 76 0.66 0.16 14.83
C PRO A 76 1.41 -1.11 15.24
N LYS A 77 0.65 -2.17 15.53
CA LYS A 77 1.24 -3.43 15.93
C LYS A 77 2.01 -4.07 14.78
N ASN A 78 1.74 -3.60 13.57
CA ASN A 78 2.42 -4.12 12.38
C ASN A 78 3.22 -3.03 11.69
N ASN A 79 4.47 -2.86 12.12
CA ASN A 79 5.34 -1.84 11.54
C ASN A 79 6.40 -2.49 10.65
N ILE A 80 5.95 -3.24 9.65
CA ILE A 80 6.87 -3.91 8.72
C ILE A 80 6.46 -3.66 7.28
N LEU A 81 5.24 -4.07 6.94
CA LEU A 81 4.71 -3.90 5.59
C LEU A 81 5.06 -2.52 5.04
N PHE A 82 4.46 -1.48 5.61
CA PHE A 82 4.71 -0.12 5.19
C PHE A 82 6.19 0.08 4.84
N LYS A 83 7.06 -0.62 5.55
CA LYS A 83 8.50 -0.53 5.32
C LYS A 83 8.91 -1.39 4.13
N LYS A 84 8.38 -2.60 4.07
CA LYS A 84 8.70 -3.52 2.98
C LYS A 84 8.25 -2.95 1.63
N VAL A 85 7.14 -2.22 1.65
CA VAL A 85 6.62 -1.61 0.44
C VAL A 85 7.46 -0.42 0.01
N LEU A 86 7.75 0.47 0.96
CA LEU A 86 8.54 1.66 0.68
C LEU A 86 9.97 1.28 0.28
N LYS A 87 10.60 0.44 1.10
CA LYS A 87 11.96 -0.01 0.84
C LYS A 87 12.06 -0.65 -0.54
N GLY A 88 11.09 -1.49 -0.87
CA GLY A 88 11.09 -2.16 -2.16
C GLY A 88 10.81 -3.64 -2.05
N GLU A 89 11.06 -4.21 -0.87
CA GLU A 89 10.82 -5.63 -0.64
C GLU A 89 9.51 -6.08 -1.28
N VAL A 90 8.49 -5.25 -1.16
CA VAL A 90 7.19 -5.55 -1.73
C VAL A 90 6.80 -4.54 -2.81
N THR A 91 6.50 -5.03 -4.00
CA THR A 91 6.11 -4.18 -5.11
C THR A 91 4.66 -3.74 -4.99
N PRO A 92 4.35 -2.55 -5.53
CA PRO A 92 3.00 -1.99 -5.49
C PRO A 92 2.04 -2.75 -6.39
N ASP A 93 2.58 -3.54 -7.29
CA ASP A 93 1.77 -4.33 -8.22
C ASP A 93 1.55 -5.75 -7.69
N HIS A 94 2.37 -6.13 -6.70
CA HIS A 94 2.26 -7.46 -6.11
C HIS A 94 1.53 -7.40 -4.77
N LEU A 95 1.68 -6.28 -4.07
CA LEU A 95 1.03 -6.09 -2.78
C LEU A 95 -0.44 -6.47 -2.85
N ILE A 96 -1.04 -6.31 -4.03
CA ILE A 96 -2.44 -6.64 -4.23
C ILE A 96 -2.66 -8.14 -4.21
N ARG A 97 -1.91 -8.86 -5.05
CA ARG A 97 -2.02 -10.31 -5.13
C ARG A 97 -1.89 -10.95 -3.75
N MET A 98 -1.23 -10.24 -2.85
CA MET A 98 -1.03 -10.74 -1.49
C MET A 98 -2.37 -10.99 -0.80
N SER A 99 -2.37 -11.88 0.17
CA SER A 99 -3.60 -12.23 0.90
C SER A 99 -3.74 -11.34 2.15
N PRO A 100 -4.97 -11.25 2.66
CA PRO A 100 -5.27 -10.45 3.85
C PRO A 100 -4.68 -11.04 5.12
N GLU A 101 -4.12 -12.24 5.00
CA GLU A 101 -3.50 -12.92 6.14
C GLU A 101 -2.00 -12.74 6.14
N GLU A 102 -1.39 -12.94 4.97
CA GLU A 102 0.06 -12.79 4.83
C GLU A 102 0.52 -11.40 5.25
N LEU A 103 -0.19 -10.39 4.78
CA LEU A 103 0.13 -9.00 5.12
C LEU A 103 0.47 -8.86 6.59
N ALA A 104 -0.08 -9.75 7.41
CA ALA A 104 0.17 -9.73 8.85
C ALA A 104 1.23 -10.75 9.23
N SER A 105 1.20 -11.91 8.58
CA SER A 105 2.15 -12.97 8.87
C SER A 105 3.58 -12.44 8.83
N LYS A 106 4.44 -13.00 9.68
CA LYS A 106 5.83 -12.58 9.76
C LYS A 106 6.71 -13.45 8.86
N GLU A 107 6.41 -13.45 7.57
CA GLU A 107 7.17 -14.24 6.60
C GLU A 107 8.26 -13.40 5.94
N LEU A 108 9.18 -12.90 6.77
CA LEU A 108 10.29 -12.08 6.28
C LEU A 108 11.25 -12.90 5.44
N ALA A 109 11.78 -13.97 6.02
CA ALA A 109 12.71 -14.84 5.33
C ALA A 109 12.29 -15.05 3.88
N ALA A 110 10.99 -15.02 3.63
CA ALA A 110 10.46 -15.20 2.28
C ALA A 110 11.27 -14.39 1.27
N TRP A 111 11.41 -13.10 1.54
CA TRP A 111 12.16 -12.21 0.64
C TRP A 111 13.51 -12.82 0.29
N ARG A 112 14.05 -12.41 -0.86
CA ARG A 112 15.34 -12.91 -1.32
C ARG A 112 16.43 -11.86 -1.12
N ARG A 113 17.68 -12.29 -1.26
CA ARG A 113 18.82 -11.40 -1.09
C ARG A 113 19.67 -11.36 -2.36
N ARG A 114 19.02 -11.26 -3.51
CA ARG A 114 19.71 -11.22 -4.78
C ARG A 114 20.71 -10.06 -4.82
N SER A 115 21.99 -10.38 -4.71
CA SER A 115 23.03 -9.37 -4.73
C SER A 115 23.14 -8.72 -6.11
N GLY A 116 23.27 -7.40 -6.12
CA GLY A 116 23.38 -6.68 -7.38
C GLY A 116 23.19 -5.18 -7.21
N PRO A 117 21.94 -4.72 -7.43
CA PRO A 117 21.60 -3.29 -7.31
C PRO A 117 21.64 -2.81 -5.86
N SER A 118 21.55 -3.76 -4.94
CA SER A 118 21.56 -3.42 -3.51
C SER A 118 22.47 -2.23 -3.23
N SER A 119 21.88 -1.15 -2.71
CA SER A 119 22.64 0.05 -2.41
C SER A 119 23.97 -0.28 -1.75
N GLY A 120 23.93 -1.21 -0.79
CA GLY A 120 25.14 -1.60 -0.10
C GLY A 120 24.87 -2.08 1.32
N GLY A 1 -22.66 3.61 1.59
CA GLY A 1 -23.80 2.72 1.43
C GLY A 1 -23.40 1.26 1.35
N SER A 2 -24.33 0.42 0.91
CA SER A 2 -24.07 -1.01 0.81
C SER A 2 -23.45 -1.35 -0.54
N SER A 3 -24.12 -0.95 -1.62
CA SER A 3 -23.64 -1.23 -2.97
C SER A 3 -24.13 -0.15 -3.94
N GLY A 4 -23.39 0.03 -5.02
CA GLY A 4 -23.76 1.02 -6.03
C GLY A 4 -22.97 2.30 -5.88
N SER A 5 -21.83 2.37 -6.55
CA SER A 5 -20.97 3.55 -6.49
C SER A 5 -21.51 4.66 -7.40
N SER A 6 -22.46 5.43 -6.88
CA SER A 6 -23.05 6.52 -7.65
C SER A 6 -22.30 7.81 -7.42
N GLY A 7 -21.58 8.26 -8.44
CA GLY A 7 -20.80 9.48 -8.33
C GLY A 7 -19.67 9.55 -9.35
N SER A 8 -18.61 10.26 -8.99
CA SER A 8 -17.46 10.41 -9.87
C SER A 8 -16.37 9.41 -9.51
N ALA A 9 -15.91 8.66 -10.50
CA ALA A 9 -14.87 7.66 -10.30
C ALA A 9 -13.50 8.33 -10.11
N ASP A 10 -13.19 9.28 -10.98
CA ASP A 10 -11.92 9.99 -10.92
C ASP A 10 -11.67 10.52 -9.50
N GLN A 11 -12.74 10.73 -8.75
CA GLN A 11 -12.64 11.23 -7.39
C GLN A 11 -12.36 10.09 -6.41
N ILE A 12 -13.19 9.05 -6.47
CA ILE A 12 -13.04 7.89 -5.59
C ILE A 12 -11.62 7.35 -5.65
N ARG A 13 -11.11 7.13 -6.86
CA ARG A 13 -9.77 6.62 -7.04
C ARG A 13 -8.72 7.62 -6.55
N GLN A 14 -8.80 8.85 -7.06
CA GLN A 14 -7.87 9.90 -6.68
C GLN A 14 -7.73 9.97 -5.17
N SER A 15 -8.87 10.09 -4.48
CA SER A 15 -8.88 10.19 -3.02
C SER A 15 -8.04 9.07 -2.40
N VAL A 16 -8.26 7.85 -2.87
CA VAL A 16 -7.52 6.69 -2.36
C VAL A 16 -6.02 7.00 -2.26
N ARG A 17 -5.45 7.43 -3.37
CA ARG A 17 -4.02 7.76 -3.41
C ARG A 17 -3.61 8.54 -2.17
N HIS A 18 -4.19 9.73 -2.00
CA HIS A 18 -3.88 10.57 -0.85
C HIS A 18 -3.82 9.74 0.43
N SER A 19 -4.92 9.07 0.75
CA SER A 19 -4.99 8.25 1.95
C SER A 19 -3.71 7.45 2.14
N LEU A 20 -3.44 6.54 1.21
CA LEU A 20 -2.24 5.71 1.27
C LEU A 20 -1.02 6.54 1.63
N LYS A 21 -0.87 7.68 0.96
CA LYS A 21 0.26 8.57 1.23
C LYS A 21 0.18 9.16 2.62
N ASP A 22 -1.04 9.37 3.11
CA ASP A 22 -1.25 9.92 4.44
C ASP A 22 -0.63 9.02 5.51
N ILE A 23 -0.92 7.73 5.43
CA ILE A 23 -0.39 6.76 6.38
C ILE A 23 1.12 6.64 6.26
N LEU A 24 1.58 6.17 5.11
CA LEU A 24 3.00 6.00 4.85
C LEU A 24 3.77 7.27 5.20
N MET A 25 3.07 8.40 5.18
CA MET A 25 3.69 9.69 5.50
C MET A 25 4.03 9.77 6.99
N LYS A 26 3.14 9.24 7.83
CA LYS A 26 3.36 9.25 9.27
C LYS A 26 4.20 8.06 9.71
N ARG A 27 4.13 6.98 8.94
CA ARG A 27 4.88 5.77 9.25
C ARG A 27 6.34 5.91 8.82
N LEU A 28 6.57 6.78 7.83
CA LEU A 28 7.93 7.00 7.33
C LEU A 28 8.59 8.17 8.05
N THR A 29 7.78 9.16 8.43
CA THR A 29 8.29 10.33 9.13
C THR A 29 8.55 10.03 10.60
N ASP A 30 7.97 8.94 11.09
CA ASP A 30 8.13 8.53 12.48
C ASP A 30 9.30 7.56 12.63
N SER A 31 9.40 6.62 11.71
CA SER A 31 10.48 5.63 11.73
C SER A 31 11.80 6.25 11.31
N ASN A 32 12.86 5.45 11.31
CA ASN A 32 14.19 5.91 10.92
C ASN A 32 14.35 5.89 9.41
N LEU A 33 13.31 6.32 8.70
CA LEU A 33 13.34 6.35 7.25
C LEU A 33 13.57 7.77 6.73
N LYS A 34 14.58 7.92 5.87
CA LYS A 34 14.91 9.22 5.31
C LYS A 34 14.54 9.28 3.84
N VAL A 35 13.45 8.61 3.47
CA VAL A 35 12.98 8.59 2.10
C VAL A 35 12.26 9.89 1.75
N PRO A 36 12.38 10.30 0.47
CA PRO A 36 11.74 11.53 -0.02
C PRO A 36 10.23 11.41 -0.09
N GLU A 37 9.53 12.50 0.22
CA GLU A 37 8.07 12.51 0.18
C GLU A 37 7.55 11.79 -1.05
N GLU A 38 8.16 12.05 -2.19
CA GLU A 38 7.77 11.43 -3.44
C GLU A 38 7.59 9.92 -3.26
N LYS A 39 8.53 9.29 -2.56
CA LYS A 39 8.48 7.86 -2.32
C LYS A 39 7.05 7.41 -2.03
N ALA A 40 6.52 7.82 -0.88
CA ALA A 40 5.17 7.46 -0.49
C ALA A 40 4.19 7.66 -1.65
N ALA A 41 4.15 8.89 -2.16
CA ALA A 41 3.26 9.21 -3.27
C ALA A 41 3.37 8.19 -4.39
N LYS A 42 4.53 8.16 -5.04
CA LYS A 42 4.76 7.22 -6.13
C LYS A 42 4.13 5.87 -5.83
N VAL A 43 4.47 5.30 -4.68
CA VAL A 43 3.94 4.00 -4.28
C VAL A 43 2.41 3.99 -4.37
N ALA A 44 1.77 4.94 -3.70
CA ALA A 44 0.32 5.03 -3.70
C ALA A 44 -0.22 5.11 -5.13
N THR A 45 0.28 6.08 -5.89
CA THR A 45 -0.15 6.26 -7.27
C THR A 45 -0.17 4.94 -8.02
N LYS A 46 0.71 4.02 -7.63
CA LYS A 46 0.79 2.71 -8.26
C LYS A 46 -0.33 1.80 -7.76
N ILE A 47 -0.45 1.71 -6.43
CA ILE A 47 -1.47 0.87 -5.82
C ILE A 47 -2.76 0.90 -6.64
N GLU A 48 -3.29 2.10 -6.86
CA GLU A 48 -4.52 2.26 -7.63
C GLU A 48 -4.32 1.85 -9.08
N LYS A 49 -3.33 2.46 -9.73
CA LYS A 49 -3.03 2.16 -11.12
C LYS A 49 -3.25 0.68 -11.42
N GLU A 50 -2.79 -0.18 -10.52
CA GLU A 50 -2.94 -1.62 -10.69
C GLU A 50 -4.31 -2.08 -10.22
N LEU A 51 -4.65 -1.75 -8.97
CA LEU A 51 -5.93 -2.12 -8.40
C LEU A 51 -7.06 -1.89 -9.40
N PHE A 52 -7.25 -0.64 -9.80
CA PHE A 52 -8.30 -0.28 -10.76
C PHE A 52 -8.34 -1.30 -11.91
N SER A 53 -7.17 -1.61 -12.46
CA SER A 53 -7.08 -2.54 -13.57
C SER A 53 -7.52 -3.94 -13.13
N PHE A 54 -6.84 -4.49 -12.14
CA PHE A 54 -7.15 -5.83 -11.64
C PHE A 54 -8.66 -6.04 -11.57
N PHE A 55 -9.31 -5.33 -10.66
CA PHE A 55 -10.76 -5.45 -10.50
C PHE A 55 -11.49 -4.91 -11.74
N ARG A 56 -11.02 -3.78 -12.25
CA ARG A 56 -11.62 -3.17 -13.43
C ARG A 56 -13.00 -2.62 -13.10
N ASP A 57 -13.19 -2.19 -11.85
CA ASP A 57 -14.47 -1.64 -11.42
C ASP A 57 -14.34 -0.98 -10.05
N THR A 58 -15.16 0.03 -9.80
CA THR A 58 -15.13 0.75 -8.54
C THR A 58 -16.31 0.36 -7.66
N ASP A 59 -16.41 -0.93 -7.35
CA ASP A 59 -17.49 -1.43 -6.51
C ASP A 59 -16.97 -1.83 -5.13
N ALA A 60 -17.87 -2.33 -4.29
CA ALA A 60 -17.51 -2.76 -2.94
C ALA A 60 -16.15 -3.45 -2.94
N LYS A 61 -16.03 -4.52 -3.71
CA LYS A 61 -14.78 -5.27 -3.79
C LYS A 61 -13.58 -4.33 -3.88
N TYR A 62 -13.51 -3.58 -4.96
CA TYR A 62 -12.41 -2.63 -5.16
C TYR A 62 -11.97 -2.03 -3.83
N LYS A 63 -12.89 -1.40 -3.13
CA LYS A 63 -12.60 -0.78 -1.84
C LYS A 63 -12.13 -1.82 -0.83
N ASN A 64 -12.93 -2.87 -0.67
CA ASN A 64 -12.60 -3.94 0.27
C ASN A 64 -11.09 -4.21 0.29
N LYS A 65 -10.50 -4.26 -0.89
CA LYS A 65 -9.07 -4.50 -1.02
C LYS A 65 -8.27 -3.30 -0.53
N TYR A 66 -8.48 -2.15 -1.16
CA TYR A 66 -7.78 -0.92 -0.79
C TYR A 66 -7.71 -0.78 0.73
N ARG A 67 -8.87 -0.82 1.38
CA ARG A 67 -8.95 -0.69 2.82
C ARG A 67 -8.08 -1.74 3.51
N SER A 68 -8.03 -2.93 2.91
CA SER A 68 -7.24 -4.03 3.47
C SER A 68 -5.75 -3.73 3.36
N LEU A 69 -5.31 -3.32 2.18
CA LEU A 69 -3.91 -2.99 1.95
C LEU A 69 -3.38 -2.07 3.04
N MET A 70 -4.06 -0.94 3.23
CA MET A 70 -3.65 0.02 4.25
C MET A 70 -3.91 -0.52 5.65
N PHE A 71 -4.94 -1.34 5.78
CA PHE A 71 -5.29 -1.93 7.07
C PHE A 71 -4.04 -2.30 7.86
N ASN A 72 -3.15 -3.05 7.22
CA ASN A 72 -1.91 -3.47 7.87
C ASN A 72 -0.95 -2.29 8.03
N LEU A 73 -0.82 -1.49 6.98
CA LEU A 73 0.07 -0.33 7.02
C LEU A 73 -0.20 0.51 8.26
N LYS A 74 -1.47 0.77 8.54
CA LYS A 74 -1.85 1.57 9.70
C LYS A 74 -1.72 0.76 10.98
N ASP A 75 -2.07 -0.53 10.91
CA ASP A 75 -1.99 -1.41 12.07
C ASP A 75 -0.78 -1.05 12.93
N PRO A 76 -1.06 -0.62 14.18
CA PRO A 76 -0.01 -0.24 15.13
C PRO A 76 0.80 -1.44 15.62
N LYS A 77 0.34 -2.64 15.27
CA LYS A 77 1.02 -3.86 15.66
C LYS A 77 1.96 -4.35 14.56
N ASN A 78 1.61 -4.03 13.31
CA ASN A 78 2.42 -4.44 12.17
C ASN A 78 3.21 -3.25 11.61
N ASN A 79 4.52 -3.26 11.85
CA ASN A 79 5.38 -2.19 11.37
C ASN A 79 6.48 -2.74 10.47
N ILE A 80 6.09 -3.55 9.49
CA ILE A 80 7.04 -4.15 8.56
C ILE A 80 6.63 -3.88 7.12
N LEU A 81 5.35 -4.07 6.83
CA LEU A 81 4.82 -3.85 5.49
C LEU A 81 5.26 -2.50 4.94
N PHE A 82 4.72 -1.43 5.53
CA PHE A 82 5.05 -0.08 5.11
C PHE A 82 6.54 0.04 4.77
N LYS A 83 7.37 -0.62 5.56
CA LYS A 83 8.82 -0.60 5.35
C LYS A 83 9.19 -1.37 4.09
N LYS A 84 8.72 -2.61 3.99
CA LYS A 84 9.00 -3.44 2.83
C LYS A 84 8.55 -2.76 1.54
N VAL A 85 7.42 -2.08 1.61
CA VAL A 85 6.87 -1.38 0.44
C VAL A 85 7.74 -0.17 0.08
N LEU A 86 7.88 0.74 1.03
CA LEU A 86 8.68 1.95 0.82
C LEU A 86 10.09 1.59 0.37
N LYS A 87 10.75 0.73 1.14
CA LYS A 87 12.11 0.31 0.82
C LYS A 87 12.17 -0.30 -0.58
N GLY A 88 11.22 -1.18 -0.89
CA GLY A 88 11.19 -1.81 -2.19
C GLY A 88 10.91 -3.30 -2.10
N GLU A 89 11.28 -3.90 -0.96
CA GLU A 89 11.06 -5.33 -0.76
C GLU A 89 9.75 -5.79 -1.39
N VAL A 90 8.69 -5.02 -1.14
CA VAL A 90 7.38 -5.35 -1.68
C VAL A 90 6.97 -4.37 -2.77
N THR A 91 6.40 -4.89 -3.86
CA THR A 91 5.98 -4.06 -4.97
C THR A 91 4.53 -3.60 -4.79
N PRO A 92 4.23 -2.39 -5.28
CA PRO A 92 2.89 -1.81 -5.19
C PRO A 92 1.88 -2.54 -6.08
N ASP A 93 2.37 -3.48 -6.87
CA ASP A 93 1.51 -4.24 -7.77
C ASP A 93 1.26 -5.64 -7.23
N HIS A 94 2.24 -6.17 -6.49
CA HIS A 94 2.11 -7.50 -5.90
C HIS A 94 1.38 -7.44 -4.57
N LEU A 95 1.53 -6.32 -3.87
CA LEU A 95 0.88 -6.14 -2.57
C LEU A 95 -0.57 -6.57 -2.62
N ILE A 96 -1.21 -6.36 -3.76
CA ILE A 96 -2.61 -6.73 -3.94
C ILE A 96 -2.75 -8.24 -4.08
N ARG A 97 -1.94 -8.83 -4.95
CA ARG A 97 -1.98 -10.27 -5.18
C ARG A 97 -1.80 -11.04 -3.86
N MET A 98 -1.08 -10.43 -2.93
CA MET A 98 -0.83 -11.05 -1.63
C MET A 98 -2.14 -11.43 -0.95
N SER A 99 -2.04 -12.13 0.17
CA SER A 99 -3.23 -12.56 0.91
C SER A 99 -3.40 -11.73 2.18
N PRO A 100 -4.65 -11.59 2.63
CA PRO A 100 -4.97 -10.83 3.85
C PRO A 100 -4.48 -11.51 5.11
N GLU A 101 -4.03 -12.75 4.97
CA GLU A 101 -3.53 -13.51 6.11
C GLU A 101 -2.01 -13.46 6.18
N GLU A 102 -1.38 -13.27 5.03
CA GLU A 102 0.08 -13.21 4.95
C GLU A 102 0.57 -11.78 5.19
N LEU A 103 -0.19 -10.81 4.70
CA LEU A 103 0.17 -9.40 4.86
C LEU A 103 0.56 -9.11 6.30
N ALA A 104 -0.16 -9.71 7.24
CA ALA A 104 0.12 -9.51 8.66
C ALA A 104 1.26 -10.41 9.12
N SER A 105 1.42 -11.55 8.47
CA SER A 105 2.48 -12.50 8.83
C SER A 105 3.74 -11.76 9.24
N LYS A 106 4.39 -12.26 10.29
CA LYS A 106 5.62 -11.66 10.78
C LYS A 106 6.85 -12.38 10.23
N GLU A 107 6.69 -12.99 9.06
CA GLU A 107 7.78 -13.71 8.42
C GLU A 107 8.53 -12.81 7.45
N LEU A 108 9.85 -12.74 7.61
CA LEU A 108 10.68 -11.91 6.75
C LEU A 108 11.51 -12.77 5.79
N ALA A 109 12.27 -13.70 6.36
CA ALA A 109 13.11 -14.59 5.56
C ALA A 109 12.38 -15.04 4.31
N ALA A 110 11.07 -15.24 4.41
CA ALA A 110 10.25 -15.67 3.29
C ALA A 110 10.76 -15.05 1.99
N TRP A 111 10.92 -13.73 2.00
CA TRP A 111 11.40 -13.01 0.82
C TRP A 111 12.57 -13.74 0.16
N ARG A 112 12.63 -13.68 -1.16
CA ARG A 112 13.70 -14.34 -1.91
C ARG A 112 14.94 -13.45 -1.97
N ARG A 113 16.04 -14.01 -2.47
CA ARG A 113 17.29 -13.28 -2.58
C ARG A 113 17.59 -12.95 -4.04
N ARG A 114 18.31 -11.85 -4.26
CA ARG A 114 18.67 -11.43 -5.61
C ARG A 114 20.12 -11.79 -5.92
N SER A 115 20.32 -12.90 -6.61
CA SER A 115 21.67 -13.35 -6.96
C SER A 115 22.26 -12.46 -8.04
N GLY A 116 23.26 -11.67 -7.66
CA GLY A 116 23.91 -10.78 -8.60
C GLY A 116 24.67 -9.66 -7.92
N PRO A 117 24.92 -8.57 -8.66
CA PRO A 117 25.64 -7.40 -8.14
C PRO A 117 24.84 -6.65 -7.09
N SER A 118 25.06 -6.99 -5.82
CA SER A 118 24.35 -6.34 -4.72
C SER A 118 25.23 -5.27 -4.07
N SER A 119 24.72 -4.68 -2.99
CA SER A 119 25.46 -3.63 -2.28
C SER A 119 25.01 -3.56 -0.82
N GLY A 120 25.76 -2.82 -0.03
CA GLY A 120 25.44 -2.67 1.38
C GLY A 120 25.84 -3.89 2.19
N GLY A 1 -15.75 4.71 9.07
CA GLY A 1 -16.04 6.14 9.20
C GLY A 1 -17.49 6.45 8.93
N SER A 2 -18.22 6.86 9.98
CA SER A 2 -19.63 7.19 9.85
C SER A 2 -19.82 8.47 9.03
N SER A 3 -19.81 8.32 7.71
CA SER A 3 -19.97 9.46 6.82
C SER A 3 -20.21 8.99 5.38
N GLY A 4 -21.06 9.72 4.66
CA GLY A 4 -21.37 9.36 3.29
C GLY A 4 -20.69 10.28 2.29
N SER A 5 -19.54 9.84 1.78
CA SER A 5 -18.78 10.62 0.82
C SER A 5 -19.18 10.26 -0.61
N SER A 6 -20.31 10.79 -1.06
CA SER A 6 -20.81 10.51 -2.40
C SER A 6 -20.34 11.58 -3.38
N GLY A 7 -19.51 11.17 -4.35
CA GLY A 7 -19.00 12.11 -5.33
C GLY A 7 -19.00 11.53 -6.73
N SER A 8 -17.96 10.77 -7.05
CA SER A 8 -17.84 10.16 -8.37
C SER A 8 -16.62 9.24 -8.44
N ALA A 9 -16.72 8.21 -9.26
CA ALA A 9 -15.63 7.25 -9.42
C ALA A 9 -14.27 7.96 -9.36
N ASP A 10 -14.02 8.81 -10.34
CA ASP A 10 -12.76 9.55 -10.41
C ASP A 10 -12.37 10.07 -9.03
N GLN A 11 -13.30 10.72 -8.35
CA GLN A 11 -13.06 11.27 -7.03
C GLN A 11 -12.62 10.17 -6.06
N ILE A 12 -13.27 9.02 -6.14
CA ILE A 12 -12.95 7.89 -5.27
C ILE A 12 -11.49 7.46 -5.46
N ARG A 13 -11.12 7.14 -6.70
CA ARG A 13 -9.77 6.70 -7.00
C ARG A 13 -8.75 7.70 -6.46
N GLN A 14 -8.93 8.97 -6.80
CA GLN A 14 -8.02 10.02 -6.36
C GLN A 14 -7.80 9.94 -4.85
N SER A 15 -8.90 9.89 -4.10
CA SER A 15 -8.83 9.81 -2.65
C SER A 15 -7.91 8.68 -2.20
N VAL A 16 -8.11 7.51 -2.78
CA VAL A 16 -7.30 6.34 -2.45
C VAL A 16 -5.82 6.71 -2.38
N ARG A 17 -5.33 7.39 -3.42
CA ARG A 17 -3.94 7.80 -3.47
C ARG A 17 -3.54 8.58 -2.21
N HIS A 18 -4.07 9.79 -2.08
CA HIS A 18 -3.78 10.62 -0.93
C HIS A 18 -3.76 9.80 0.35
N SER A 19 -4.86 9.11 0.63
CA SER A 19 -4.97 8.28 1.82
C SER A 19 -3.69 7.46 2.04
N LEU A 20 -3.35 6.66 1.03
CA LEU A 20 -2.15 5.82 1.11
C LEU A 20 -0.94 6.64 1.52
N LYS A 21 -0.59 7.63 0.70
CA LYS A 21 0.55 8.49 0.99
C LYS A 21 0.46 9.08 2.39
N ASP A 22 -0.76 9.35 2.83
CA ASP A 22 -0.99 9.91 4.15
C ASP A 22 -0.44 8.98 5.24
N ILE A 23 -0.75 7.70 5.13
CA ILE A 23 -0.28 6.71 6.10
C ILE A 23 1.23 6.52 6.00
N LEU A 24 1.70 6.27 4.78
CA LEU A 24 3.12 6.06 4.54
C LEU A 24 3.92 7.32 4.86
N MET A 25 3.23 8.45 4.91
CA MET A 25 3.88 9.73 5.20
C MET A 25 4.18 9.86 6.69
N LYS A 26 3.20 9.49 7.52
CA LYS A 26 3.36 9.56 8.97
C LYS A 26 4.07 8.32 9.50
N ARG A 27 4.02 7.24 8.73
CA ARG A 27 4.67 5.99 9.13
C ARG A 27 6.18 6.06 8.87
N LEU A 28 6.57 6.88 7.90
CA LEU A 28 7.98 7.03 7.56
C LEU A 28 8.63 8.13 8.38
N THR A 29 7.92 9.24 8.56
CA THR A 29 8.43 10.37 9.33
C THR A 29 8.70 9.97 10.77
N ASP A 30 7.87 9.08 11.31
CA ASP A 30 8.03 8.60 12.67
C ASP A 30 9.23 7.67 12.79
N SER A 31 9.37 6.77 11.83
CA SER A 31 10.47 5.81 11.82
C SER A 31 11.75 6.46 11.31
N ASN A 32 12.85 5.71 11.35
CA ASN A 32 14.14 6.22 10.88
C ASN A 32 14.28 6.06 9.38
N LEU A 33 13.39 6.71 8.63
CA LEU A 33 13.41 6.65 7.18
C LEU A 33 13.76 8.00 6.58
N LYS A 34 14.96 8.10 6.02
CA LYS A 34 15.42 9.35 5.41
C LYS A 34 14.96 9.44 3.96
N VAL A 35 13.93 8.68 3.62
CA VAL A 35 13.39 8.68 2.26
C VAL A 35 12.62 9.96 1.97
N PRO A 36 12.62 10.37 0.70
CA PRO A 36 11.94 11.58 0.26
C PRO A 36 10.42 11.45 0.31
N GLU A 37 9.72 12.56 0.11
CA GLU A 37 8.27 12.55 0.13
C GLU A 37 7.71 11.85 -1.09
N GLU A 38 8.41 11.95 -2.21
CA GLU A 38 7.98 11.32 -3.45
C GLU A 38 7.87 9.81 -3.29
N LYS A 39 8.84 9.23 -2.58
CA LYS A 39 8.86 7.78 -2.35
C LYS A 39 7.45 7.26 -2.09
N ALA A 40 6.87 7.69 -0.96
CA ALA A 40 5.52 7.25 -0.60
C ALA A 40 4.53 7.53 -1.72
N ALA A 41 4.63 8.73 -2.29
CA ALA A 41 3.74 9.13 -3.38
C ALA A 41 3.78 8.12 -4.52
N LYS A 42 4.92 8.04 -5.20
CA LYS A 42 5.10 7.12 -6.31
C LYS A 42 4.44 5.78 -6.01
N VAL A 43 4.84 5.16 -4.91
CA VAL A 43 4.28 3.87 -4.52
C VAL A 43 2.75 3.91 -4.53
N ALA A 44 2.18 4.87 -3.81
CA ALA A 44 0.74 5.01 -3.74
C ALA A 44 0.13 5.11 -5.13
N THR A 45 0.65 6.05 -5.93
CA THR A 45 0.15 6.26 -7.29
C THR A 45 0.04 4.94 -8.04
N LYS A 46 0.93 4.01 -7.72
CA LYS A 46 0.93 2.70 -8.37
C LYS A 46 -0.17 1.81 -7.80
N ILE A 47 -0.20 1.69 -6.48
CA ILE A 47 -1.21 0.87 -5.81
C ILE A 47 -2.55 0.97 -6.52
N GLU A 48 -3.06 2.19 -6.65
CA GLU A 48 -4.34 2.42 -7.30
C GLU A 48 -4.25 2.11 -8.80
N LYS A 49 -3.07 2.35 -9.38
CA LYS A 49 -2.85 2.10 -10.79
C LYS A 49 -3.07 0.62 -11.13
N GLU A 50 -2.62 -0.24 -10.22
CA GLU A 50 -2.78 -1.69 -10.42
C GLU A 50 -4.12 -2.17 -9.89
N LEU A 51 -4.51 -1.68 -8.72
CA LEU A 51 -5.78 -2.06 -8.11
C LEU A 51 -6.93 -1.87 -9.08
N PHE A 52 -7.15 -0.63 -9.51
CA PHE A 52 -8.22 -0.32 -10.44
C PHE A 52 -8.12 -1.17 -11.70
N SER A 53 -6.91 -1.28 -12.24
CA SER A 53 -6.67 -2.07 -13.44
C SER A 53 -6.95 -3.55 -13.19
N PHE A 54 -6.89 -3.95 -11.92
CA PHE A 54 -7.14 -5.33 -11.54
C PHE A 54 -8.64 -5.62 -11.47
N PHE A 55 -9.35 -4.83 -10.66
CA PHE A 55 -10.78 -4.99 -10.50
C PHE A 55 -11.53 -4.43 -11.70
N ARG A 56 -10.87 -3.58 -12.47
CA ARG A 56 -11.48 -2.98 -13.65
C ARG A 56 -12.80 -2.32 -13.30
N ASP A 57 -12.92 -1.86 -12.06
CA ASP A 57 -14.14 -1.21 -11.60
C ASP A 57 -13.97 -0.69 -10.18
N THR A 58 -14.96 0.09 -9.72
CA THR A 58 -14.91 0.65 -8.37
C THR A 58 -15.96 0.02 -7.47
N ASP A 59 -16.31 -1.24 -7.77
CA ASP A 59 -17.30 -1.96 -6.98
C ASP A 59 -16.83 -2.15 -5.54
N ALA A 60 -17.60 -2.87 -4.76
CA ALA A 60 -17.27 -3.13 -3.36
C ALA A 60 -15.98 -3.95 -3.25
N LYS A 61 -15.77 -4.83 -4.22
CA LYS A 61 -14.59 -5.68 -4.24
C LYS A 61 -13.32 -4.85 -4.44
N TYR A 62 -13.47 -3.74 -5.16
CA TYR A 62 -12.34 -2.85 -5.44
C TYR A 62 -11.91 -2.11 -4.19
N LYS A 63 -12.88 -1.51 -3.50
CA LYS A 63 -12.62 -0.75 -2.28
C LYS A 63 -12.22 -1.69 -1.14
N ASN A 64 -12.99 -2.77 -0.99
CA ASN A 64 -12.72 -3.76 0.07
C ASN A 64 -11.23 -4.09 0.13
N LYS A 65 -10.61 -4.21 -1.04
CA LYS A 65 -9.19 -4.52 -1.12
C LYS A 65 -8.34 -3.33 -0.70
N TYR A 66 -8.72 -2.15 -1.17
CA TYR A 66 -7.99 -0.92 -0.85
C TYR A 66 -7.95 -0.70 0.65
N ARG A 67 -9.13 -0.74 1.28
CA ARG A 67 -9.24 -0.52 2.72
C ARG A 67 -8.56 -1.66 3.49
N SER A 68 -8.19 -2.71 2.77
CA SER A 68 -7.53 -3.86 3.37
C SER A 68 -6.02 -3.72 3.32
N LEU A 69 -5.50 -3.50 2.11
CA LEU A 69 -4.06 -3.35 1.91
C LEU A 69 -3.48 -2.36 2.92
N MET A 70 -4.24 -1.32 3.23
CA MET A 70 -3.80 -0.30 4.19
C MET A 70 -4.19 -0.68 5.61
N PHE A 71 -5.15 -1.59 5.72
CA PHE A 71 -5.63 -2.05 7.03
C PHE A 71 -4.46 -2.50 7.90
N ASN A 72 -3.42 -3.04 7.26
CA ASN A 72 -2.25 -3.51 7.98
C ASN A 72 -1.21 -2.40 8.13
N LEU A 73 -1.20 -1.49 7.16
CA LEU A 73 -0.26 -0.37 7.18
C LEU A 73 -0.52 0.54 8.37
N LYS A 74 -1.80 0.72 8.71
CA LYS A 74 -2.18 1.57 9.83
C LYS A 74 -2.20 0.78 11.13
N ASP A 75 -1.95 -0.52 11.02
CA ASP A 75 -1.94 -1.40 12.19
C ASP A 75 -0.61 -1.31 12.92
N PRO A 76 -0.67 -1.02 14.24
CA PRO A 76 0.52 -0.90 15.09
C PRO A 76 1.22 -2.24 15.30
N LYS A 77 0.51 -3.32 15.02
CA LYS A 77 1.06 -4.66 15.18
C LYS A 77 2.06 -4.98 14.07
N ASN A 78 1.73 -4.57 12.85
CA ASN A 78 2.60 -4.81 11.71
C ASN A 78 3.28 -3.52 11.26
N ASN A 79 4.39 -3.18 11.89
CA ASN A 79 5.13 -1.97 11.55
C ASN A 79 6.29 -2.28 10.60
N ILE A 80 6.00 -3.09 9.59
CA ILE A 80 7.01 -3.46 8.61
C ILE A 80 6.53 -3.19 7.19
N LEU A 81 5.37 -3.76 6.85
CA LEU A 81 4.80 -3.58 5.51
C LEU A 81 5.15 -2.20 4.95
N PHE A 82 4.56 -1.16 5.54
CA PHE A 82 4.80 0.20 5.11
C PHE A 82 6.25 0.39 4.69
N LYS A 83 7.17 -0.20 5.45
CA LYS A 83 8.60 -0.11 5.16
C LYS A 83 8.98 -1.05 4.01
N LYS A 84 8.38 -2.23 4.00
CA LYS A 84 8.67 -3.22 2.97
C LYS A 84 8.31 -2.68 1.59
N VAL A 85 7.23 -1.90 1.53
CA VAL A 85 6.78 -1.32 0.26
C VAL A 85 7.64 -0.13 -0.13
N LEU A 86 7.89 0.76 0.83
CA LEU A 86 8.71 1.94 0.58
C LEU A 86 10.13 1.54 0.19
N LYS A 87 10.72 0.64 0.97
CA LYS A 87 12.08 0.18 0.70
C LYS A 87 12.15 -0.53 -0.65
N GLY A 88 11.13 -1.35 -0.94
CA GLY A 88 11.11 -2.07 -2.19
C GLY A 88 10.82 -3.55 -2.00
N GLU A 89 10.78 -3.98 -0.74
CA GLU A 89 10.52 -5.38 -0.43
C GLU A 89 9.21 -5.85 -1.07
N VAL A 90 8.13 -5.13 -0.77
CA VAL A 90 6.82 -5.47 -1.33
C VAL A 90 6.47 -4.57 -2.50
N THR A 91 6.21 -5.18 -3.65
CA THR A 91 5.86 -4.43 -4.86
C THR A 91 4.45 -3.87 -4.75
N PRO A 92 4.25 -2.68 -5.34
CA PRO A 92 2.95 -2.00 -5.34
C PRO A 92 1.92 -2.72 -6.20
N ASP A 93 2.38 -3.73 -6.94
CA ASP A 93 1.49 -4.49 -7.80
C ASP A 93 1.20 -5.88 -7.21
N HIS A 94 2.04 -6.30 -6.27
CA HIS A 94 1.88 -7.59 -5.62
C HIS A 94 1.08 -7.46 -4.34
N LEU A 95 1.26 -6.34 -3.64
CA LEU A 95 0.55 -6.09 -2.39
C LEU A 95 -0.92 -6.45 -2.52
N ILE A 96 -1.43 -6.42 -3.74
CA ILE A 96 -2.83 -6.74 -4.01
C ILE A 96 -3.02 -8.25 -4.16
N ARG A 97 -2.06 -8.89 -4.80
CA ARG A 97 -2.13 -10.34 -5.01
C ARG A 97 -1.82 -11.09 -3.72
N MET A 98 -1.23 -10.39 -2.76
CA MET A 98 -0.88 -10.98 -1.48
C MET A 98 -2.12 -11.34 -0.68
N SER A 99 -2.03 -12.40 0.13
CA SER A 99 -3.15 -12.85 0.94
C SER A 99 -3.24 -12.06 2.24
N PRO A 100 -4.42 -12.05 2.86
CA PRO A 100 -4.65 -11.35 4.12
C PRO A 100 -3.95 -12.01 5.29
N GLU A 101 -3.37 -13.18 5.04
CA GLU A 101 -2.66 -13.92 6.09
C GLU A 101 -1.15 -13.73 5.95
N GLU A 102 -0.71 -13.34 4.75
CA GLU A 102 0.70 -13.13 4.50
C GLU A 102 1.10 -11.68 4.79
N LEU A 103 0.15 -10.77 4.64
CA LEU A 103 0.40 -9.35 4.89
C LEU A 103 0.92 -9.13 6.30
N ALA A 104 0.63 -10.08 7.20
CA ALA A 104 1.06 -9.99 8.58
C ALA A 104 2.46 -10.59 8.76
N SER A 105 2.75 -11.61 7.95
CA SER A 105 4.04 -12.28 8.03
C SER A 105 5.19 -11.26 8.03
N LYS A 106 6.10 -11.40 8.99
CA LYS A 106 7.24 -10.50 9.10
C LYS A 106 8.53 -11.29 9.28
N GLU A 107 8.74 -12.28 8.44
CA GLU A 107 9.94 -13.10 8.50
C GLU A 107 11.15 -12.37 7.91
N LEU A 108 10.87 -11.47 6.96
CA LEU A 108 11.92 -10.70 6.32
C LEU A 108 13.07 -11.61 5.86
N ALA A 109 12.73 -12.86 5.57
CA ALA A 109 13.72 -13.83 5.12
C ALA A 109 13.33 -14.43 3.77
N ALA A 110 12.09 -14.19 3.36
CA ALA A 110 11.58 -14.71 2.09
C ALA A 110 12.04 -13.84 0.92
N TRP A 111 11.97 -12.53 1.10
CA TRP A 111 12.38 -11.59 0.06
C TRP A 111 13.73 -11.98 -0.53
N ARG A 112 13.77 -12.15 -1.84
CA ARG A 112 15.01 -12.53 -2.52
C ARG A 112 16.16 -11.60 -2.13
N ARG A 113 17.38 -12.02 -2.44
CA ARG A 113 18.56 -11.23 -2.11
C ARG A 113 18.96 -10.33 -3.28
N ARG A 114 19.28 -9.08 -2.98
CA ARG A 114 19.68 -8.13 -4.01
C ARG A 114 21.12 -7.66 -3.79
N SER A 115 21.89 -7.62 -4.87
CA SER A 115 23.28 -7.19 -4.79
C SER A 115 23.40 -5.83 -4.10
N GLY A 116 23.52 -5.86 -2.78
CA GLY A 116 23.64 -4.62 -2.02
C GLY A 116 25.05 -4.39 -1.50
N PRO A 117 25.91 -3.82 -2.35
CA PRO A 117 27.30 -3.53 -2.00
C PRO A 117 27.41 -2.41 -0.96
N SER A 118 28.34 -2.57 -0.03
CA SER A 118 28.55 -1.59 1.01
C SER A 118 29.80 -0.76 0.74
N SER A 119 29.69 0.55 0.89
CA SER A 119 30.81 1.46 0.65
C SER A 119 30.65 2.74 1.46
N GLY A 120 31.70 3.56 1.47
CA GLY A 120 31.65 4.82 2.20
C GLY A 120 32.55 5.88 1.58
N GLY A 1 -26.10 11.39 6.23
CA GLY A 1 -25.48 11.43 4.91
C GLY A 1 -25.72 12.73 4.19
N SER A 2 -26.27 12.65 2.99
CA SER A 2 -26.55 13.84 2.19
C SER A 2 -25.37 14.81 2.24
N SER A 3 -24.16 14.27 2.15
CA SER A 3 -22.95 15.09 2.18
C SER A 3 -22.14 14.93 0.89
N GLY A 4 -22.08 16.00 0.10
CA GLY A 4 -21.36 15.96 -1.15
C GLY A 4 -22.14 15.31 -2.26
N SER A 5 -22.35 16.05 -3.35
CA SER A 5 -23.10 15.53 -4.49
C SER A 5 -22.16 15.12 -5.61
N SER A 6 -21.18 15.97 -5.90
CA SER A 6 -20.22 15.69 -6.96
C SER A 6 -19.25 14.58 -6.54
N GLY A 7 -19.31 13.46 -7.26
CA GLY A 7 -18.46 12.34 -6.95
C GLY A 7 -18.47 11.28 -8.03
N SER A 8 -17.41 11.22 -8.83
CA SER A 8 -17.31 10.24 -9.91
C SER A 8 -16.36 9.12 -9.53
N ALA A 9 -16.44 8.02 -10.28
CA ALA A 9 -15.59 6.87 -10.03
C ALA A 9 -14.12 7.26 -10.01
N ASP A 10 -13.71 8.07 -10.99
CA ASP A 10 -12.33 8.52 -11.09
C ASP A 10 -11.92 9.26 -9.82
N GLN A 11 -12.86 10.01 -9.25
CA GLN A 11 -12.59 10.77 -8.03
C GLN A 11 -12.24 9.84 -6.87
N ILE A 12 -12.93 8.72 -6.80
CA ILE A 12 -12.68 7.74 -5.73
C ILE A 12 -11.25 7.22 -5.79
N ARG A 13 -10.94 6.44 -6.82
CA ARG A 13 -9.61 5.89 -6.98
C ARG A 13 -8.54 6.96 -6.77
N GLN A 14 -8.82 8.17 -7.23
CA GLN A 14 -7.89 9.28 -7.10
C GLN A 14 -7.65 9.62 -5.63
N SER A 15 -8.72 9.62 -4.85
CA SER A 15 -8.63 9.93 -3.43
C SER A 15 -7.83 8.85 -2.69
N VAL A 16 -8.07 7.59 -3.06
CA VAL A 16 -7.37 6.48 -2.43
C VAL A 16 -5.87 6.75 -2.32
N ARG A 17 -5.29 7.27 -3.40
CA ARG A 17 -3.86 7.57 -3.43
C ARG A 17 -3.46 8.34 -2.17
N HIS A 18 -3.98 9.55 -2.02
CA HIS A 18 -3.67 10.38 -0.87
C HIS A 18 -3.76 9.58 0.43
N SER A 19 -4.93 9.01 0.67
CA SER A 19 -5.15 8.21 1.88
C SER A 19 -3.94 7.36 2.19
N LEU A 20 -3.55 6.52 1.23
CA LEU A 20 -2.40 5.64 1.41
C LEU A 20 -1.17 6.42 1.86
N LYS A 21 -0.83 7.45 1.10
CA LYS A 21 0.32 8.29 1.43
C LYS A 21 0.26 8.77 2.88
N ASP A 22 -0.94 9.09 3.33
CA ASP A 22 -1.13 9.55 4.71
C ASP A 22 -0.44 8.62 5.69
N ILE A 23 -0.71 7.33 5.56
CA ILE A 23 -0.11 6.33 6.44
C ILE A 23 1.40 6.24 6.24
N LEU A 24 1.81 6.03 5.00
CA LEU A 24 3.23 5.93 4.66
C LEU A 24 3.96 7.22 4.99
N MET A 25 3.19 8.28 5.25
CA MET A 25 3.76 9.57 5.59
C MET A 25 4.15 9.64 7.07
N LYS A 26 3.27 9.14 7.92
CA LYS A 26 3.51 9.14 9.36
C LYS A 26 4.34 7.93 9.77
N ARG A 27 4.31 6.89 8.94
CA ARG A 27 5.06 5.67 9.22
C ARG A 27 6.53 5.83 8.82
N LEU A 28 6.77 6.69 7.83
CA LEU A 28 8.13 6.92 7.36
C LEU A 28 8.81 8.03 8.18
N THR A 29 8.03 9.03 8.58
CA THR A 29 8.55 10.13 9.37
C THR A 29 8.84 9.69 10.81
N ASP A 30 8.17 8.62 11.23
CA ASP A 30 8.36 8.11 12.59
C ASP A 30 9.44 7.03 12.61
N SER A 31 9.40 6.14 11.63
CA SER A 31 10.37 5.06 11.53
C SER A 31 11.76 5.60 11.24
N ASN A 32 12.73 4.69 11.11
CA ASN A 32 14.11 5.09 10.84
C ASN A 32 14.34 5.25 9.34
N LEU A 33 13.29 5.68 8.63
CA LEU A 33 13.38 5.87 7.19
C LEU A 33 13.71 7.33 6.86
N LYS A 34 14.44 7.52 5.77
CA LYS A 34 14.83 8.86 5.34
C LYS A 34 14.42 9.11 3.89
N VAL A 35 13.57 8.23 3.36
CA VAL A 35 13.09 8.35 1.99
C VAL A 35 12.33 9.66 1.79
N PRO A 36 12.42 10.22 0.57
CA PRO A 36 11.75 11.47 0.22
C PRO A 36 10.24 11.30 0.14
N GLU A 37 9.51 12.41 0.34
CA GLU A 37 8.06 12.38 0.28
C GLU A 37 7.57 11.75 -1.03
N GLU A 38 8.30 12.01 -2.12
CA GLU A 38 7.94 11.47 -3.41
C GLU A 38 7.71 9.96 -3.34
N LYS A 39 8.71 9.24 -2.83
CA LYS A 39 8.61 7.80 -2.70
C LYS A 39 7.23 7.38 -2.20
N ALA A 40 6.80 7.97 -1.09
CA ALA A 40 5.50 7.66 -0.52
C ALA A 40 4.39 7.85 -1.55
N ALA A 41 4.31 9.04 -2.11
CA ALA A 41 3.29 9.35 -3.12
C ALA A 41 3.39 8.38 -4.30
N LYS A 42 4.49 8.47 -5.03
CA LYS A 42 4.71 7.61 -6.19
C LYS A 42 4.13 6.23 -5.96
N VAL A 43 4.61 5.55 -4.92
CA VAL A 43 4.12 4.22 -4.58
C VAL A 43 2.60 4.19 -4.46
N ALA A 44 2.07 5.10 -3.65
CA ALA A 44 0.63 5.18 -3.45
C ALA A 44 -0.11 5.31 -4.78
N THR A 45 0.46 6.10 -5.68
CA THR A 45 -0.15 6.31 -6.99
C THR A 45 -0.20 5.02 -7.79
N LYS A 46 0.77 4.14 -7.55
CA LYS A 46 0.83 2.86 -8.25
C LYS A 46 -0.23 1.90 -7.72
N ILE A 47 -0.41 1.89 -6.40
CA ILE A 47 -1.40 1.02 -5.79
C ILE A 47 -2.69 0.98 -6.60
N GLU A 48 -3.33 2.14 -6.74
CA GLU A 48 -4.57 2.24 -7.50
C GLU A 48 -4.35 1.87 -8.96
N LYS A 49 -3.28 2.42 -9.55
CA LYS A 49 -2.95 2.15 -10.94
C LYS A 49 -3.09 0.66 -11.26
N GLU A 50 -2.70 -0.18 -10.32
CA GLU A 50 -2.78 -1.63 -10.50
C GLU A 50 -4.14 -2.16 -10.02
N LEU A 51 -4.59 -1.66 -8.87
CA LEU A 51 -5.86 -2.09 -8.30
C LEU A 51 -7.00 -1.81 -9.27
N PHE A 52 -7.21 -0.53 -9.60
CA PHE A 52 -8.27 -0.13 -10.50
C PHE A 52 -8.19 -0.93 -11.81
N SER A 53 -6.99 -1.38 -12.14
CA SER A 53 -6.78 -2.15 -13.36
C SER A 53 -7.15 -3.62 -13.16
N PHE A 54 -7.02 -4.09 -11.92
CA PHE A 54 -7.34 -5.47 -11.58
C PHE A 54 -8.85 -5.65 -11.39
N PHE A 55 -9.43 -4.79 -10.57
CA PHE A 55 -10.87 -4.85 -10.30
C PHE A 55 -11.67 -4.24 -11.44
N ARG A 56 -10.98 -3.45 -12.28
CA ARG A 56 -11.63 -2.80 -13.41
C ARG A 56 -12.90 -2.08 -12.97
N ASP A 57 -12.91 -1.59 -11.74
CA ASP A 57 -14.06 -0.89 -11.19
C ASP A 57 -13.74 -0.31 -9.82
N THR A 58 -14.50 0.71 -9.43
CA THR A 58 -14.31 1.36 -8.13
C THR A 58 -15.53 1.17 -7.23
N ASP A 59 -16.10 -0.03 -7.28
CA ASP A 59 -17.27 -0.34 -6.46
C ASP A 59 -16.85 -0.88 -5.09
N ALA A 60 -17.85 -1.28 -4.29
CA ALA A 60 -17.58 -1.82 -2.97
C ALA A 60 -16.36 -2.74 -2.97
N LYS A 61 -16.46 -3.83 -3.71
CA LYS A 61 -15.36 -4.80 -3.81
C LYS A 61 -14.02 -4.08 -3.91
N TYR A 62 -13.84 -3.32 -4.98
CA TYR A 62 -12.60 -2.58 -5.20
C TYR A 62 -12.05 -2.05 -3.88
N LYS A 63 -12.85 -1.24 -3.19
CA LYS A 63 -12.44 -0.67 -1.92
C LYS A 63 -12.12 -1.77 -0.91
N ASN A 64 -13.04 -2.71 -0.74
CA ASN A 64 -12.84 -3.80 0.20
C ASN A 64 -11.38 -4.24 0.23
N LYS A 65 -10.77 -4.34 -0.94
CA LYS A 65 -9.38 -4.74 -1.05
C LYS A 65 -8.46 -3.65 -0.55
N TYR A 66 -8.62 -2.44 -1.07
CA TYR A 66 -7.80 -1.31 -0.67
C TYR A 66 -7.80 -1.15 0.85
N ARG A 67 -8.97 -0.96 1.42
CA ARG A 67 -9.11 -0.79 2.86
C ARG A 67 -8.38 -1.90 3.60
N SER A 68 -8.25 -3.06 2.96
CA SER A 68 -7.58 -4.20 3.56
C SER A 68 -6.06 -4.07 3.43
N LEU A 69 -5.63 -3.38 2.37
CA LEU A 69 -4.20 -3.19 2.12
C LEU A 69 -3.65 -2.06 2.99
N MET A 70 -4.43 -1.00 3.15
CA MET A 70 -4.03 0.15 3.95
C MET A 70 -4.37 -0.07 5.42
N PHE A 71 -5.27 -1.02 5.67
CA PHE A 71 -5.69 -1.32 7.03
C PHE A 71 -4.53 -1.89 7.86
N ASN A 72 -3.78 -2.79 7.25
CA ASN A 72 -2.63 -3.41 7.91
C ASN A 72 -1.46 -2.44 8.00
N LEU A 73 -1.41 -1.50 7.06
CA LEU A 73 -0.34 -0.51 7.02
C LEU A 73 -0.30 0.29 8.31
N LYS A 74 -1.47 0.71 8.78
CA LYS A 74 -1.58 1.49 10.00
C LYS A 74 -1.50 0.59 11.23
N ASP A 75 -1.90 -0.66 11.07
CA ASP A 75 -1.87 -1.62 12.17
C ASP A 75 -0.48 -1.68 12.79
N PRO A 76 -0.44 -1.62 14.13
CA PRO A 76 0.82 -1.66 14.89
C PRO A 76 1.48 -3.04 14.83
N LYS A 77 0.66 -4.08 14.73
CA LYS A 77 1.16 -5.45 14.67
C LYS A 77 1.94 -5.68 13.38
N ASN A 78 1.64 -4.88 12.36
CA ASN A 78 2.33 -4.99 11.08
C ASN A 78 3.20 -3.78 10.80
N ASN A 79 4.46 -3.86 11.22
CA ASN A 79 5.40 -2.76 11.01
C ASN A 79 6.47 -3.15 10.00
N ILE A 80 6.07 -3.81 8.93
CA ILE A 80 6.99 -4.23 7.89
C ILE A 80 6.54 -3.73 6.52
N LEU A 81 5.34 -4.14 6.10
CA LEU A 81 4.80 -3.73 4.81
C LEU A 81 5.08 -2.24 4.55
N PHE A 82 4.54 -1.38 5.40
CA PHE A 82 4.73 0.05 5.27
C PHE A 82 6.17 0.37 4.87
N LYS A 83 7.10 -0.44 5.33
CA LYS A 83 8.52 -0.25 5.03
C LYS A 83 8.89 -0.93 3.72
N LYS A 84 8.78 -2.26 3.68
CA LYS A 84 9.09 -3.02 2.49
C LYS A 84 8.71 -2.25 1.23
N VAL A 85 7.59 -1.56 1.28
CA VAL A 85 7.11 -0.77 0.15
C VAL A 85 8.03 0.41 -0.12
N LEU A 86 8.31 1.19 0.92
CA LEU A 86 9.17 2.35 0.79
C LEU A 86 10.60 1.93 0.45
N LYS A 87 11.14 1.00 1.22
CA LYS A 87 12.50 0.51 1.00
C LYS A 87 12.65 -0.03 -0.41
N GLY A 88 11.66 -0.78 -0.87
CA GLY A 88 11.70 -1.35 -2.21
C GLY A 88 11.61 -2.86 -2.19
N GLU A 89 11.29 -3.43 -1.04
CA GLU A 89 11.18 -4.88 -0.89
C GLU A 89 9.84 -5.37 -1.43
N VAL A 90 8.77 -4.67 -1.06
CA VAL A 90 7.43 -5.04 -1.50
C VAL A 90 6.92 -4.09 -2.58
N THR A 91 6.59 -4.65 -3.74
CA THR A 91 6.10 -3.86 -4.86
C THR A 91 4.64 -3.47 -4.65
N PRO A 92 4.22 -2.37 -5.30
CA PRO A 92 2.86 -1.87 -5.21
C PRO A 92 1.85 -2.78 -5.92
N ASP A 93 2.26 -3.29 -7.08
CA ASP A 93 1.40 -4.18 -7.86
C ASP A 93 1.18 -5.50 -7.14
N HIS A 94 2.18 -5.91 -6.35
CA HIS A 94 2.09 -7.16 -5.61
C HIS A 94 1.29 -6.97 -4.32
N LEU A 95 1.50 -5.85 -3.65
CA LEU A 95 0.79 -5.55 -2.42
C LEU A 95 -0.66 -5.99 -2.49
N ILE A 96 -1.19 -6.04 -3.71
CA ILE A 96 -2.58 -6.45 -3.93
C ILE A 96 -2.70 -7.97 -3.98
N ARG A 97 -1.75 -8.61 -4.65
CA ARG A 97 -1.75 -10.06 -4.78
C ARG A 97 -1.51 -10.72 -3.43
N MET A 98 -0.83 -10.02 -2.54
CA MET A 98 -0.54 -10.53 -1.21
C MET A 98 -1.82 -10.96 -0.50
N SER A 99 -1.68 -11.83 0.50
CA SER A 99 -2.82 -12.32 1.25
C SER A 99 -3.14 -11.40 2.42
N PRO A 100 -4.40 -11.44 2.89
CA PRO A 100 -4.85 -10.61 4.01
C PRO A 100 -4.25 -11.04 5.34
N GLU A 101 -3.55 -12.18 5.32
CA GLU A 101 -2.92 -12.70 6.52
C GLU A 101 -1.40 -12.58 6.44
N GLU A 102 -0.88 -12.59 5.22
CA GLU A 102 0.56 -12.48 5.00
C GLU A 102 1.02 -11.03 5.13
N LEU A 103 0.19 -10.11 4.67
CA LEU A 103 0.52 -8.68 4.74
C LEU A 103 1.09 -8.32 6.10
N ALA A 104 0.67 -9.06 7.13
CA ALA A 104 1.15 -8.82 8.49
C ALA A 104 2.42 -9.61 8.78
N SER A 105 2.56 -10.75 8.10
CA SER A 105 3.72 -11.61 8.29
C SER A 105 4.99 -10.77 8.40
N LYS A 106 5.90 -11.21 9.28
CA LYS A 106 7.16 -10.50 9.49
C LYS A 106 8.34 -11.37 9.04
N GLU A 107 8.26 -11.89 7.83
CA GLU A 107 9.32 -12.73 7.27
C GLU A 107 9.87 -12.15 5.98
N LEU A 108 11.17 -12.32 5.77
CA LEU A 108 11.82 -11.81 4.57
C LEU A 108 12.20 -12.95 3.63
N ALA A 109 12.32 -14.15 4.18
CA ALA A 109 12.66 -15.33 3.39
C ALA A 109 11.63 -15.59 2.32
N ALA A 110 10.48 -14.91 2.41
CA ALA A 110 9.41 -15.08 1.45
C ALA A 110 9.83 -14.59 0.06
N TRP A 111 10.38 -13.39 0.01
CA TRP A 111 10.83 -12.80 -1.25
C TRP A 111 11.80 -13.73 -1.97
N ARG A 112 11.60 -13.90 -3.27
CA ARG A 112 12.46 -14.76 -4.07
C ARG A 112 13.91 -14.31 -4.00
N ARG A 113 14.80 -15.22 -3.61
CA ARG A 113 16.22 -14.92 -3.50
C ARG A 113 16.97 -15.32 -4.76
N ARG A 114 17.73 -14.39 -5.32
CA ARG A 114 18.51 -14.65 -6.53
C ARG A 114 19.17 -16.02 -6.45
N SER A 115 19.85 -16.29 -5.35
CA SER A 115 20.55 -17.56 -5.16
C SER A 115 19.86 -18.40 -4.11
N GLY A 116 19.13 -19.43 -4.56
CA GLY A 116 18.43 -20.30 -3.64
C GLY A 116 17.97 -21.59 -4.29
N PRO A 117 18.82 -22.63 -4.22
CA PRO A 117 18.52 -23.94 -4.81
C PRO A 117 17.40 -24.67 -4.06
N SER A 118 17.36 -24.49 -2.74
CA SER A 118 16.35 -25.12 -1.92
C SER A 118 14.96 -24.57 -2.23
N SER A 119 14.08 -25.44 -2.71
CA SER A 119 12.72 -25.04 -3.06
C SER A 119 11.71 -26.13 -2.68
N GLY A 120 10.44 -25.86 -2.92
CA GLY A 120 9.40 -26.83 -2.60
C GLY A 120 9.61 -27.48 -1.24
N GLY A 1 -23.22 9.53 -26.27
CA GLY A 1 -23.70 8.24 -25.81
C GLY A 1 -22.80 7.64 -24.75
N SER A 2 -23.38 7.38 -23.58
CA SER A 2 -22.64 6.81 -22.47
C SER A 2 -23.57 6.16 -21.46
N SER A 3 -23.56 4.83 -21.42
CA SER A 3 -24.41 4.08 -20.49
C SER A 3 -23.60 3.09 -19.69
N GLY A 4 -23.17 3.51 -18.49
CA GLY A 4 -22.39 2.63 -17.64
C GLY A 4 -22.02 3.29 -16.32
N SER A 5 -21.17 4.31 -16.39
CA SER A 5 -20.74 5.02 -15.19
C SER A 5 -21.94 5.43 -14.33
N SER A 6 -21.77 5.37 -13.02
CA SER A 6 -22.83 5.73 -12.09
C SER A 6 -22.66 7.15 -11.59
N GLY A 7 -21.50 7.44 -11.01
CA GLY A 7 -21.22 8.76 -10.50
C GLY A 7 -19.81 9.23 -10.82
N SER A 8 -19.18 9.88 -9.86
CA SER A 8 -17.82 10.39 -10.05
C SER A 8 -16.78 9.40 -9.54
N ALA A 9 -16.45 8.41 -10.37
CA ALA A 9 -15.47 7.41 -10.00
C ALA A 9 -14.06 7.98 -10.00
N ASP A 10 -13.75 8.77 -11.02
CA ASP A 10 -12.42 9.38 -11.14
C ASP A 10 -11.92 9.85 -9.78
N GLN A 11 -12.84 10.35 -8.96
CA GLN A 11 -12.48 10.83 -7.62
C GLN A 11 -12.19 9.67 -6.69
N ILE A 12 -12.95 8.59 -6.84
CA ILE A 12 -12.78 7.41 -6.00
C ILE A 12 -11.30 7.04 -5.86
N ARG A 13 -10.62 6.96 -7.00
CA ARG A 13 -9.20 6.61 -7.00
C ARG A 13 -8.37 7.73 -6.38
N GLN A 14 -8.54 8.94 -6.89
CA GLN A 14 -7.79 10.09 -6.38
C GLN A 14 -7.77 10.09 -4.86
N SER A 15 -8.93 9.88 -4.25
CA SER A 15 -9.05 9.86 -2.80
C SER A 15 -8.13 8.79 -2.19
N VAL A 16 -8.23 7.57 -2.70
CA VAL A 16 -7.41 6.47 -2.23
C VAL A 16 -5.95 6.89 -2.08
N ARG A 17 -5.42 7.50 -3.13
CA ARG A 17 -4.03 7.95 -3.12
C ARG A 17 -3.72 8.74 -1.86
N HIS A 18 -4.28 9.94 -1.77
CA HIS A 18 -4.07 10.80 -0.61
C HIS A 18 -4.01 9.98 0.67
N SER A 19 -5.09 9.24 0.94
CA SER A 19 -5.16 8.42 2.14
C SER A 19 -3.86 7.64 2.35
N LEU A 20 -3.58 6.73 1.41
CA LEU A 20 -2.37 5.92 1.50
C LEU A 20 -1.17 6.76 1.91
N LYS A 21 -0.86 7.78 1.11
CA LYS A 21 0.27 8.67 1.40
C LYS A 21 0.20 9.17 2.83
N ASP A 22 -1.02 9.41 3.31
CA ASP A 22 -1.21 9.90 4.67
C ASP A 22 -0.54 8.98 5.69
N ILE A 23 -0.76 7.68 5.54
CA ILE A 23 -0.18 6.69 6.44
C ILE A 23 1.32 6.58 6.23
N LEU A 24 1.72 6.30 4.99
CA LEU A 24 3.13 6.15 4.65
C LEU A 24 3.88 7.46 4.92
N MET A 25 3.14 8.51 5.21
CA MET A 25 3.74 9.82 5.49
C MET A 25 4.20 9.90 6.94
N LYS A 26 3.40 9.37 7.85
CA LYS A 26 3.73 9.38 9.27
C LYS A 26 4.51 8.12 9.66
N ARG A 27 4.40 7.09 8.83
CA ARG A 27 5.09 5.82 9.09
C ARG A 27 6.54 5.90 8.63
N LEU A 28 6.78 6.66 7.57
CA LEU A 28 8.14 6.82 7.03
C LEU A 28 8.94 7.82 7.86
N THR A 29 8.28 8.90 8.27
CA THR A 29 8.92 9.92 9.07
C THR A 29 9.24 9.42 10.47
N ASP A 30 8.52 8.40 10.91
CA ASP A 30 8.72 7.81 12.23
C ASP A 30 9.90 6.86 12.23
N SER A 31 10.06 6.12 11.13
CA SER A 31 11.14 5.15 11.01
C SER A 31 12.42 5.84 10.51
N ASN A 32 13.46 5.04 10.31
CA ASN A 32 14.74 5.57 9.83
C ASN A 32 14.85 5.47 8.32
N LEU A 33 13.70 5.53 7.64
CA LEU A 33 13.67 5.44 6.19
C LEU A 33 14.25 6.70 5.54
N LYS A 34 13.97 7.84 6.15
CA LYS A 34 14.48 9.11 5.64
C LYS A 34 14.24 9.23 4.14
N VAL A 35 13.09 8.75 3.68
CA VAL A 35 12.74 8.80 2.27
C VAL A 35 12.01 10.10 1.94
N PRO A 36 12.20 10.58 0.69
CA PRO A 36 11.57 11.81 0.22
C PRO A 36 10.07 11.66 0.03
N GLU A 37 9.33 12.71 0.37
CA GLU A 37 7.88 12.70 0.24
C GLU A 37 7.45 12.01 -1.06
N GLU A 38 8.23 12.23 -2.12
CA GLU A 38 7.94 11.63 -3.41
C GLU A 38 7.66 10.14 -3.28
N LYS A 39 8.63 9.40 -2.75
CA LYS A 39 8.49 7.97 -2.57
C LYS A 39 7.07 7.61 -2.13
N ALA A 40 6.70 8.02 -0.92
CA ALA A 40 5.37 7.76 -0.40
C ALA A 40 4.31 7.90 -1.48
N ALA A 41 4.25 9.08 -2.09
CA ALA A 41 3.28 9.34 -3.14
C ALA A 41 3.44 8.36 -4.29
N LYS A 42 4.58 8.41 -4.96
CA LYS A 42 4.84 7.50 -6.08
C LYS A 42 4.20 6.14 -5.86
N VAL A 43 4.46 5.54 -4.71
CA VAL A 43 3.90 4.24 -4.37
C VAL A 43 2.38 4.26 -4.45
N ALA A 44 1.77 5.14 -3.66
CA ALA A 44 0.32 5.26 -3.64
C ALA A 44 -0.24 5.40 -5.05
N THR A 45 0.48 6.14 -5.89
CA THR A 45 0.05 6.35 -7.26
C THR A 45 -0.08 5.03 -8.02
N LYS A 46 0.80 4.10 -7.72
CA LYS A 46 0.78 2.78 -8.36
C LYS A 46 -0.28 1.89 -7.73
N ILE A 47 -0.44 2.00 -6.41
CA ILE A 47 -1.42 1.20 -5.69
C ILE A 47 -2.72 1.11 -6.47
N GLU A 48 -3.32 2.26 -6.77
CA GLU A 48 -4.57 2.30 -7.52
C GLU A 48 -4.36 1.93 -8.97
N LYS A 49 -3.14 2.18 -9.47
CA LYS A 49 -2.80 1.87 -10.85
C LYS A 49 -3.01 0.39 -11.15
N GLU A 50 -2.63 -0.46 -10.20
CA GLU A 50 -2.79 -1.90 -10.36
C GLU A 50 -4.15 -2.37 -9.85
N LEU A 51 -4.60 -1.76 -8.76
CA LEU A 51 -5.88 -2.11 -8.16
C LEU A 51 -7.02 -1.95 -9.17
N PHE A 52 -7.04 -0.80 -9.85
CA PHE A 52 -8.07 -0.53 -10.84
C PHE A 52 -7.89 -1.41 -12.07
N SER A 53 -6.66 -1.85 -12.29
CA SER A 53 -6.34 -2.71 -13.44
C SER A 53 -6.63 -4.17 -13.12
N PHE A 54 -6.64 -4.50 -11.83
CA PHE A 54 -6.91 -5.87 -11.39
C PHE A 54 -8.40 -6.16 -11.35
N PHE A 55 -9.16 -5.26 -10.72
CA PHE A 55 -10.60 -5.42 -10.62
C PHE A 55 -11.31 -4.86 -11.85
N ARG A 56 -10.69 -3.84 -12.45
CA ARG A 56 -11.26 -3.20 -13.64
C ARG A 56 -12.60 -2.54 -13.31
N ASP A 57 -12.73 -2.08 -12.07
CA ASP A 57 -13.96 -1.42 -11.64
C ASP A 57 -13.78 -0.80 -10.25
N THR A 58 -14.70 0.10 -9.89
CA THR A 58 -14.64 0.76 -8.60
C THR A 58 -15.80 0.33 -7.71
N ASP A 59 -15.99 -0.98 -7.59
CA ASP A 59 -17.07 -1.52 -6.77
C ASP A 59 -16.55 -1.88 -5.37
N ALA A 60 -17.43 -2.47 -4.56
CA ALA A 60 -17.06 -2.86 -3.21
C ALA A 60 -15.82 -3.75 -3.20
N LYS A 61 -15.67 -4.56 -4.24
CA LYS A 61 -14.53 -5.45 -4.37
C LYS A 61 -13.24 -4.65 -4.59
N TYR A 62 -13.38 -3.43 -5.08
CA TYR A 62 -12.24 -2.57 -5.33
C TYR A 62 -11.77 -1.88 -4.06
N LYS A 63 -12.72 -1.25 -3.36
CA LYS A 63 -12.41 -0.55 -2.12
C LYS A 63 -12.09 -1.55 -1.00
N ASN A 64 -12.97 -2.51 -0.80
CA ASN A 64 -12.78 -3.53 0.23
C ASN A 64 -11.32 -3.94 0.33
N LYS A 65 -10.68 -4.10 -0.82
CA LYS A 65 -9.28 -4.49 -0.87
C LYS A 65 -8.38 -3.34 -0.46
N TYR A 66 -8.68 -2.15 -0.95
CA TYR A 66 -7.89 -0.96 -0.63
C TYR A 66 -7.77 -0.78 0.88
N ARG A 67 -8.91 -0.79 1.57
CA ARG A 67 -8.92 -0.64 3.01
C ARG A 67 -8.23 -1.81 3.69
N SER A 68 -8.38 -3.00 3.12
CA SER A 68 -7.76 -4.20 3.68
C SER A 68 -6.24 -4.12 3.61
N LEU A 69 -5.74 -3.53 2.53
CA LEU A 69 -4.30 -3.39 2.34
C LEU A 69 -3.76 -2.20 3.13
N MET A 70 -4.53 -1.12 3.15
CA MET A 70 -4.13 0.09 3.87
C MET A 70 -4.38 -0.06 5.36
N PHE A 71 -5.15 -1.08 5.73
CA PHE A 71 -5.46 -1.34 7.13
C PHE A 71 -4.26 -1.89 7.87
N ASN A 72 -3.56 -2.84 7.24
CA ASN A 72 -2.39 -3.46 7.83
C ASN A 72 -1.24 -2.46 7.92
N LEU A 73 -1.31 -1.41 7.12
CA LEU A 73 -0.28 -0.37 7.11
C LEU A 73 -0.32 0.46 8.39
N LYS A 74 -1.52 0.88 8.76
CA LYS A 74 -1.71 1.69 9.97
C LYS A 74 -1.56 0.82 11.22
N ASP A 75 -1.90 -0.45 11.10
CA ASP A 75 -1.80 -1.38 12.22
C ASP A 75 -0.45 -1.27 12.91
N PRO A 76 -0.47 -1.12 14.24
CA PRO A 76 0.75 -1.00 15.04
C PRO A 76 1.55 -2.30 15.09
N LYS A 77 0.83 -3.43 15.00
CA LYS A 77 1.47 -4.74 15.04
C LYS A 77 2.18 -5.03 13.72
N ASN A 78 1.93 -4.20 12.72
CA ASN A 78 2.55 -4.37 11.41
C ASN A 78 3.28 -3.10 10.98
N ASN A 79 4.58 -3.05 11.29
CA ASN A 79 5.40 -1.90 10.94
C ASN A 79 6.42 -2.27 9.86
N ILE A 80 6.35 -3.51 9.39
CA ILE A 80 7.27 -3.98 8.36
C ILE A 80 6.64 -3.85 6.98
N LEU A 81 5.33 -4.04 6.91
CA LEU A 81 4.61 -3.95 5.64
C LEU A 81 4.81 -2.58 5.00
N PHE A 82 4.42 -1.54 5.71
CA PHE A 82 4.56 -0.17 5.21
C PHE A 82 5.97 0.07 4.69
N LYS A 83 6.96 -0.55 5.34
CA LYS A 83 8.35 -0.40 4.94
C LYS A 83 8.64 -1.18 3.65
N LYS A 84 8.60 -2.50 3.75
CA LYS A 84 8.84 -3.36 2.59
C LYS A 84 8.32 -2.71 1.31
N VAL A 85 7.15 -2.08 1.41
CA VAL A 85 6.54 -1.43 0.25
C VAL A 85 7.38 -0.22 -0.19
N LEU A 86 7.67 0.67 0.75
CA LEU A 86 8.46 1.86 0.45
C LEU A 86 9.85 1.47 -0.05
N LYS A 87 10.54 0.64 0.71
CA LYS A 87 11.88 0.19 0.34
C LYS A 87 11.87 -0.49 -1.03
N GLY A 88 10.80 -1.21 -1.32
CA GLY A 88 10.69 -1.88 -2.60
C GLY A 88 10.40 -3.36 -2.45
N GLU A 89 10.87 -3.94 -1.35
CA GLU A 89 10.65 -5.36 -1.08
C GLU A 89 9.30 -5.82 -1.61
N VAL A 90 8.28 -5.02 -1.38
CA VAL A 90 6.93 -5.33 -1.84
C VAL A 90 6.43 -4.30 -2.83
N THR A 91 6.26 -4.72 -4.08
CA THR A 91 5.79 -3.84 -5.13
C THR A 91 4.33 -3.44 -4.91
N PRO A 92 3.97 -2.24 -5.37
CA PRO A 92 2.60 -1.71 -5.22
C PRO A 92 1.60 -2.46 -6.10
N ASP A 93 2.11 -3.23 -7.05
CA ASP A 93 1.27 -4.00 -7.96
C ASP A 93 1.19 -5.46 -7.52
N HIS A 94 1.94 -5.81 -6.48
CA HIS A 94 1.96 -7.17 -5.97
C HIS A 94 1.28 -7.23 -4.60
N LEU A 95 1.39 -6.17 -3.83
CA LEU A 95 0.80 -6.10 -2.50
C LEU A 95 -0.68 -6.49 -2.55
N ILE A 96 -1.29 -6.31 -3.72
CA ILE A 96 -2.70 -6.65 -3.89
C ILE A 96 -2.89 -8.14 -4.11
N ARG A 97 -2.01 -8.73 -4.93
CA ARG A 97 -2.08 -10.15 -5.23
C ARG A 97 -1.78 -10.98 -3.98
N MET A 98 -1.14 -10.35 -3.00
CA MET A 98 -0.80 -11.04 -1.76
C MET A 98 -2.03 -11.20 -0.87
N SER A 99 -2.20 -12.40 -0.32
CA SER A 99 -3.34 -12.68 0.55
C SER A 99 -3.34 -11.76 1.77
N PRO A 100 -4.53 -11.58 2.36
CA PRO A 100 -4.70 -10.72 3.54
C PRO A 100 -4.06 -11.33 4.79
N GLU A 101 -3.82 -12.63 4.75
CA GLU A 101 -3.21 -13.32 5.89
C GLU A 101 -1.69 -13.32 5.77
N GLU A 102 -1.18 -13.01 4.59
CA GLU A 102 0.25 -12.95 4.35
C GLU A 102 0.81 -11.58 4.68
N LEU A 103 -0.08 -10.59 4.76
CA LEU A 103 0.33 -9.22 5.07
C LEU A 103 0.91 -9.13 6.48
N ALA A 104 0.44 -10.01 7.37
CA ALA A 104 0.92 -10.02 8.74
C ALA A 104 2.09 -10.99 8.91
N SER A 105 1.96 -12.16 8.31
CA SER A 105 3.00 -13.18 8.39
C SER A 105 4.39 -12.54 8.41
N LYS A 106 4.95 -12.40 9.60
CA LYS A 106 6.27 -11.80 9.76
C LYS A 106 7.37 -12.82 9.50
N GLU A 107 7.54 -13.20 8.23
CA GLU A 107 8.55 -14.17 7.85
C GLU A 107 9.46 -13.60 6.77
N LEU A 108 10.76 -13.60 7.04
CA LEU A 108 11.74 -13.08 6.09
C LEU A 108 11.81 -13.96 4.84
N ALA A 109 12.15 -15.23 5.04
CA ALA A 109 12.24 -16.18 3.94
C ALA A 109 11.12 -15.95 2.92
N ALA A 110 10.01 -15.40 3.39
CA ALA A 110 8.86 -15.12 2.54
C ALA A 110 9.31 -14.54 1.20
N TRP A 111 10.12 -13.49 1.26
CA TRP A 111 10.61 -12.82 0.06
C TRP A 111 11.75 -13.62 -0.57
N ARG A 112 11.78 -13.64 -1.90
CA ARG A 112 12.81 -14.38 -2.62
C ARG A 112 14.14 -13.62 -2.59
N ARG A 113 14.14 -12.41 -3.15
CA ARG A 113 15.34 -11.58 -3.20
C ARG A 113 15.21 -10.40 -2.23
N ARG A 114 16.36 -9.92 -1.75
CA ARG A 114 16.37 -8.79 -0.82
C ARG A 114 16.96 -7.55 -1.49
N SER A 115 16.15 -6.85 -2.25
CA SER A 115 16.60 -5.64 -2.94
C SER A 115 16.74 -4.47 -1.97
N GLY A 116 17.80 -3.69 -2.15
CA GLY A 116 18.04 -2.56 -1.27
C GLY A 116 18.65 -2.96 0.05
N PRO A 117 19.50 -2.08 0.60
CA PRO A 117 20.18 -2.32 1.88
C PRO A 117 19.21 -2.27 3.06
N SER A 118 18.60 -3.41 3.37
CA SER A 118 17.65 -3.49 4.48
C SER A 118 18.18 -4.41 5.58
N SER A 119 18.09 -3.94 6.82
CA SER A 119 18.56 -4.72 7.96
C SER A 119 20.08 -4.81 7.97
N GLY A 120 20.74 -3.69 7.67
CA GLY A 120 22.19 -3.66 7.65
C GLY A 120 22.78 -3.18 8.95
N GLY A 1 -19.34 2.12 5.44
CA GLY A 1 -19.44 2.66 6.80
C GLY A 1 -19.45 4.17 6.81
N SER A 2 -18.30 4.77 6.49
CA SER A 2 -18.19 6.23 6.48
C SER A 2 -18.64 6.80 5.14
N SER A 3 -19.50 7.81 5.19
CA SER A 3 -20.01 8.44 3.98
C SER A 3 -19.38 9.81 3.77
N GLY A 4 -18.60 9.94 2.71
CA GLY A 4 -17.95 11.20 2.41
C GLY A 4 -18.16 11.65 0.97
N SER A 5 -17.10 11.56 0.17
CA SER A 5 -17.18 11.95 -1.23
C SER A 5 -17.25 10.73 -2.14
N SER A 6 -18.11 9.78 -1.76
CA SER A 6 -18.28 8.55 -2.54
C SER A 6 -19.26 8.78 -3.69
N GLY A 7 -18.72 9.06 -4.87
CA GLY A 7 -19.57 9.29 -6.03
C GLY A 7 -18.85 9.01 -7.34
N SER A 8 -18.32 10.06 -7.96
CA SER A 8 -17.61 9.92 -9.22
C SER A 8 -16.37 9.05 -9.06
N ALA A 9 -16.00 8.34 -10.12
CA ALA A 9 -14.84 7.47 -10.08
C ALA A 9 -13.57 8.27 -9.77
N ASP A 10 -13.27 9.26 -10.60
CA ASP A 10 -12.10 10.09 -10.41
C ASP A 10 -11.89 10.43 -8.94
N GLN A 11 -12.92 10.99 -8.32
CA GLN A 11 -12.86 11.36 -6.91
C GLN A 11 -12.49 10.16 -6.05
N ILE A 12 -13.23 9.06 -6.21
CA ILE A 12 -12.97 7.85 -5.45
C ILE A 12 -11.49 7.50 -5.44
N ARG A 13 -10.92 7.35 -6.63
CA ARG A 13 -9.50 7.01 -6.77
C ARG A 13 -8.63 8.06 -6.06
N GLN A 14 -8.89 9.33 -6.35
CA GLN A 14 -8.13 10.41 -5.74
C GLN A 14 -7.95 10.17 -4.24
N SER A 15 -9.05 9.96 -3.54
CA SER A 15 -9.01 9.73 -2.10
C SER A 15 -8.05 8.59 -1.76
N VAL A 16 -8.10 7.53 -2.56
CA VAL A 16 -7.24 6.37 -2.35
C VAL A 16 -5.77 6.78 -2.32
N ARG A 17 -5.33 7.45 -3.37
CA ARG A 17 -3.94 7.90 -3.46
C ARG A 17 -3.54 8.69 -2.22
N HIS A 18 -4.20 9.83 -2.02
CA HIS A 18 -3.92 10.67 -0.87
C HIS A 18 -3.85 9.86 0.42
N SER A 19 -4.97 9.20 0.75
CA SER A 19 -5.03 8.38 1.95
C SER A 19 -3.78 7.54 2.11
N LEU A 20 -3.52 6.69 1.12
CA LEU A 20 -2.34 5.82 1.15
C LEU A 20 -1.10 6.60 1.55
N LYS A 21 -0.82 7.69 0.83
CA LYS A 21 0.34 8.52 1.12
C LYS A 21 0.29 9.06 2.54
N ASP A 22 -0.92 9.38 3.00
CA ASP A 22 -1.11 9.90 4.34
C ASP A 22 -0.51 8.96 5.39
N ILE A 23 -0.79 7.67 5.24
CA ILE A 23 -0.28 6.67 6.16
C ILE A 23 1.23 6.53 6.05
N LEU A 24 1.70 6.13 4.88
CA LEU A 24 3.14 5.97 4.65
C LEU A 24 3.90 7.20 5.11
N MET A 25 3.21 8.33 5.22
CA MET A 25 3.84 9.57 5.65
C MET A 25 4.06 9.55 7.16
N LYS A 26 3.05 9.12 7.90
CA LYS A 26 3.14 9.06 9.36
C LYS A 26 3.92 7.82 9.80
N ARG A 27 4.14 6.90 8.87
CA ARG A 27 4.86 5.67 9.16
C ARG A 27 6.34 5.82 8.83
N LEU A 28 6.63 6.50 7.73
CA LEU A 28 8.01 6.71 7.31
C LEU A 28 8.67 7.82 8.13
N THR A 29 7.91 8.88 8.40
CA THR A 29 8.42 10.01 9.17
C THR A 29 8.64 9.62 10.63
N ASP A 30 8.01 8.52 11.04
CA ASP A 30 8.15 8.04 12.41
C ASP A 30 9.17 6.92 12.49
N SER A 31 9.30 6.16 11.41
CA SER A 31 10.24 5.04 11.36
C SER A 31 11.60 5.51 10.85
N ASN A 32 12.53 4.57 10.71
CA ASN A 32 13.87 4.88 10.23
C ASN A 32 13.89 4.97 8.71
N LEU A 33 12.91 5.68 8.15
CA LEU A 33 12.82 5.84 6.70
C LEU A 33 13.25 7.25 6.28
N LYS A 34 12.46 8.24 6.69
CA LYS A 34 12.75 9.63 6.36
C LYS A 34 12.84 9.83 4.85
N VAL A 35 12.06 9.04 4.11
CA VAL A 35 12.05 9.14 2.66
C VAL A 35 11.28 10.35 2.19
N PRO A 36 11.65 10.89 1.02
CA PRO A 36 11.00 12.07 0.44
C PRO A 36 9.59 11.77 -0.04
N GLU A 37 8.67 12.70 0.22
CA GLU A 37 7.28 12.53 -0.18
C GLU A 37 7.19 11.86 -1.55
N GLU A 38 8.11 12.21 -2.44
CA GLU A 38 8.14 11.66 -3.79
C GLU A 38 8.06 10.13 -3.75
N LYS A 39 8.87 9.53 -2.89
CA LYS A 39 8.89 8.08 -2.76
C LYS A 39 7.51 7.55 -2.36
N ALA A 40 7.03 7.98 -1.21
CA ALA A 40 5.73 7.57 -0.71
C ALA A 40 4.65 7.79 -1.77
N ALA A 41 4.50 9.03 -2.20
CA ALA A 41 3.50 9.37 -3.21
C ALA A 41 3.62 8.46 -4.43
N LYS A 42 4.74 8.59 -5.15
CA LYS A 42 4.97 7.79 -6.34
C LYS A 42 4.37 6.39 -6.18
N VAL A 43 4.78 5.69 -5.13
CA VAL A 43 4.29 4.35 -4.87
C VAL A 43 2.77 4.33 -4.79
N ALA A 44 2.21 5.15 -3.91
CA ALA A 44 0.77 5.22 -3.73
C ALA A 44 0.06 5.29 -5.08
N THR A 45 0.54 6.17 -5.96
CA THR A 45 -0.04 6.34 -7.28
C THR A 45 -0.08 5.01 -8.03
N LYS A 46 0.92 4.17 -7.80
CA LYS A 46 0.99 2.86 -8.45
C LYS A 46 -0.02 1.90 -7.85
N ILE A 47 -0.12 1.90 -6.52
CA ILE A 47 -1.06 1.02 -5.82
C ILE A 47 -2.37 0.89 -6.60
N GLU A 48 -3.03 2.03 -6.83
CA GLU A 48 -4.29 2.05 -7.54
C GLU A 48 -4.09 1.60 -9.00
N LYS A 49 -2.98 2.03 -9.60
CA LYS A 49 -2.68 1.68 -10.98
C LYS A 49 -2.83 0.18 -11.20
N GLU A 50 -2.48 -0.61 -10.20
CA GLU A 50 -2.58 -2.06 -10.29
C GLU A 50 -3.97 -2.54 -9.88
N LEU A 51 -4.44 -2.06 -8.73
CA LEU A 51 -5.75 -2.44 -8.23
C LEU A 51 -6.82 -2.22 -9.29
N PHE A 52 -7.05 -0.97 -9.66
CA PHE A 52 -8.04 -0.63 -10.67
C PHE A 52 -7.98 -1.60 -11.84
N SER A 53 -6.77 -2.00 -12.20
CA SER A 53 -6.58 -2.93 -13.31
C SER A 53 -6.81 -4.37 -12.87
N PHE A 54 -6.58 -4.63 -11.58
CA PHE A 54 -6.78 -5.96 -11.03
C PHE A 54 -8.25 -6.33 -10.99
N PHE A 55 -9.07 -5.40 -10.51
CA PHE A 55 -10.52 -5.62 -10.41
C PHE A 55 -11.23 -5.11 -11.65
N ARG A 56 -10.63 -4.10 -12.30
CA ARG A 56 -11.22 -3.51 -13.50
C ARG A 56 -12.58 -2.89 -13.19
N ASP A 57 -12.72 -2.34 -11.99
CA ASP A 57 -13.97 -1.70 -11.57
C ASP A 57 -13.82 -1.04 -10.21
N THR A 58 -14.62 -0.01 -9.97
CA THR A 58 -14.58 0.72 -8.71
C THR A 58 -15.83 0.48 -7.89
N ASP A 59 -16.12 -0.79 -7.60
CA ASP A 59 -17.29 -1.16 -6.83
C ASP A 59 -16.87 -1.72 -5.46
N ALA A 60 -17.86 -2.10 -4.66
CA ALA A 60 -17.61 -2.65 -3.33
C ALA A 60 -16.34 -3.48 -3.32
N LYS A 61 -16.27 -4.47 -4.21
CA LYS A 61 -15.11 -5.34 -4.31
C LYS A 61 -13.83 -4.53 -4.34
N TYR A 62 -13.82 -3.45 -5.11
CA TYR A 62 -12.65 -2.59 -5.23
C TYR A 62 -12.22 -2.08 -3.87
N LYS A 63 -13.05 -1.22 -3.27
CA LYS A 63 -12.75 -0.65 -1.96
C LYS A 63 -12.42 -1.75 -0.96
N ASN A 64 -13.32 -2.72 -0.83
CA ASN A 64 -13.12 -3.82 0.10
C ASN A 64 -11.65 -4.20 0.20
N LYS A 65 -10.99 -4.29 -0.95
CA LYS A 65 -9.57 -4.64 -1.00
C LYS A 65 -8.71 -3.46 -0.59
N TYR A 66 -8.91 -2.31 -1.24
CA TYR A 66 -8.14 -1.11 -0.94
C TYR A 66 -8.01 -0.92 0.57
N ARG A 67 -9.13 -1.01 1.27
CA ARG A 67 -9.14 -0.83 2.72
C ARG A 67 -8.23 -1.86 3.39
N SER A 68 -8.26 -3.09 2.89
CA SER A 68 -7.44 -4.15 3.44
C SER A 68 -5.95 -3.85 3.25
N LEU A 69 -5.63 -3.23 2.12
CA LEU A 69 -4.24 -2.89 1.81
C LEU A 69 -3.65 -2.00 2.90
N MET A 70 -4.38 -0.95 3.26
CA MET A 70 -3.94 -0.01 4.28
C MET A 70 -4.26 -0.54 5.68
N PHE A 71 -5.30 -1.36 5.76
CA PHE A 71 -5.72 -1.94 7.04
C PHE A 71 -4.51 -2.42 7.84
N ASN A 72 -3.52 -2.96 7.14
CA ASN A 72 -2.31 -3.45 7.79
C ASN A 72 -1.25 -2.36 7.86
N LEU A 73 -1.29 -1.43 6.91
CA LEU A 73 -0.33 -0.34 6.87
C LEU A 73 -0.50 0.59 8.07
N LYS A 74 -1.75 0.90 8.39
CA LYS A 74 -2.04 1.77 9.53
C LYS A 74 -1.96 1.00 10.85
N ASP A 75 -2.24 -0.30 10.78
CA ASP A 75 -2.20 -1.15 11.96
C ASP A 75 -0.77 -1.31 12.47
N PRO A 76 -0.60 -1.31 13.80
CA PRO A 76 0.71 -1.47 14.44
C PRO A 76 1.28 -2.87 14.27
N LYS A 77 0.47 -3.87 14.59
CA LYS A 77 0.90 -5.26 14.47
C LYS A 77 1.75 -5.46 13.21
N ASN A 78 1.50 -4.65 12.20
CA ASN A 78 2.24 -4.73 10.95
C ASN A 78 3.04 -3.45 10.70
N ASN A 79 4.25 -3.41 11.24
CA ASN A 79 5.12 -2.25 11.07
C ASN A 79 6.25 -2.54 10.09
N ILE A 80 5.93 -3.33 9.06
CA ILE A 80 6.92 -3.69 8.05
C ILE A 80 6.38 -3.45 6.64
N LEU A 81 5.25 -4.08 6.33
CA LEU A 81 4.63 -3.94 5.03
C LEU A 81 4.86 -2.54 4.47
N PHE A 82 4.25 -1.54 5.11
CA PHE A 82 4.38 -0.15 4.68
C PHE A 82 5.83 0.17 4.34
N LYS A 83 6.75 -0.33 5.16
CA LYS A 83 8.18 -0.10 4.94
C LYS A 83 8.66 -0.82 3.69
N LYS A 84 8.48 -2.14 3.67
CA LYS A 84 8.90 -2.95 2.53
C LYS A 84 8.69 -2.19 1.22
N VAL A 85 7.48 -1.70 1.00
CA VAL A 85 7.16 -0.96 -0.21
C VAL A 85 8.08 0.25 -0.38
N LEU A 86 8.30 0.97 0.71
CA LEU A 86 9.17 2.15 0.69
C LEU A 86 10.61 1.75 0.38
N LYS A 87 11.16 0.86 1.19
CA LYS A 87 12.52 0.40 1.01
C LYS A 87 12.72 -0.17 -0.40
N GLY A 88 11.85 -1.09 -0.78
CA GLY A 88 11.95 -1.70 -2.10
C GLY A 88 11.94 -3.21 -2.05
N GLU A 89 11.31 -3.76 -1.03
CA GLU A 89 11.23 -5.21 -0.86
C GLU A 89 9.88 -5.73 -1.36
N VAL A 90 8.81 -5.10 -0.91
CA VAL A 90 7.46 -5.50 -1.31
C VAL A 90 6.92 -4.60 -2.42
N THR A 91 6.66 -5.19 -3.57
CA THR A 91 6.15 -4.45 -4.72
C THR A 91 4.73 -3.95 -4.45
N PRO A 92 4.39 -2.77 -5.01
CA PRO A 92 3.08 -2.16 -4.84
C PRO A 92 1.98 -2.93 -5.58
N ASP A 93 2.39 -3.79 -6.50
CA ASP A 93 1.45 -4.59 -7.28
C ASP A 93 1.11 -5.88 -6.55
N HIS A 94 2.12 -6.50 -5.93
CA HIS A 94 1.93 -7.74 -5.21
C HIS A 94 1.16 -7.50 -3.91
N LEU A 95 1.46 -6.40 -3.24
CA LEU A 95 0.79 -6.05 -2.00
C LEU A 95 -0.68 -6.45 -2.04
N ILE A 96 -1.30 -6.33 -3.21
CA ILE A 96 -2.69 -6.69 -3.39
C ILE A 96 -2.88 -8.20 -3.41
N ARG A 97 -2.04 -8.88 -4.17
CA ARG A 97 -2.12 -10.33 -4.27
C ARG A 97 -1.46 -11.00 -3.07
N MET A 98 -0.81 -10.20 -2.24
CA MET A 98 -0.14 -10.71 -1.04
C MET A 98 -1.13 -11.45 -0.14
N SER A 99 -0.73 -12.63 0.32
CA SER A 99 -1.58 -13.43 1.19
C SER A 99 -1.83 -12.72 2.52
N PRO A 100 -2.88 -13.16 3.23
CA PRO A 100 -3.25 -12.58 4.52
C PRO A 100 -2.25 -12.91 5.61
N GLU A 101 -1.32 -13.81 5.31
CA GLU A 101 -0.29 -14.22 6.27
C GLU A 101 1.03 -13.53 5.97
N GLU A 102 1.21 -13.13 4.72
CA GLU A 102 2.44 -12.46 4.31
C GLU A 102 2.44 -10.99 4.74
N LEU A 103 1.29 -10.34 4.58
CA LEU A 103 1.17 -8.93 4.95
C LEU A 103 1.80 -8.67 6.31
N ALA A 104 1.85 -9.71 7.14
CA ALA A 104 2.44 -9.58 8.47
C ALA A 104 3.86 -10.14 8.50
N SER A 105 4.12 -11.12 7.63
CA SER A 105 5.42 -11.75 7.56
C SER A 105 6.54 -10.72 7.72
N LYS A 106 7.22 -10.76 8.87
CA LYS A 106 8.29 -9.82 9.15
C LYS A 106 9.65 -10.48 8.90
N GLU A 107 9.88 -11.63 9.53
CA GLU A 107 11.14 -12.35 9.37
C GLU A 107 11.67 -12.20 7.95
N LEU A 108 12.99 -12.05 7.83
CA LEU A 108 13.62 -11.91 6.52
C LEU A 108 13.56 -13.21 5.73
N ALA A 109 14.09 -14.28 6.32
CA ALA A 109 14.09 -15.58 5.68
C ALA A 109 12.76 -15.86 4.98
N ALA A 110 11.67 -15.41 5.60
CA ALA A 110 10.33 -15.60 5.05
C ALA A 110 10.30 -15.20 3.57
N TRP A 111 10.79 -14.00 3.27
CA TRP A 111 10.80 -13.50 1.90
C TRP A 111 11.41 -14.53 0.96
N ARG A 112 12.70 -14.82 1.15
CA ARG A 112 13.40 -15.79 0.32
C ARG A 112 14.41 -16.58 1.13
N ARG A 113 14.77 -17.76 0.64
CA ARG A 113 15.73 -18.61 1.32
C ARG A 113 15.09 -19.25 2.56
N ARG A 114 13.80 -19.53 2.48
CA ARG A 114 13.08 -20.14 3.60
C ARG A 114 13.96 -21.16 4.32
N SER A 115 13.68 -21.36 5.61
CA SER A 115 14.44 -22.29 6.42
C SER A 115 14.58 -23.64 5.70
N GLY A 116 15.68 -24.35 5.99
CA GLY A 116 15.91 -25.64 5.37
C GLY A 116 14.92 -26.68 5.82
N PRO A 117 15.29 -27.47 6.84
CA PRO A 117 14.44 -28.52 7.39
C PRO A 117 13.24 -27.97 8.14
N SER A 118 12.14 -27.77 7.43
CA SER A 118 10.92 -27.25 8.02
C SER A 118 9.70 -27.62 7.19
N SER A 119 8.53 -27.63 7.83
CA SER A 119 7.29 -27.97 7.15
C SER A 119 6.77 -26.78 6.35
N GLY A 120 6.49 -27.01 5.08
CA GLY A 120 5.98 -25.95 4.22
C GLY A 120 6.65 -25.94 2.86
N GLY A 1 -22.13 5.89 -28.41
CA GLY A 1 -22.49 5.60 -27.04
C GLY A 1 -22.25 6.78 -26.12
N SER A 2 -22.79 7.93 -26.49
CA SER A 2 -22.64 9.14 -25.69
C SER A 2 -23.29 8.98 -24.33
N SER A 3 -22.52 8.52 -23.35
CA SER A 3 -23.02 8.33 -21.99
C SER A 3 -21.90 8.46 -20.98
N GLY A 4 -22.27 8.67 -19.72
CA GLY A 4 -21.29 8.80 -18.66
C GLY A 4 -20.94 7.48 -18.01
N SER A 5 -19.99 6.76 -18.61
CA SER A 5 -19.56 5.47 -18.08
C SER A 5 -18.73 5.65 -16.81
N SER A 6 -19.41 5.70 -15.68
CA SER A 6 -18.74 5.86 -14.40
C SER A 6 -18.03 7.20 -14.33
N GLY A 7 -18.63 8.22 -14.93
CA GLY A 7 -18.04 9.55 -14.92
C GLY A 7 -17.91 10.13 -13.53
N SER A 8 -18.46 9.42 -12.54
CA SER A 8 -18.41 9.86 -11.16
C SER A 8 -17.66 8.86 -10.29
N ALA A 9 -16.45 8.51 -10.71
CA ALA A 9 -15.63 7.56 -9.98
C ALA A 9 -14.20 8.07 -9.84
N ASP A 10 -13.67 8.63 -10.93
CA ASP A 10 -12.31 9.15 -10.92
C ASP A 10 -11.96 9.75 -9.56
N GLN A 11 -12.89 10.49 -9.00
CA GLN A 11 -12.69 11.13 -7.70
C GLN A 11 -12.35 10.09 -6.63
N ILE A 12 -13.20 9.07 -6.52
CA ILE A 12 -12.98 8.01 -5.54
C ILE A 12 -11.54 7.53 -5.56
N ARG A 13 -11.04 7.21 -6.75
CA ARG A 13 -9.67 6.73 -6.90
C ARG A 13 -8.67 7.78 -6.41
N GLN A 14 -8.93 9.05 -6.74
CA GLN A 14 -8.06 10.14 -6.33
C GLN A 14 -7.85 10.14 -4.82
N SER A 15 -8.95 10.13 -4.08
CA SER A 15 -8.88 10.13 -2.62
C SER A 15 -8.03 8.97 -2.11
N VAL A 16 -8.24 7.79 -2.70
CA VAL A 16 -7.48 6.61 -2.31
C VAL A 16 -5.99 6.91 -2.23
N ARG A 17 -5.48 7.63 -3.21
CA ARG A 17 -4.07 7.99 -3.24
C ARG A 17 -3.67 8.75 -1.98
N HIS A 18 -4.25 9.93 -1.79
CA HIS A 18 -3.95 10.76 -0.63
C HIS A 18 -3.99 9.93 0.65
N SER A 19 -5.07 9.18 0.83
CA SER A 19 -5.23 8.34 2.02
C SER A 19 -3.99 7.47 2.23
N LEU A 20 -3.63 6.71 1.21
CA LEU A 20 -2.46 5.84 1.29
C LEU A 20 -1.21 6.62 1.65
N LYS A 21 -0.96 7.69 0.90
CA LYS A 21 0.21 8.54 1.13
C LYS A 21 0.17 9.15 2.54
N ASP A 22 -1.04 9.37 3.05
CA ASP A 22 -1.21 9.94 4.37
C ASP A 22 -0.63 9.02 5.44
N ILE A 23 -0.88 7.72 5.29
CA ILE A 23 -0.37 6.73 6.24
C ILE A 23 1.13 6.56 6.12
N LEU A 24 1.57 6.13 4.95
CA LEU A 24 3.00 5.92 4.70
C LEU A 24 3.80 7.17 5.07
N MET A 25 3.11 8.29 5.21
CA MET A 25 3.76 9.56 5.56
C MET A 25 4.06 9.60 7.06
N LYS A 26 3.03 9.38 7.88
CA LYS A 26 3.17 9.40 9.32
C LYS A 26 3.90 8.15 9.82
N ARG A 27 3.95 7.12 8.96
CA ARG A 27 4.61 5.88 9.30
C ARG A 27 6.10 5.95 8.99
N LEU A 28 6.45 6.69 7.95
CA LEU A 28 7.84 6.85 7.55
C LEU A 28 8.53 7.93 8.37
N THR A 29 7.83 9.03 8.59
CA THR A 29 8.36 10.14 9.36
C THR A 29 8.76 9.70 10.76
N ASP A 30 7.96 8.80 11.34
CA ASP A 30 8.23 8.29 12.67
C ASP A 30 9.21 7.14 12.64
N SER A 31 9.54 6.69 11.43
CA SER A 31 10.47 5.57 11.25
C SER A 31 11.84 6.08 10.83
N ASN A 32 12.20 7.27 11.29
CA ASN A 32 13.48 7.87 10.96
C ASN A 32 13.85 7.59 9.49
N LEU A 33 12.83 7.41 8.66
CA LEU A 33 13.05 7.13 7.25
C LEU A 33 13.45 8.40 6.50
N LYS A 34 14.69 8.42 6.02
CA LYS A 34 15.21 9.57 5.28
C LYS A 34 14.85 9.48 3.81
N VAL A 35 13.64 9.00 3.52
CA VAL A 35 13.18 8.87 2.14
C VAL A 35 12.45 10.12 1.68
N PRO A 36 12.54 10.41 0.38
CA PRO A 36 11.90 11.59 -0.23
C PRO A 36 10.37 11.46 -0.24
N GLU A 37 9.69 12.58 -0.04
CA GLU A 37 8.24 12.61 -0.04
C GLU A 37 7.68 11.86 -1.25
N GLU A 38 8.39 11.97 -2.37
CA GLU A 38 7.97 11.32 -3.61
C GLU A 38 7.81 9.82 -3.40
N LYS A 39 8.76 9.22 -2.67
CA LYS A 39 8.71 7.79 -2.40
C LYS A 39 7.29 7.33 -2.10
N ALA A 40 6.77 7.76 -0.96
CA ALA A 40 5.42 7.40 -0.55
C ALA A 40 4.43 7.62 -1.69
N ALA A 41 4.38 8.84 -2.21
CA ALA A 41 3.48 9.18 -3.30
C ALA A 41 3.53 8.12 -4.40
N LYS A 42 4.67 8.05 -5.09
CA LYS A 42 4.85 7.09 -6.17
C LYS A 42 4.18 5.76 -5.83
N VAL A 43 4.53 5.19 -4.69
CA VAL A 43 3.96 3.93 -4.25
C VAL A 43 2.43 3.95 -4.35
N ALA A 44 1.83 4.96 -3.75
CA ALA A 44 0.37 5.11 -3.78
C ALA A 44 -0.14 5.19 -5.22
N THR A 45 0.44 6.08 -6.00
CA THR A 45 0.04 6.27 -7.39
C THR A 45 0.00 4.93 -8.13
N LYS A 46 0.79 3.97 -7.65
CA LYS A 46 0.85 2.65 -8.26
C LYS A 46 -0.26 1.75 -7.71
N ILE A 47 -0.43 1.76 -6.40
CA ILE A 47 -1.44 0.94 -5.75
C ILE A 47 -2.72 0.89 -6.60
N GLU A 48 -3.30 2.05 -6.86
CA GLU A 48 -4.53 2.13 -7.66
C GLU A 48 -4.26 1.66 -9.09
N LYS A 49 -3.29 2.27 -9.75
CA LYS A 49 -2.95 1.90 -11.12
C LYS A 49 -3.07 0.40 -11.33
N GLU A 50 -2.75 -0.37 -10.29
CA GLU A 50 -2.82 -1.83 -10.38
C GLU A 50 -4.16 -2.33 -9.83
N LEU A 51 -4.64 -1.68 -8.78
CA LEU A 51 -5.91 -2.06 -8.16
C LEU A 51 -7.07 -1.85 -9.12
N PHE A 52 -7.24 -0.60 -9.56
CA PHE A 52 -8.32 -0.27 -10.49
C PHE A 52 -8.31 -1.21 -11.69
N SER A 53 -7.13 -1.48 -12.22
CA SER A 53 -7.00 -2.36 -13.37
C SER A 53 -7.38 -3.79 -13.01
N PHE A 54 -6.80 -4.29 -11.94
CA PHE A 54 -7.07 -5.65 -11.49
C PHE A 54 -8.58 -5.94 -11.49
N PHE A 55 -9.30 -5.22 -10.63
CA PHE A 55 -10.75 -5.39 -10.53
C PHE A 55 -11.45 -4.80 -11.75
N ARG A 56 -11.00 -3.62 -12.17
CA ARG A 56 -11.58 -2.95 -13.33
C ARG A 56 -12.97 -2.41 -12.99
N ASP A 57 -13.18 -2.04 -11.73
CA ASP A 57 -14.46 -1.52 -11.29
C ASP A 57 -14.36 -0.98 -9.86
N THR A 58 -15.16 0.05 -9.56
CA THR A 58 -15.15 0.66 -8.24
C THR A 58 -16.32 0.15 -7.40
N ASP A 59 -16.39 -1.17 -7.22
CA ASP A 59 -17.46 -1.77 -6.44
C ASP A 59 -16.95 -2.18 -5.05
N ALA A 60 -17.84 -2.77 -4.27
CA ALA A 60 -17.49 -3.21 -2.92
C ALA A 60 -16.15 -3.94 -2.91
N LYS A 61 -15.98 -4.86 -3.86
CA LYS A 61 -14.75 -5.63 -3.96
C LYS A 61 -13.53 -4.71 -4.01
N TYR A 62 -13.49 -3.84 -5.01
CA TYR A 62 -12.39 -2.91 -5.17
C TYR A 62 -12.10 -2.17 -3.87
N LYS A 63 -13.02 -1.30 -3.47
CA LYS A 63 -12.87 -0.54 -2.24
C LYS A 63 -12.40 -1.43 -1.10
N ASN A 64 -13.05 -2.58 -0.94
CA ASN A 64 -12.70 -3.53 0.11
C ASN A 64 -11.20 -3.83 0.09
N LYS A 65 -10.68 -4.17 -1.08
CA LYS A 65 -9.27 -4.48 -1.24
C LYS A 65 -8.41 -3.28 -0.85
N TYR A 66 -8.88 -2.09 -1.15
CA TYR A 66 -8.15 -0.87 -0.83
C TYR A 66 -8.05 -0.68 0.68
N ARG A 67 -9.20 -0.53 1.34
CA ARG A 67 -9.25 -0.34 2.78
C ARG A 67 -8.60 -1.52 3.50
N SER A 68 -8.35 -2.59 2.76
CA SER A 68 -7.73 -3.79 3.33
C SER A 68 -6.22 -3.69 3.28
N LEU A 69 -5.69 -3.15 2.20
CA LEU A 69 -4.25 -2.99 2.02
C LEU A 69 -3.67 -2.05 3.07
N MET A 70 -4.28 -0.87 3.20
CA MET A 70 -3.83 0.12 4.16
C MET A 70 -4.16 -0.32 5.59
N PHE A 71 -5.28 -1.02 5.75
CA PHE A 71 -5.70 -1.49 7.06
C PHE A 71 -4.52 -2.06 7.84
N ASN A 72 -3.65 -2.79 7.14
CA ASN A 72 -2.48 -3.39 7.77
C ASN A 72 -1.34 -2.38 7.86
N LEU A 73 -1.27 -1.48 6.88
CA LEU A 73 -0.23 -0.47 6.86
C LEU A 73 -0.26 0.38 8.12
N LYS A 74 -1.44 0.87 8.47
CA LYS A 74 -1.61 1.70 9.67
C LYS A 74 -1.38 0.87 10.94
N ASP A 75 -1.68 -0.42 10.85
CA ASP A 75 -1.51 -1.32 11.99
C ASP A 75 -0.27 -0.95 12.79
N PRO A 76 -0.48 -0.61 14.07
CA PRO A 76 0.62 -0.23 14.98
C PRO A 76 1.51 -1.41 15.33
N LYS A 77 0.96 -2.62 15.26
CA LYS A 77 1.71 -3.83 15.57
C LYS A 77 2.48 -4.32 14.34
N ASN A 78 2.23 -3.69 13.20
CA ASN A 78 2.89 -4.07 11.96
C ASN A 78 3.77 -2.93 11.45
N ASN A 79 5.03 -2.92 11.87
CA ASN A 79 5.97 -1.88 11.46
C ASN A 79 7.03 -2.44 10.51
N ILE A 80 6.57 -3.20 9.52
CA ILE A 80 7.49 -3.81 8.55
C ILE A 80 7.01 -3.56 7.12
N LEU A 81 5.79 -4.02 6.83
CA LEU A 81 5.22 -3.87 5.50
C LEU A 81 5.65 -2.53 4.88
N PHE A 82 5.16 -1.44 5.45
CA PHE A 82 5.49 -0.11 4.95
C PHE A 82 6.98 -0.02 4.59
N LYS A 83 7.82 -0.54 5.46
CA LYS A 83 9.27 -0.53 5.24
C LYS A 83 9.64 -1.37 4.03
N LYS A 84 9.08 -2.58 3.96
CA LYS A 84 9.36 -3.48 2.85
C LYS A 84 8.95 -2.85 1.52
N VAL A 85 7.80 -2.18 1.52
CA VAL A 85 7.30 -1.54 0.31
C VAL A 85 8.13 -0.31 -0.05
N LEU A 86 8.24 0.61 0.90
CA LEU A 86 9.02 1.83 0.69
C LEU A 86 10.46 1.49 0.30
N LYS A 87 11.11 0.64 1.08
CA LYS A 87 12.48 0.25 0.81
C LYS A 87 12.60 -0.38 -0.57
N GLY A 88 11.74 -1.34 -0.86
CA GLY A 88 11.77 -2.00 -2.16
C GLY A 88 11.48 -3.48 -2.06
N GLU A 89 11.63 -4.03 -0.86
CA GLU A 89 11.39 -5.45 -0.64
C GLU A 89 10.08 -5.89 -1.28
N VAL A 90 9.10 -4.99 -1.28
CA VAL A 90 7.79 -5.28 -1.86
C VAL A 90 7.37 -4.20 -2.84
N THR A 91 6.60 -4.58 -3.84
CA THR A 91 6.12 -3.65 -4.85
C THR A 91 4.67 -3.26 -4.60
N PRO A 92 4.29 -2.05 -5.06
CA PRO A 92 2.94 -1.52 -4.90
C PRO A 92 1.92 -2.28 -5.76
N ASP A 93 2.43 -3.08 -6.70
CA ASP A 93 1.57 -3.85 -7.59
C ASP A 93 1.30 -5.23 -7.01
N HIS A 94 2.36 -5.88 -6.53
CA HIS A 94 2.23 -7.21 -5.95
C HIS A 94 1.51 -7.16 -4.61
N LEU A 95 1.70 -6.07 -3.88
CA LEU A 95 1.06 -5.90 -2.58
C LEU A 95 -0.40 -6.33 -2.63
N ILE A 96 -1.02 -6.15 -3.78
CA ILE A 96 -2.42 -6.53 -3.95
C ILE A 96 -2.58 -8.05 -4.02
N ARG A 97 -1.77 -8.69 -4.85
CA ARG A 97 -1.82 -10.14 -5.01
C ARG A 97 -1.60 -10.83 -3.66
N MET A 98 -0.85 -10.18 -2.78
CA MET A 98 -0.58 -10.74 -1.46
C MET A 98 -1.87 -11.13 -0.75
N SER A 99 -1.77 -12.12 0.13
CA SER A 99 -2.94 -12.59 0.87
C SER A 99 -3.23 -11.70 2.06
N PRO A 100 -4.50 -11.65 2.47
CA PRO A 100 -4.93 -10.83 3.61
C PRO A 100 -4.43 -11.37 4.94
N GLU A 101 -3.76 -12.52 4.90
CA GLU A 101 -3.22 -13.14 6.10
C GLU A 101 -1.71 -12.94 6.19
N GLU A 102 -1.10 -12.60 5.06
CA GLU A 102 0.34 -12.38 5.01
C GLU A 102 0.68 -10.93 5.33
N LEU A 103 -0.06 -10.01 4.74
CA LEU A 103 0.17 -8.58 4.96
C LEU A 103 0.45 -8.30 6.43
N ALA A 104 -0.20 -9.06 7.31
CA ALA A 104 -0.01 -8.90 8.75
C ALA A 104 1.15 -9.74 9.26
N SER A 105 1.31 -10.93 8.69
CA SER A 105 2.39 -11.83 9.08
C SER A 105 3.66 -11.05 9.40
N LYS A 106 4.29 -11.39 10.51
CA LYS A 106 5.51 -10.73 10.94
C LYS A 106 6.74 -11.57 10.58
N GLU A 107 6.91 -11.83 9.29
CA GLU A 107 8.05 -12.61 8.81
C GLU A 107 8.77 -11.90 7.68
N LEU A 108 10.09 -11.98 7.69
CA LEU A 108 10.91 -11.34 6.66
C LEU A 108 11.80 -12.37 5.96
N ALA A 109 12.15 -13.43 6.68
CA ALA A 109 13.00 -14.48 6.12
C ALA A 109 12.37 -15.09 4.88
N ALA A 110 11.04 -15.07 4.82
CA ALA A 110 10.31 -15.63 3.69
C ALA A 110 10.93 -15.17 2.37
N TRP A 111 11.01 -13.85 2.18
CA TRP A 111 11.57 -13.29 0.96
C TRP A 111 12.73 -14.14 0.45
N ARG A 112 12.82 -14.28 -0.86
CA ARG A 112 13.89 -15.07 -1.47
C ARG A 112 15.22 -14.32 -1.43
N ARG A 113 15.17 -13.05 -1.80
CA ARG A 113 16.37 -12.22 -1.81
C ARG A 113 16.39 -11.27 -0.60
N ARG A 114 17.53 -10.62 -0.38
CA ARG A 114 17.68 -9.71 0.74
C ARG A 114 18.90 -8.80 0.54
N SER A 115 18.97 -7.74 1.34
CA SER A 115 20.08 -6.80 1.25
C SER A 115 21.42 -7.53 1.28
N GLY A 116 22.42 -6.94 0.62
CA GLY A 116 23.73 -7.55 0.58
C GLY A 116 24.25 -7.92 1.96
N PRO A 117 25.32 -8.72 2.01
CA PRO A 117 25.92 -9.16 3.27
C PRO A 117 26.64 -8.02 3.99
N SER A 118 26.28 -7.82 5.26
CA SER A 118 26.87 -6.77 6.08
C SER A 118 28.37 -7.00 6.25
N SER A 119 29.14 -5.92 6.14
CA SER A 119 30.59 -6.00 6.29
C SER A 119 31.11 -4.88 7.16
N GLY A 120 31.54 -5.23 8.37
CA GLY A 120 32.06 -4.24 9.29
C GLY A 120 31.93 -4.68 10.74
N GLY A 1 -10.56 12.52 11.52
CA GLY A 1 -11.50 11.85 10.62
C GLY A 1 -11.77 12.64 9.36
N SER A 2 -11.05 12.30 8.29
CA SER A 2 -11.21 13.00 7.02
C SER A 2 -12.09 12.19 6.07
N SER A 3 -13.08 12.85 5.49
CA SER A 3 -14.01 12.20 4.57
C SER A 3 -13.69 12.58 3.12
N GLY A 4 -13.46 13.87 2.89
CA GLY A 4 -13.15 14.34 1.56
C GLY A 4 -14.38 14.47 0.69
N SER A 5 -14.36 13.81 -0.47
CA SER A 5 -15.49 13.86 -1.40
C SER A 5 -15.82 12.46 -1.91
N SER A 6 -17.06 12.04 -1.66
CA SER A 6 -17.51 10.72 -2.10
C SER A 6 -18.57 10.84 -3.19
N GLY A 7 -18.35 10.14 -4.30
CA GLY A 7 -19.29 10.19 -5.41
C GLY A 7 -18.70 9.63 -6.69
N SER A 8 -18.47 10.51 -7.66
CA SER A 8 -17.91 10.10 -8.94
C SER A 8 -16.78 9.10 -8.75
N ALA A 9 -16.62 8.19 -9.71
CA ALA A 9 -15.57 7.19 -9.65
C ALA A 9 -14.19 7.84 -9.61
N ASP A 10 -14.00 8.87 -10.41
CA ASP A 10 -12.74 9.58 -10.46
C ASP A 10 -12.29 10.02 -9.07
N GLN A 11 -13.25 10.54 -8.30
CA GLN A 11 -12.95 11.00 -6.94
C GLN A 11 -12.51 9.84 -6.06
N ILE A 12 -13.29 8.77 -6.05
CA ILE A 12 -12.97 7.60 -5.25
C ILE A 12 -11.54 7.14 -5.49
N ARG A 13 -11.22 6.81 -6.73
CA ARG A 13 -9.88 6.36 -7.10
C ARG A 13 -8.83 7.36 -6.62
N GLN A 14 -9.04 8.63 -6.95
CA GLN A 14 -8.11 9.68 -6.56
C GLN A 14 -7.80 9.62 -5.07
N SER A 15 -8.85 9.59 -4.26
CA SER A 15 -8.70 9.54 -2.82
C SER A 15 -7.75 8.41 -2.41
N VAL A 16 -7.96 7.23 -3.00
CA VAL A 16 -7.13 6.07 -2.70
C VAL A 16 -5.65 6.44 -2.71
N ARG A 17 -5.22 7.13 -3.76
CA ARG A 17 -3.82 7.55 -3.88
C ARG A 17 -3.37 8.29 -2.63
N HIS A 18 -3.91 9.49 -2.42
CA HIS A 18 -3.56 10.30 -1.26
C HIS A 18 -3.73 9.50 0.03
N SER A 19 -4.96 9.07 0.29
CA SER A 19 -5.26 8.31 1.49
C SER A 19 -4.11 7.37 1.84
N LEU A 20 -3.69 6.56 0.87
CA LEU A 20 -2.60 5.62 1.08
C LEU A 20 -1.34 6.33 1.57
N LYS A 21 -0.86 7.29 0.79
CA LYS A 21 0.33 8.04 1.15
C LYS A 21 0.24 8.55 2.59
N ASP A 22 -0.88 9.17 2.92
CA ASP A 22 -1.10 9.70 4.27
C ASP A 22 -0.45 8.79 5.31
N ILE A 23 -0.78 7.51 5.25
CA ILE A 23 -0.23 6.53 6.20
C ILE A 23 1.29 6.41 6.04
N LEU A 24 1.72 6.00 4.85
CA LEU A 24 3.14 5.84 4.57
C LEU A 24 3.90 7.12 4.87
N MET A 25 3.17 8.23 4.98
CA MET A 25 3.77 9.52 5.26
C MET A 25 4.08 9.66 6.75
N LYS A 26 3.13 9.25 7.59
CA LYS A 26 3.29 9.33 9.03
C LYS A 26 4.05 8.12 9.56
N ARG A 27 4.08 7.05 8.77
CA ARG A 27 4.77 5.83 9.16
C ARG A 27 6.26 5.92 8.82
N LEU A 28 6.57 6.51 7.67
CA LEU A 28 7.95 6.66 7.22
C LEU A 28 8.65 7.76 8.01
N THR A 29 7.90 8.77 8.40
CA THR A 29 8.45 9.89 9.16
C THR A 29 8.65 9.52 10.63
N ASP A 30 7.98 8.46 11.05
CA ASP A 30 8.08 7.99 12.44
C ASP A 30 9.18 6.95 12.58
N SER A 31 9.26 6.04 11.59
CA SER A 31 10.26 4.98 11.62
C SER A 31 11.65 5.55 11.34
N ASN A 32 12.65 4.66 11.33
CA ASN A 32 14.02 5.08 11.08
C ASN A 32 14.31 5.13 9.58
N LEU A 33 13.33 5.60 8.82
CA LEU A 33 13.47 5.72 7.37
C LEU A 33 13.64 7.17 6.95
N LYS A 34 14.71 7.46 6.23
CA LYS A 34 14.99 8.82 5.75
C LYS A 34 14.64 8.96 4.28
N VAL A 35 13.43 8.53 3.91
CA VAL A 35 12.98 8.61 2.54
C VAL A 35 12.23 9.92 2.28
N PRO A 36 12.34 10.44 1.05
CA PRO A 36 11.67 11.68 0.66
C PRO A 36 10.16 11.53 0.55
N GLU A 37 9.46 12.65 0.43
CA GLU A 37 8.00 12.63 0.32
C GLU A 37 7.56 12.03 -1.00
N GLU A 38 8.44 12.10 -2.01
CA GLU A 38 8.14 11.56 -3.33
C GLU A 38 8.02 10.04 -3.28
N LYS A 39 8.83 9.41 -2.42
CA LYS A 39 8.83 7.96 -2.28
C LYS A 39 7.40 7.44 -2.13
N ALA A 40 6.77 7.74 -1.01
CA ALA A 40 5.40 7.31 -0.74
C ALA A 40 4.47 7.74 -1.87
N ALA A 41 4.35 9.05 -2.07
CA ALA A 41 3.49 9.58 -3.11
C ALA A 41 3.50 8.69 -4.35
N LYS A 42 4.70 8.34 -4.81
CA LYS A 42 4.85 7.49 -5.99
C LYS A 42 4.17 6.15 -5.77
N VAL A 43 4.51 5.48 -4.66
CA VAL A 43 3.93 4.19 -4.34
C VAL A 43 2.41 4.24 -4.39
N ALA A 44 1.82 5.11 -3.57
CA ALA A 44 0.37 5.26 -3.53
C ALA A 44 -0.21 5.42 -4.92
N THR A 45 0.38 6.33 -5.70
CA THR A 45 -0.09 6.58 -7.06
C THR A 45 -0.08 5.30 -7.90
N LYS A 46 0.90 4.45 -7.63
CA LYS A 46 1.02 3.18 -8.36
C LYS A 46 -0.10 2.22 -7.97
N ILE A 47 -0.28 2.03 -6.66
CA ILE A 47 -1.32 1.15 -6.16
C ILE A 47 -2.64 1.37 -6.89
N GLU A 48 -3.07 2.63 -6.94
CA GLU A 48 -4.32 2.98 -7.61
C GLU A 48 -4.26 2.61 -9.09
N LYS A 49 -3.05 2.50 -9.62
CA LYS A 49 -2.86 2.16 -11.03
C LYS A 49 -3.15 0.68 -11.28
N GLU A 50 -2.56 -0.17 -10.44
CA GLU A 50 -2.77 -1.62 -10.57
C GLU A 50 -4.12 -2.03 -9.99
N LEU A 51 -4.38 -1.60 -8.76
CA LEU A 51 -5.64 -1.92 -8.09
C LEU A 51 -6.83 -1.74 -9.04
N PHE A 52 -7.00 -0.53 -9.54
CA PHE A 52 -8.09 -0.22 -10.45
C PHE A 52 -8.13 -1.23 -11.61
N SER A 53 -6.95 -1.55 -12.14
CA SER A 53 -6.86 -2.50 -13.25
C SER A 53 -7.17 -3.91 -12.78
N PHE A 54 -6.89 -4.19 -11.51
CA PHE A 54 -7.15 -5.50 -10.95
C PHE A 54 -8.62 -5.87 -11.07
N PHE A 55 -9.47 -5.17 -10.34
CA PHE A 55 -10.90 -5.42 -10.37
C PHE A 55 -11.53 -4.82 -11.62
N ARG A 56 -10.97 -3.71 -12.09
CA ARG A 56 -11.48 -3.04 -13.28
C ARG A 56 -12.89 -2.52 -13.03
N ASP A 57 -13.18 -2.13 -11.80
CA ASP A 57 -14.50 -1.62 -11.44
C ASP A 57 -14.51 -1.12 -10.00
N THR A 58 -15.06 0.07 -9.80
CA THR A 58 -15.13 0.67 -8.47
C THR A 58 -16.22 0.02 -7.64
N ASP A 59 -16.14 -1.31 -7.49
CA ASP A 59 -17.13 -2.05 -6.72
C ASP A 59 -16.61 -2.33 -5.31
N ALA A 60 -17.46 -2.93 -4.48
CA ALA A 60 -17.08 -3.27 -3.11
C ALA A 60 -15.82 -4.12 -3.08
N LYS A 61 -15.61 -4.90 -4.13
CA LYS A 61 -14.45 -5.77 -4.21
C LYS A 61 -13.17 -4.95 -4.39
N TYR A 62 -13.30 -3.80 -5.05
CA TYR A 62 -12.16 -2.93 -5.28
C TYR A 62 -11.85 -2.09 -4.04
N LYS A 63 -12.88 -1.53 -3.43
CA LYS A 63 -12.73 -0.72 -2.24
C LYS A 63 -12.30 -1.57 -1.05
N ASN A 64 -12.89 -2.75 -0.93
CA ASN A 64 -12.58 -3.67 0.16
C ASN A 64 -11.09 -3.93 0.24
N LYS A 65 -10.44 -3.98 -0.92
CA LYS A 65 -9.00 -4.23 -1.00
C LYS A 65 -8.22 -2.97 -0.63
N TYR A 66 -8.65 -1.83 -1.17
CA TYR A 66 -7.99 -0.56 -0.90
C TYR A 66 -7.93 -0.28 0.61
N ARG A 67 -9.09 -0.31 1.24
CA ARG A 67 -9.18 -0.05 2.67
C ARG A 67 -8.40 -1.11 3.46
N SER A 68 -8.34 -2.31 2.91
CA SER A 68 -7.63 -3.41 3.56
C SER A 68 -6.12 -3.18 3.53
N LEU A 69 -5.57 -3.11 2.32
CA LEU A 69 -4.14 -2.89 2.14
C LEU A 69 -3.61 -1.88 3.17
N MET A 70 -4.39 -0.83 3.41
CA MET A 70 -4.00 0.20 4.37
C MET A 70 -4.48 -0.17 5.77
N PHE A 71 -5.52 -0.99 5.85
CA PHE A 71 -6.07 -1.41 7.14
C PHE A 71 -4.95 -1.86 8.08
N ASN A 72 -4.03 -2.66 7.57
CA ASN A 72 -2.91 -3.15 8.36
C ASN A 72 -1.81 -2.12 8.45
N LEU A 73 -1.53 -1.45 7.33
CA LEU A 73 -0.49 -0.44 7.27
C LEU A 73 -0.67 0.58 8.41
N LYS A 74 -1.85 1.17 8.48
CA LYS A 74 -2.15 2.15 9.52
C LYS A 74 -2.01 1.54 10.90
N ASP A 75 -1.89 0.22 10.96
CA ASP A 75 -1.75 -0.49 12.23
C ASP A 75 -0.35 -0.26 12.82
N PRO A 76 -0.30 -0.08 14.15
CA PRO A 76 0.96 0.15 14.85
C PRO A 76 1.85 -1.10 14.89
N LYS A 77 1.32 -2.21 14.38
CA LYS A 77 2.05 -3.47 14.35
C LYS A 77 2.74 -3.66 13.00
N ASN A 78 2.04 -3.31 11.93
CA ASN A 78 2.57 -3.45 10.58
C ASN A 78 3.68 -2.42 10.34
N ASN A 79 4.87 -2.72 10.85
CA ASN A 79 6.02 -1.84 10.69
C ASN A 79 6.89 -2.28 9.53
N ILE A 80 6.97 -3.60 9.31
CA ILE A 80 7.77 -4.15 8.24
C ILE A 80 7.04 -4.04 6.90
N LEU A 81 5.72 -4.11 6.95
CA LEU A 81 4.90 -4.02 5.74
C LEU A 81 5.26 -2.77 4.94
N PHE A 82 4.98 -1.60 5.52
CA PHE A 82 5.26 -0.33 4.87
C PHE A 82 6.74 -0.24 4.48
N LYS A 83 7.61 -0.52 5.45
CA LYS A 83 9.04 -0.47 5.22
C LYS A 83 9.44 -1.36 4.03
N LYS A 84 8.75 -2.49 3.89
CA LYS A 84 9.02 -3.41 2.80
C LYS A 84 8.60 -2.82 1.46
N VAL A 85 7.42 -2.22 1.44
CA VAL A 85 6.89 -1.61 0.21
C VAL A 85 7.72 -0.40 -0.19
N LEU A 86 8.16 0.37 0.79
CA LEU A 86 8.97 1.56 0.54
C LEU A 86 10.39 1.18 0.16
N LYS A 87 11.03 0.37 0.99
CA LYS A 87 12.39 -0.07 0.74
C LYS A 87 12.50 -0.74 -0.61
N GLY A 88 11.47 -1.50 -0.97
CA GLY A 88 11.47 -2.20 -2.25
C GLY A 88 11.05 -3.66 -2.12
N GLU A 89 11.30 -4.23 -0.95
CA GLU A 89 10.95 -5.63 -0.70
C GLU A 89 9.66 -6.00 -1.42
N VAL A 90 8.60 -5.24 -1.14
CA VAL A 90 7.30 -5.49 -1.76
C VAL A 90 6.97 -4.43 -2.80
N THR A 91 6.46 -4.87 -3.94
CA THR A 91 6.10 -3.95 -5.02
C THR A 91 4.65 -3.47 -4.89
N PRO A 92 4.36 -2.31 -5.47
CA PRO A 92 3.02 -1.72 -5.44
C PRO A 92 2.02 -2.51 -6.28
N ASP A 93 2.53 -3.45 -7.07
CA ASP A 93 1.68 -4.27 -7.93
C ASP A 93 1.34 -5.59 -7.25
N HIS A 94 2.30 -6.14 -6.51
CA HIS A 94 2.09 -7.39 -5.80
C HIS A 94 1.40 -7.15 -4.45
N LEU A 95 1.56 -5.94 -3.93
CA LEU A 95 0.97 -5.59 -2.64
C LEU A 95 -0.52 -5.90 -2.63
N ILE A 96 -1.12 -5.99 -3.82
CA ILE A 96 -2.54 -6.28 -3.95
C ILE A 96 -2.79 -7.78 -3.89
N ARG A 97 -2.07 -8.53 -4.70
CA ARG A 97 -2.23 -9.98 -4.75
C ARG A 97 -1.98 -10.59 -3.37
N MET A 98 -1.27 -9.85 -2.52
CA MET A 98 -0.97 -10.33 -1.17
C MET A 98 -2.23 -10.84 -0.48
N SER A 99 -2.05 -11.74 0.48
CA SER A 99 -3.17 -12.30 1.21
C SER A 99 -3.36 -11.61 2.56
N PRO A 100 -4.58 -11.68 3.10
CA PRO A 100 -4.90 -11.06 4.39
C PRO A 100 -4.24 -11.78 5.56
N GLU A 101 -3.95 -13.06 5.38
CA GLU A 101 -3.32 -13.86 6.43
C GLU A 101 -1.80 -13.66 6.41
N GLU A 102 -1.29 -13.15 5.31
CA GLU A 102 0.14 -12.91 5.16
C GLU A 102 0.50 -11.50 5.62
N LEU A 103 -0.33 -10.53 5.25
CA LEU A 103 -0.10 -9.14 5.62
C LEU A 103 0.34 -9.03 7.09
N ALA A 104 -0.11 -9.98 7.89
CA ALA A 104 0.22 -9.99 9.32
C ALA A 104 1.58 -10.65 9.55
N SER A 105 1.87 -11.69 8.77
CA SER A 105 3.14 -12.41 8.90
C SER A 105 4.29 -11.44 9.16
N LYS A 106 5.31 -11.91 9.87
CA LYS A 106 6.47 -11.10 10.18
C LYS A 106 7.73 -11.67 9.56
N GLU A 107 7.83 -13.00 9.55
CA GLU A 107 8.99 -13.68 8.99
C GLU A 107 9.51 -12.93 7.76
N LEU A 108 10.83 -12.76 7.69
CA LEU A 108 11.45 -12.06 6.57
C LEU A 108 12.00 -13.05 5.55
N ALA A 109 12.80 -14.00 6.02
CA ALA A 109 13.37 -15.01 5.14
C ALA A 109 12.37 -15.47 4.10
N ALA A 110 11.09 -15.40 4.44
CA ALA A 110 10.02 -15.81 3.52
C ALA A 110 10.29 -15.31 2.12
N TRP A 111 10.60 -14.03 1.99
CA TRP A 111 10.88 -13.42 0.69
C TRP A 111 11.90 -14.25 -0.09
N ARG A 112 11.84 -14.17 -1.41
CA ARG A 112 12.75 -14.92 -2.27
C ARG A 112 14.19 -14.49 -2.02
N ARG A 113 14.41 -13.20 -1.84
CA ARG A 113 15.75 -12.67 -1.60
C ARG A 113 16.35 -13.27 -0.33
N ARG A 114 17.35 -14.13 -0.51
CA ARG A 114 18.01 -14.78 0.62
C ARG A 114 18.47 -13.76 1.64
N SER A 115 17.97 -13.88 2.87
CA SER A 115 18.33 -12.95 3.94
C SER A 115 19.82 -13.08 4.29
N GLY A 116 20.59 -12.05 3.96
CA GLY A 116 22.01 -12.07 4.25
C GLY A 116 22.30 -12.01 5.74
N PRO A 117 23.59 -12.19 6.10
CA PRO A 117 24.02 -12.16 7.50
C PRO A 117 23.94 -10.77 8.11
N SER A 118 24.28 -9.76 7.31
CA SER A 118 24.24 -8.37 7.77
C SER A 118 22.90 -8.05 8.42
N SER A 119 21.82 -8.36 7.73
CA SER A 119 20.48 -8.10 8.24
C SER A 119 19.77 -9.40 8.60
N GLY A 120 19.29 -9.48 9.84
CA GLY A 120 18.61 -10.67 10.29
C GLY A 120 19.38 -11.42 11.35
N GLY A 1 -27.26 6.54 2.07
CA GLY A 1 -26.46 6.57 0.86
C GLY A 1 -27.14 7.31 -0.27
N SER A 2 -26.49 8.36 -0.77
CA SER A 2 -27.05 9.16 -1.85
C SER A 2 -26.74 8.53 -3.20
N SER A 3 -27.65 8.73 -4.16
CA SER A 3 -27.48 8.17 -5.50
C SER A 3 -27.82 9.21 -6.56
N GLY A 4 -27.02 9.24 -7.63
CA GLY A 4 -27.25 10.19 -8.70
C GLY A 4 -26.15 11.22 -8.80
N SER A 5 -25.14 10.95 -9.61
CA SER A 5 -24.03 11.86 -9.78
C SER A 5 -23.52 11.84 -11.22
N SER A 6 -22.67 12.80 -11.56
CA SER A 6 -22.11 12.89 -12.91
C SER A 6 -20.70 12.33 -12.95
N GLY A 7 -20.58 11.04 -13.28
CA GLY A 7 -19.28 10.41 -13.35
C GLY A 7 -18.34 10.88 -12.26
N SER A 8 -18.59 10.44 -11.04
CA SER A 8 -17.77 10.82 -9.90
C SER A 8 -16.81 9.70 -9.52
N ALA A 9 -16.27 9.02 -10.53
CA ALA A 9 -15.34 7.92 -10.30
C ALA A 9 -13.91 8.42 -10.24
N ASP A 10 -13.58 9.37 -11.11
CA ASP A 10 -12.24 9.93 -11.16
C ASP A 10 -11.77 10.33 -9.76
N GLN A 11 -12.69 10.85 -8.96
CA GLN A 11 -12.37 11.28 -7.60
C GLN A 11 -12.20 10.07 -6.68
N ILE A 12 -12.93 9.00 -6.98
CA ILE A 12 -12.86 7.77 -6.19
C ILE A 12 -11.41 7.35 -5.96
N ARG A 13 -10.71 7.07 -7.06
CA ARG A 13 -9.31 6.66 -6.99
C ARG A 13 -8.43 7.77 -6.42
N GLN A 14 -8.70 9.00 -6.84
CA GLN A 14 -7.93 10.15 -6.37
C GLN A 14 -7.85 10.16 -4.85
N SER A 15 -9.00 10.08 -4.20
CA SER A 15 -9.06 10.09 -2.74
C SER A 15 -8.23 8.95 -2.15
N VAL A 16 -8.40 7.76 -2.72
CA VAL A 16 -7.65 6.59 -2.27
C VAL A 16 -6.17 6.88 -2.18
N ARG A 17 -5.64 7.57 -3.19
CA ARG A 17 -4.22 7.91 -3.23
C ARG A 17 -3.82 8.71 -1.99
N HIS A 18 -4.34 9.92 -1.88
CA HIS A 18 -4.04 10.79 -0.75
C HIS A 18 -4.13 10.02 0.56
N SER A 19 -5.05 9.06 0.61
CA SER A 19 -5.26 8.26 1.81
C SER A 19 -4.05 7.35 2.06
N LEU A 20 -3.82 6.42 1.13
CA LEU A 20 -2.70 5.48 1.26
C LEU A 20 -1.41 6.22 1.59
N LYS A 21 -1.15 7.30 0.87
CA LYS A 21 0.05 8.11 1.09
C LYS A 21 0.13 8.57 2.54
N ASP A 22 -0.91 9.27 2.99
CA ASP A 22 -0.96 9.76 4.36
C ASP A 22 -0.27 8.80 5.32
N ILE A 23 -0.79 7.58 5.39
CA ILE A 23 -0.24 6.55 6.26
C ILE A 23 1.27 6.44 6.08
N LEU A 24 1.69 6.03 4.89
CA LEU A 24 3.10 5.89 4.58
C LEU A 24 3.89 7.12 5.00
N MET A 25 3.25 8.28 4.90
CA MET A 25 3.89 9.54 5.27
C MET A 25 4.04 9.64 6.78
N LYS A 26 2.92 9.74 7.48
CA LYS A 26 2.93 9.85 8.94
C LYS A 26 3.75 8.72 9.56
N ARG A 27 3.87 7.62 8.83
CA ARG A 27 4.63 6.47 9.31
C ARG A 27 6.12 6.64 9.01
N LEU A 28 6.45 6.82 7.74
CA LEU A 28 7.83 7.00 7.32
C LEU A 28 8.48 8.16 8.07
N THR A 29 7.72 9.23 8.26
CA THR A 29 8.22 10.41 8.95
C THR A 29 8.58 10.08 10.40
N ASP A 30 7.89 9.10 10.96
CA ASP A 30 8.13 8.69 12.35
C ASP A 30 9.28 7.67 12.42
N SER A 31 9.15 6.59 11.65
CA SER A 31 10.17 5.54 11.64
C SER A 31 11.52 6.12 11.24
N ASN A 32 12.52 5.25 11.16
CA ASN A 32 13.87 5.67 10.79
C ASN A 32 14.14 5.43 9.30
N LEU A 33 13.33 6.05 8.46
CA LEU A 33 13.48 5.91 7.01
C LEU A 33 14.06 7.17 6.40
N LYS A 34 13.44 8.31 6.68
CA LYS A 34 13.90 9.59 6.17
C LYS A 34 13.82 9.61 4.64
N VAL A 35 12.83 8.91 4.09
CA VAL A 35 12.65 8.85 2.65
C VAL A 35 11.90 10.07 2.14
N PRO A 36 12.22 10.49 0.90
CA PRO A 36 11.58 11.66 0.28
C PRO A 36 10.12 11.40 -0.08
N GLU A 37 9.30 12.43 0.05
CA GLU A 37 7.88 12.32 -0.26
C GLU A 37 7.66 11.52 -1.55
N GLU A 38 8.43 11.87 -2.58
CA GLU A 38 8.31 11.20 -3.87
C GLU A 38 8.20 9.69 -3.68
N LYS A 39 8.95 9.15 -2.73
CA LYS A 39 8.94 7.73 -2.45
C LYS A 39 7.54 7.26 -2.08
N ALA A 40 7.06 7.68 -0.92
CA ALA A 40 5.73 7.31 -0.46
C ALA A 40 4.67 7.64 -1.50
N ALA A 41 4.66 8.89 -1.95
CA ALA A 41 3.70 9.33 -2.95
C ALA A 41 3.70 8.40 -4.17
N LYS A 42 4.89 8.10 -4.68
CA LYS A 42 5.02 7.23 -5.83
C LYS A 42 4.32 5.91 -5.60
N VAL A 43 4.67 5.23 -4.50
CA VAL A 43 4.06 3.96 -4.16
C VAL A 43 2.54 4.04 -4.17
N ALA A 44 1.99 4.96 -3.39
CA ALA A 44 0.55 5.15 -3.32
C ALA A 44 -0.05 5.33 -4.71
N THR A 45 0.61 6.14 -5.53
CA THR A 45 0.15 6.40 -6.89
C THR A 45 0.11 5.12 -7.71
N LYS A 46 1.02 4.20 -7.41
CA LYS A 46 1.10 2.93 -8.11
C LYS A 46 0.00 1.98 -7.66
N ILE A 47 -0.20 1.91 -6.33
CA ILE A 47 -1.22 1.04 -5.78
C ILE A 47 -2.47 1.01 -6.64
N GLU A 48 -3.24 2.10 -6.60
CA GLU A 48 -4.46 2.20 -7.39
C GLU A 48 -4.22 1.76 -8.83
N LYS A 49 -3.26 2.41 -9.48
CA LYS A 49 -2.93 2.09 -10.86
C LYS A 49 -3.09 0.60 -11.13
N GLU A 50 -2.78 -0.21 -10.13
CA GLU A 50 -2.89 -1.66 -10.25
C GLU A 50 -4.26 -2.15 -9.78
N LEU A 51 -4.65 -1.74 -8.58
CA LEU A 51 -5.93 -2.13 -8.01
C LEU A 51 -7.07 -1.88 -9.01
N PHE A 52 -7.22 -0.62 -9.42
CA PHE A 52 -8.27 -0.26 -10.38
C PHE A 52 -8.08 -1.00 -11.70
N SER A 53 -6.84 -1.39 -11.98
CA SER A 53 -6.52 -2.10 -13.21
C SER A 53 -6.75 -3.61 -13.05
N PHE A 54 -6.87 -4.05 -11.80
CA PHE A 54 -7.09 -5.45 -11.50
C PHE A 54 -8.57 -5.76 -11.33
N PHE A 55 -9.29 -4.83 -10.71
CA PHE A 55 -10.72 -4.98 -10.48
C PHE A 55 -11.52 -4.41 -11.65
N ARG A 56 -11.06 -3.29 -12.18
CA ARG A 56 -11.73 -2.64 -13.31
C ARG A 56 -13.15 -2.23 -12.91
N ASP A 57 -13.33 -1.88 -11.65
CA ASP A 57 -14.63 -1.46 -11.15
C ASP A 57 -14.53 -0.92 -9.73
N THR A 58 -14.88 0.35 -9.56
CA THR A 58 -14.82 0.99 -8.25
C THR A 58 -16.04 0.63 -7.40
N ASP A 59 -16.25 -0.67 -7.22
CA ASP A 59 -17.38 -1.15 -6.43
C ASP A 59 -16.91 -1.68 -5.08
N ALA A 60 -17.84 -2.18 -4.28
CA ALA A 60 -17.52 -2.72 -2.96
C ALA A 60 -16.19 -3.46 -2.99
N LYS A 61 -16.14 -4.56 -3.73
CA LYS A 61 -14.92 -5.36 -3.84
C LYS A 61 -13.69 -4.47 -3.84
N TYR A 62 -13.57 -3.63 -4.87
CA TYR A 62 -12.43 -2.73 -5.00
C TYR A 62 -12.03 -2.16 -3.64
N LYS A 63 -13.02 -1.60 -2.93
CA LYS A 63 -12.78 -1.02 -1.62
C LYS A 63 -12.36 -2.09 -0.61
N ASN A 64 -13.07 -3.21 -0.63
CA ASN A 64 -12.77 -4.32 0.28
C ASN A 64 -11.26 -4.58 0.35
N LYS A 65 -10.63 -4.64 -0.82
CA LYS A 65 -9.20 -4.89 -0.90
C LYS A 65 -8.41 -3.66 -0.43
N TYR A 66 -8.69 -2.52 -1.04
CA TYR A 66 -8.02 -1.27 -0.68
C TYR A 66 -7.93 -1.12 0.83
N ARG A 67 -9.07 -1.18 1.49
CA ARG A 67 -9.14 -1.04 2.94
C ARG A 67 -8.28 -2.10 3.63
N SER A 68 -8.18 -3.28 3.00
CA SER A 68 -7.40 -4.37 3.56
C SER A 68 -5.91 -4.14 3.32
N LEU A 69 -5.59 -3.35 2.30
CA LEU A 69 -4.20 -3.04 1.97
C LEU A 69 -3.61 -2.04 2.97
N MET A 70 -4.39 -1.02 3.31
CA MET A 70 -3.95 -0.01 4.26
C MET A 70 -4.27 -0.42 5.70
N PHE A 71 -5.27 -1.28 5.85
CA PHE A 71 -5.68 -1.74 7.17
C PHE A 71 -4.49 -2.35 7.91
N ASN A 72 -3.60 -3.00 7.18
CA ASN A 72 -2.42 -3.62 7.77
C ASN A 72 -1.26 -2.63 7.83
N LEU A 73 -1.23 -1.69 6.89
CA LEU A 73 -0.17 -0.69 6.83
C LEU A 73 -0.17 0.17 8.09
N LYS A 74 -1.37 0.45 8.61
CA LYS A 74 -1.50 1.26 9.82
C LYS A 74 -1.33 0.41 11.08
N ASP A 75 -1.70 -0.87 10.97
CA ASP A 75 -1.59 -1.79 12.09
C ASP A 75 -0.32 -1.52 12.90
N PRO A 76 -0.51 -1.20 14.19
CA PRO A 76 0.61 -0.90 15.09
C PRO A 76 1.44 -2.14 15.41
N LYS A 77 0.93 -3.31 15.03
CA LYS A 77 1.62 -4.56 15.27
C LYS A 77 2.40 -5.00 14.04
N ASN A 78 2.05 -4.43 12.88
CA ASN A 78 2.71 -4.77 11.63
C ASN A 78 3.92 -3.85 11.40
N ASN A 79 3.65 -2.61 11.02
CA ASN A 79 4.70 -1.64 10.77
C ASN A 79 5.88 -2.30 10.03
N ILE A 80 5.55 -3.14 9.05
CA ILE A 80 6.58 -3.83 8.28
C ILE A 80 6.33 -3.67 6.78
N LEU A 81 5.10 -3.93 6.36
CA LEU A 81 4.73 -3.82 4.95
C LEU A 81 5.01 -2.42 4.43
N PHE A 82 4.50 -1.41 5.14
CA PHE A 82 4.70 -0.02 4.74
C PHE A 82 6.17 0.26 4.43
N LYS A 83 7.05 -0.30 5.26
CA LYS A 83 8.49 -0.12 5.07
C LYS A 83 9.01 -1.00 3.94
N LYS A 84 8.46 -2.20 3.84
CA LYS A 84 8.87 -3.14 2.80
C LYS A 84 8.68 -2.52 1.41
N VAL A 85 7.46 -2.05 1.14
CA VAL A 85 7.16 -1.44 -0.15
C VAL A 85 8.04 -0.23 -0.41
N LEU A 86 8.12 0.66 0.58
CA LEU A 86 8.94 1.87 0.47
C LEU A 86 10.39 1.52 0.16
N LYS A 87 11.00 0.74 1.05
CA LYS A 87 12.38 0.32 0.88
C LYS A 87 12.59 -0.38 -0.46
N GLY A 88 11.56 -1.06 -0.93
CA GLY A 88 11.64 -1.76 -2.19
C GLY A 88 11.31 -3.24 -2.07
N GLU A 89 11.47 -3.77 -0.86
CA GLU A 89 11.19 -5.19 -0.61
C GLU A 89 9.96 -5.64 -1.38
N VAL A 90 8.80 -5.10 -1.01
CA VAL A 90 7.54 -5.45 -1.67
C VAL A 90 7.23 -4.49 -2.81
N THR A 91 6.44 -4.96 -3.76
CA THR A 91 6.07 -4.14 -4.92
C THR A 91 4.65 -3.61 -4.77
N PRO A 92 4.39 -2.43 -5.35
CA PRO A 92 3.08 -1.79 -5.31
C PRO A 92 2.04 -2.53 -6.14
N ASP A 93 2.50 -3.50 -6.92
CA ASP A 93 1.61 -4.29 -7.77
C ASP A 93 1.28 -5.62 -7.12
N HIS A 94 2.29 -6.28 -6.56
CA HIS A 94 2.10 -7.56 -5.90
C HIS A 94 1.32 -7.39 -4.59
N LEU A 95 1.59 -6.30 -3.89
CA LEU A 95 0.92 -6.01 -2.62
C LEU A 95 -0.54 -6.46 -2.67
N ILE A 96 -1.19 -6.22 -3.81
CA ILE A 96 -2.59 -6.61 -3.99
C ILE A 96 -2.73 -8.12 -4.05
N ARG A 97 -1.92 -8.75 -4.89
CA ARG A 97 -1.97 -10.20 -5.05
C ARG A 97 -1.74 -10.90 -3.72
N MET A 98 -1.12 -10.19 -2.78
CA MET A 98 -0.85 -10.76 -1.47
C MET A 98 -2.15 -11.05 -0.72
N SER A 99 -2.05 -11.86 0.34
CA SER A 99 -3.21 -12.23 1.13
C SER A 99 -3.30 -11.37 2.39
N PRO A 100 -4.51 -11.31 2.97
CA PRO A 100 -4.75 -10.53 4.19
C PRO A 100 -4.09 -11.15 5.42
N GLU A 101 -3.39 -12.26 5.21
CA GLU A 101 -2.71 -12.95 6.30
C GLU A 101 -1.19 -12.76 6.20
N GLU A 102 -0.70 -12.68 4.97
CA GLU A 102 0.73 -12.50 4.74
C GLU A 102 1.15 -11.05 4.94
N LEU A 103 0.31 -10.13 4.45
CA LEU A 103 0.59 -8.70 4.58
C LEU A 103 1.15 -8.38 5.96
N ALA A 104 0.56 -9.00 6.98
CA ALA A 104 1.01 -8.78 8.36
C ALA A 104 2.18 -9.69 8.71
N SER A 105 2.12 -10.92 8.25
CA SER A 105 3.18 -11.90 8.52
C SER A 105 4.54 -11.21 8.56
N LYS A 106 5.41 -11.69 9.45
CA LYS A 106 6.75 -11.12 9.59
C LYS A 106 7.81 -12.11 9.11
N GLU A 107 7.69 -12.52 7.85
CA GLU A 107 8.64 -13.46 7.27
C GLU A 107 9.71 -12.74 6.47
N LEU A 108 10.90 -12.60 7.06
CA LEU A 108 12.01 -11.92 6.40
C LEU A 108 12.70 -12.84 5.40
N ALA A 109 13.04 -14.05 5.85
CA ALA A 109 13.70 -15.02 4.99
C ALA A 109 13.10 -15.01 3.59
N ALA A 110 11.79 -14.80 3.52
CA ALA A 110 11.09 -14.77 2.24
C ALA A 110 11.84 -13.92 1.22
N TRP A 111 11.91 -12.62 1.48
CA TRP A 111 12.59 -11.70 0.59
C TRP A 111 14.05 -12.11 0.40
N ARG A 112 14.58 -11.84 -0.79
CA ARG A 112 15.96 -12.18 -1.10
C ARG A 112 16.91 -11.07 -0.68
N ARG A 113 16.77 -10.60 0.55
CA ARG A 113 17.61 -9.54 1.07
C ARG A 113 17.87 -9.72 2.57
N ARG A 114 19.06 -9.35 3.01
CA ARG A 114 19.44 -9.48 4.41
C ARG A 114 19.97 -8.16 4.95
N SER A 115 19.91 -7.99 6.27
CA SER A 115 20.38 -6.78 6.92
C SER A 115 21.90 -6.76 7.00
N GLY A 116 22.46 -7.75 7.68
CA GLY A 116 23.90 -7.83 7.82
C GLY A 116 24.33 -8.40 9.16
N PRO A 117 25.64 -8.61 9.33
CA PRO A 117 26.20 -9.16 10.57
C PRO A 117 26.10 -8.17 11.73
N SER A 118 25.07 -8.35 12.57
CA SER A 118 24.87 -7.47 13.71
C SER A 118 23.92 -8.11 14.72
N SER A 119 23.76 -7.46 15.87
CA SER A 119 22.88 -7.97 16.92
C SER A 119 22.32 -6.83 17.76
N GLY A 120 21.01 -6.63 17.69
CA GLY A 120 20.38 -5.57 18.45
C GLY A 120 20.06 -5.99 19.87
#